data_2JN5
# 
_entry.id   2JN5 
# 
_audit_conform.dict_name       mmcif_pdbx.dic 
_audit_conform.dict_version    5.392 
_audit_conform.dict_location   http://mmcif.pdb.org/dictionaries/ascii/mmcif_pdbx.dic 
# 
loop_
_database_2.database_id 
_database_2.database_code 
_database_2.pdbx_database_accession 
_database_2.pdbx_DOI 
PDB   2JN5         pdb_00002jn5 10.2210/pdb2jn5/pdb 
RCSB  RCSB100041   ?            ?                   
WWPDB D_1000100041 ?            ?                   
BMRB  15095        ?            10.13018/BMR15095   
# 
loop_
_pdbx_audit_revision_history.ordinal 
_pdbx_audit_revision_history.data_content_type 
_pdbx_audit_revision_history.major_revision 
_pdbx_audit_revision_history.minor_revision 
_pdbx_audit_revision_history.revision_date 
1 'Structure model' 1 0 2008-01-22 
2 'Structure model' 1 1 2011-07-13 
3 'Structure model' 1 2 2020-02-05 
4 'Structure model' 1 3 2023-06-14 
5 'Structure model' 1 4 2023-12-20 
6 'Structure model' 1 5 2024-05-08 
# 
_pdbx_audit_revision_details.ordinal             1 
_pdbx_audit_revision_details.revision_ordinal    1 
_pdbx_audit_revision_details.data_content_type   'Structure model' 
_pdbx_audit_revision_details.provider            repository 
_pdbx_audit_revision_details.type                'Initial release' 
_pdbx_audit_revision_details.description         ? 
_pdbx_audit_revision_details.details             ? 
# 
loop_
_pdbx_audit_revision_group.ordinal 
_pdbx_audit_revision_group.revision_ordinal 
_pdbx_audit_revision_group.data_content_type 
_pdbx_audit_revision_group.group 
1  2 'Structure model' 'Version format compliance' 
2  3 'Structure model' 'Data collection'           
3  3 'Structure model' 'Database references'       
4  3 'Structure model' 'Derived calculations'      
5  3 'Structure model' 'Experimental preparation'  
6  3 'Structure model' Other                       
7  3 'Structure model' 'Source and taxonomy'       
8  4 'Structure model' 'Database references'       
9  4 'Structure model' Other                       
10 5 'Structure model' 'Data collection'           
11 5 'Structure model' Other                       
12 6 'Structure model' 'Database references'       
# 
loop_
_pdbx_audit_revision_category.ordinal 
_pdbx_audit_revision_category.revision_ordinal 
_pdbx_audit_revision_category.data_content_type 
_pdbx_audit_revision_category.category 
1  3 'Structure model' database_2              
2  3 'Structure model' pdbx_database_status    
3  3 'Structure model' pdbx_entity_src_syn     
4  3 'Structure model' pdbx_nmr_sample_details 
5  3 'Structure model' pdbx_nmr_software       
6  3 'Structure model' pdbx_struct_assembly    
7  3 'Structure model' pdbx_struct_oper_list   
8  4 'Structure model' database_2              
9  4 'Structure model' pdbx_database_status    
10 5 'Structure model' chem_comp_atom          
11 5 'Structure model' chem_comp_bond          
12 5 'Structure model' pdbx_database_status    
13 6 'Structure model' database_2              
# 
loop_
_pdbx_audit_revision_item.ordinal 
_pdbx_audit_revision_item.revision_ordinal 
_pdbx_audit_revision_item.data_content_type 
_pdbx_audit_revision_item.item 
1  3 'Structure model' '_pdbx_database_status.status_code_cs'       
2  3 'Structure model' '_pdbx_entity_src_syn.details'               
3  3 'Structure model' '_pdbx_entity_src_syn.ncbi_taxonomy_id'      
4  3 'Structure model' '_pdbx_entity_src_syn.organism_common_name'  
5  3 'Structure model' '_pdbx_entity_src_syn.organism_scientific'   
6  3 'Structure model' '_pdbx_nmr_sample_details.contents'          
7  3 'Structure model' '_pdbx_nmr_software.name'                    
8  4 'Structure model' '_database_2.pdbx_DOI'                       
9  4 'Structure model' '_database_2.pdbx_database_accession'        
10 4 'Structure model' '_pdbx_database_status.status_code_nmr_data' 
11 5 'Structure model' '_pdbx_database_status.deposit_site'         
12 6 'Structure model' '_database_2.pdbx_DOI'                       
# 
_pdbx_database_status.deposit_site                    RCSB 
_pdbx_database_status.entry_id                        2JN5 
_pdbx_database_status.process_site                    RCSB 
_pdbx_database_status.recvd_initial_deposition_date   2006-12-28 
_pdbx_database_status.SG_entry                        ? 
_pdbx_database_status.status_code                     REL 
_pdbx_database_status.status_code_mr                  REL 
_pdbx_database_status.status_code_sf                  ? 
_pdbx_database_status.pdb_format_compatible           Y 
_pdbx_database_status.status_code_cs                  REL 
_pdbx_database_status.methods_development_category    ? 
_pdbx_database_status.status_code_nmr_data            REL 
# 
_pdbx_database_related.db_name        BMRB 
_pdbx_database_related.db_id          15095 
_pdbx_database_related.details        . 
_pdbx_database_related.content_type   unspecified 
# 
loop_
_audit_author.name 
_audit_author.pdbx_ordinal 
'Zhou, C.J.' 1 
'Hu, H.Y.'   2 
'Lin, D.H.'  3 
# 
_citation.id                        primary 
_citation.title                     
'Interaction with synphilin-1 promotes inclusion formation of alpha-synuclein: mechanistic insights and pathological implication.' 
_citation.journal_abbrev            'Faseb J.' 
_citation.journal_volume            24 
_citation.page_first                196 
_citation.page_last                 205 
_citation.year                      2010 
_citation.journal_id_ASTM           FAJOEC 
_citation.country                   US 
_citation.journal_id_ISSN           0892-6638 
_citation.journal_id_CSD            2074 
_citation.book_publisher            ? 
_citation.pdbx_database_id_PubMed   19762560 
_citation.pdbx_database_id_DOI      10.1096/fj.09-133082 
# 
loop_
_citation_author.citation_id 
_citation_author.name 
_citation_author.ordinal 
_citation_author.identifier_ORCID 
primary 'Xie, Y.Y.'  1 ? 
primary 'Zhou, C.J.' 2 ? 
primary 'Zhou, Z.R.' 3 ? 
primary 'Hong, J.'   4 ? 
primary 'Che, M.X.'  5 ? 
primary 'Fu, Q.S.'   6 ? 
primary 'Song, A.X.' 7 ? 
primary 'Lin, D.H.'  8 ? 
primary 'Hu, H.Y.'   9 ? 
# 
_entity.id                         1 
_entity.type                       polymer 
_entity.src_method                 syn 
_entity.pdbx_description           Alpha-synuclein 
_entity.formula_weight             1357.704 
_entity.pdbx_number_of_molecules   1 
_entity.pdbx_ec                    ? 
_entity.pdbx_mutation              ? 
_entity.pdbx_fragment              'residues 1-12' 
_entity.details                    ? 
# 
_entity_name_com.entity_id   1 
_entity_name_com.name        'Non-A beta component of AD amyloid, Non-A4 component of amyloid precursor, NACP' 
# 
_entity_poly.entity_id                      1 
_entity_poly.type                           'polypeptide(L)' 
_entity_poly.nstd_linkage                   no 
_entity_poly.nstd_monomer                   no 
_entity_poly.pdbx_seq_one_letter_code       MDVFMKGLSKAK 
_entity_poly.pdbx_seq_one_letter_code_can   MDVFMKGLSKAK 
_entity_poly.pdbx_strand_id                 A 
_entity_poly.pdbx_target_identifier         ? 
# 
loop_
_entity_poly_seq.entity_id 
_entity_poly_seq.num 
_entity_poly_seq.mon_id 
_entity_poly_seq.hetero 
1 1  MET n 
1 2  ASP n 
1 3  VAL n 
1 4  PHE n 
1 5  MET n 
1 6  LYS n 
1 7  GLY n 
1 8  LEU n 
1 9  SER n 
1 10 LYS n 
1 11 ALA n 
1 12 LYS n 
# 
_pdbx_entity_src_syn.entity_id              1 
_pdbx_entity_src_syn.pdbx_src_id            1 
_pdbx_entity_src_syn.pdbx_alt_source_flag   sample 
_pdbx_entity_src_syn.pdbx_beg_seq_num       ? 
_pdbx_entity_src_syn.pdbx_end_seq_num       ? 
_pdbx_entity_src_syn.organism_scientific    'Homo sapiens' 
_pdbx_entity_src_syn.organism_common_name   Human 
_pdbx_entity_src_syn.ncbi_taxonomy_id       9606 
_pdbx_entity_src_syn.details                ? 
# 
loop_
_chem_comp.id 
_chem_comp.type 
_chem_comp.mon_nstd_flag 
_chem_comp.name 
_chem_comp.pdbx_synonyms 
_chem_comp.formula 
_chem_comp.formula_weight 
ALA 'L-peptide linking' y ALANINE         ? 'C3 H7 N O2'     89.093  
ASP 'L-peptide linking' y 'ASPARTIC ACID' ? 'C4 H7 N O4'     133.103 
GLY 'peptide linking'   y GLYCINE         ? 'C2 H5 N O2'     75.067  
LEU 'L-peptide linking' y LEUCINE         ? 'C6 H13 N O2'    131.173 
LYS 'L-peptide linking' y LYSINE          ? 'C6 H15 N2 O2 1' 147.195 
MET 'L-peptide linking' y METHIONINE      ? 'C5 H11 N O2 S'  149.211 
PHE 'L-peptide linking' y PHENYLALANINE   ? 'C9 H11 N O2'    165.189 
SER 'L-peptide linking' y SERINE          ? 'C3 H7 N O3'     105.093 
VAL 'L-peptide linking' y VALINE          ? 'C5 H11 N O2'    117.146 
# 
loop_
_pdbx_poly_seq_scheme.asym_id 
_pdbx_poly_seq_scheme.entity_id 
_pdbx_poly_seq_scheme.seq_id 
_pdbx_poly_seq_scheme.mon_id 
_pdbx_poly_seq_scheme.ndb_seq_num 
_pdbx_poly_seq_scheme.pdb_seq_num 
_pdbx_poly_seq_scheme.auth_seq_num 
_pdbx_poly_seq_scheme.pdb_mon_id 
_pdbx_poly_seq_scheme.auth_mon_id 
_pdbx_poly_seq_scheme.pdb_strand_id 
_pdbx_poly_seq_scheme.pdb_ins_code 
_pdbx_poly_seq_scheme.hetero 
A 1 1  MET 1  1  1  MET MET A . n 
A 1 2  ASP 2  2  2  ASP ASP A . n 
A 1 3  VAL 3  3  3  VAL VAL A . n 
A 1 4  PHE 4  4  4  PHE PHE A . n 
A 1 5  MET 5  5  5  MET MET A . n 
A 1 6  LYS 6  6  6  LYS LYS A . n 
A 1 7  GLY 7  7  7  GLY GLY A . n 
A 1 8  LEU 8  8  8  LEU LEU A . n 
A 1 9  SER 9  9  9  SER SER A . n 
A 1 10 LYS 10 10 10 LYS LYS A . n 
A 1 11 ALA 11 11 11 ALA ALA A . n 
A 1 12 LYS 12 12 12 LYS LYS A . n 
# 
_exptl.absorpt_coefficient_mu     ? 
_exptl.absorpt_correction_T_max   ? 
_exptl.absorpt_correction_T_min   ? 
_exptl.absorpt_correction_type    ? 
_exptl.absorpt_process_details    ? 
_exptl.crystals_number            ? 
_exptl.details                    ? 
_exptl.entry_id                   2JN5 
_exptl.method                     'SOLUTION NMR' 
_exptl.method_details             ? 
# 
_exptl_crystal.id                    1 
_exptl_crystal.density_meas          ? 
_exptl_crystal.density_Matthews      ? 
_exptl_crystal.density_percent_sol   ? 
_exptl_crystal.description           ? 
# 
_diffrn.id                     1 
_diffrn.ambient_temp           ? 
_diffrn.ambient_temp_details   ? 
_diffrn.crystal_id             1 
# 
_diffrn_radiation.diffrn_id                        1 
_diffrn_radiation.wavelength_id                    1 
_diffrn_radiation.monochromator                    ? 
_diffrn_radiation.pdbx_monochromatic_or_laue_m_l   M 
_diffrn_radiation.pdbx_diffrn_protocol             'SINGLE WAVELENGTH' 
_diffrn_radiation.pdbx_scattering_type             ? 
# 
_diffrn_radiation_wavelength.id           1 
_diffrn_radiation_wavelength.wavelength   . 
_diffrn_radiation_wavelength.wt           1.0 
# 
_struct.entry_id                  2JN5 
_struct.title                     'Solution Structure of a Dodecapeptide from Alpha-Synuclein Bound with Synphilin-1' 
_struct.pdbx_model_details        ? 
_struct.pdbx_CASP_flag            ? 
_struct.pdbx_model_type_details   ? 
# 
_struct_keywords.entry_id        2JN5 
_struct_keywords.pdbx_keywords   'LIPID BINDING PROTEIN, PROTEIN FIBRIL' 
_struct_keywords.text            'Alpha-Synuclein, N-terminus, dodecapeptide, Synphilin-1, LIPID BINDING PROTEIN, PROTEIN FIBRIL' 
# 
_struct_asym.id                            A 
_struct_asym.pdbx_blank_PDB_chainid_flag   N 
_struct_asym.pdbx_modified                 N 
_struct_asym.entity_id                     1 
_struct_asym.details                       ? 
# 
_struct_ref.id                         1 
_struct_ref.db_code                    SYUA_HUMAN 
_struct_ref.db_name                    UNP 
_struct_ref.entity_id                  1 
_struct_ref.pdbx_db_accession          P37840 
_struct_ref.pdbx_align_begin           1 
_struct_ref.pdbx_seq_one_letter_code   MDVFMKGLSKAK 
_struct_ref.pdbx_db_isoform            ? 
# 
_struct_ref_seq.align_id                      1 
_struct_ref_seq.ref_id                        1 
_struct_ref_seq.pdbx_PDB_id_code              2JN5 
_struct_ref_seq.pdbx_strand_id                A 
_struct_ref_seq.seq_align_beg                 1 
_struct_ref_seq.pdbx_seq_align_beg_ins_code   ? 
_struct_ref_seq.seq_align_end                 12 
_struct_ref_seq.pdbx_seq_align_end_ins_code   ? 
_struct_ref_seq.pdbx_db_accession             P37840 
_struct_ref_seq.db_align_beg                  1 
_struct_ref_seq.pdbx_db_align_beg_ins_code    ? 
_struct_ref_seq.db_align_end                  12 
_struct_ref_seq.pdbx_db_align_end_ins_code    ? 
_struct_ref_seq.pdbx_auth_seq_align_beg       1 
_struct_ref_seq.pdbx_auth_seq_align_end       12 
# 
_pdbx_struct_assembly.id                   1 
_pdbx_struct_assembly.details              author_defined_assembly 
_pdbx_struct_assembly.method_details       ? 
_pdbx_struct_assembly.oligomeric_details   monomeric 
_pdbx_struct_assembly.oligomeric_count     1 
# 
_pdbx_struct_assembly_gen.assembly_id       1 
_pdbx_struct_assembly_gen.oper_expression   1 
_pdbx_struct_assembly_gen.asym_id_list      A 
# 
_pdbx_struct_oper_list.id                   1 
_pdbx_struct_oper_list.type                 'identity operation' 
_pdbx_struct_oper_list.name                 1_555 
_pdbx_struct_oper_list.symmetry_operation   ? 
_pdbx_struct_oper_list.matrix[1][1]         1.0000000000 
_pdbx_struct_oper_list.matrix[1][2]         0.0000000000 
_pdbx_struct_oper_list.matrix[1][3]         0.0000000000 
_pdbx_struct_oper_list.vector[1]            0.0000000000 
_pdbx_struct_oper_list.matrix[2][1]         0.0000000000 
_pdbx_struct_oper_list.matrix[2][2]         1.0000000000 
_pdbx_struct_oper_list.matrix[2][3]         0.0000000000 
_pdbx_struct_oper_list.vector[2]            0.0000000000 
_pdbx_struct_oper_list.matrix[3][1]         0.0000000000 
_pdbx_struct_oper_list.matrix[3][2]         0.0000000000 
_pdbx_struct_oper_list.matrix[3][3]         1.0000000000 
_pdbx_struct_oper_list.vector[3]            0.0000000000 
# 
loop_
_pdbx_validate_torsion.id 
_pdbx_validate_torsion.PDB_model_num 
_pdbx_validate_torsion.auth_comp_id 
_pdbx_validate_torsion.auth_asym_id 
_pdbx_validate_torsion.auth_seq_id 
_pdbx_validate_torsion.PDB_ins_code 
_pdbx_validate_torsion.label_alt_id 
_pdbx_validate_torsion.phi 
_pdbx_validate_torsion.psi 
1  1  ASP A 2  ? ? -151.30 81.11  
2  1  VAL A 3  ? ? -152.78 -17.58 
3  1  LEU A 8  ? ? -153.89 -41.45 
4  1  SER A 9  ? ? -172.64 -35.23 
5  1  LYS A 10 ? ? 48.81   78.69  
6  2  VAL A 3  ? ? -159.29 -22.25 
7  2  LEU A 8  ? ? -157.87 -34.79 
8  2  SER A 9  ? ? -172.82 -40.64 
9  2  LYS A 10 ? ? 52.48   78.01  
10 3  VAL A 3  ? ? -152.35 -19.57 
11 3  LEU A 8  ? ? -160.52 -38.08 
12 3  SER A 9  ? ? -172.72 -45.21 
13 4  VAL A 3  ? ? -157.75 -18.30 
14 4  LEU A 8  ? ? -155.64 -39.49 
15 4  SER A 9  ? ? -165.94 -43.47 
16 4  LYS A 10 ? ? 52.66   82.08  
17 5  VAL A 3  ? ? -151.39 -18.71 
18 5  LEU A 8  ? ? -154.56 -43.25 
19 5  SER A 9  ? ? -163.61 -39.46 
20 5  LYS A 10 ? ? 52.64   79.85  
21 6  ASP A 2  ? ? -150.70 73.53  
22 6  VAL A 3  ? ? -140.42 -19.45 
23 6  LEU A 8  ? ? -148.32 -44.29 
24 6  SER A 9  ? ? -164.90 -35.57 
25 6  LYS A 10 ? ? 51.41   83.24  
26 7  VAL A 3  ? ? -159.16 -20.49 
27 7  LEU A 8  ? ? -156.60 -41.64 
28 7  SER A 9  ? ? -160.89 -41.59 
29 7  LYS A 10 ? ? 51.89   74.95  
30 8  ASP A 2  ? ? -150.97 87.96  
31 8  VAL A 3  ? ? -157.39 -20.11 
32 8  LEU A 8  ? ? -145.22 -42.10 
33 8  SER A 9  ? ? -178.35 -34.24 
34 8  LYS A 10 ? ? 53.88   88.09  
35 9  ASP A 2  ? ? -150.66 83.63  
36 9  VAL A 3  ? ? -151.39 -20.66 
37 9  LEU A 8  ? ? -161.58 -47.33 
38 9  SER A 9  ? ? -164.65 -40.04 
39 9  LYS A 10 ? ? 53.11   83.50  
40 10 VAL A 3  ? ? -148.60 -17.19 
41 10 LEU A 8  ? ? -159.42 -35.33 
42 10 SER A 9  ? ? -161.00 -48.37 
# 
_pdbx_nmr_ensemble.average_constraint_violations_per_residue     ? 
_pdbx_nmr_ensemble.average_constraints_per_residue               ? 
_pdbx_nmr_ensemble.average_distance_constraint_violation         ? 
_pdbx_nmr_ensemble.average_torsion_angle_constraint_violation    ? 
_pdbx_nmr_ensemble.conformer_selection_criteria                  'structures with the lowest energy' 
_pdbx_nmr_ensemble.conformers_calculated_total_number            250 
_pdbx_nmr_ensemble.conformers_submitted_total_number             10 
_pdbx_nmr_ensemble.distance_constraint_violation_method          ? 
_pdbx_nmr_ensemble.entry_id                                      2JN5 
_pdbx_nmr_ensemble.maximum_distance_constraint_violation         ? 
_pdbx_nmr_ensemble.maximum_lower_distance_constraint_violation   ? 
_pdbx_nmr_ensemble.maximum_torsion_angle_constraint_violation    ? 
_pdbx_nmr_ensemble.maximum_upper_distance_constraint_violation   ? 
_pdbx_nmr_ensemble.torsion_angle_constraint_violation_method     ? 
# 
_pdbx_nmr_ensemble_rms.atom_type                              ? 
_pdbx_nmr_ensemble_rms.bond_angle_rms_dev                     ? 
_pdbx_nmr_ensemble_rms.bond_angle_rms_dev_error               ? 
_pdbx_nmr_ensemble_rms.chain_range_begin                      ? 
_pdbx_nmr_ensemble_rms.chain_range_end                        ? 
_pdbx_nmr_ensemble_rms.coord_average_rmsd_method              ? 
_pdbx_nmr_ensemble_rms.covalent_bond_rms_dev                  ? 
_pdbx_nmr_ensemble_rms.covalent_bond_rms_dev_error            ? 
_pdbx_nmr_ensemble_rms.dihedral_angles_rms_dev                ? 
_pdbx_nmr_ensemble_rms.dihedral_angles_rms_dev_error          ? 
_pdbx_nmr_ensemble_rms.distance_rms_dev                       0.016 
_pdbx_nmr_ensemble_rms.distance_rms_dev_error                 0.002 
_pdbx_nmr_ensemble_rms.entry_id                               2JN5 
_pdbx_nmr_ensemble_rms.improper_torsion_angle_rms_dev         ? 
_pdbx_nmr_ensemble_rms.improper_torsion_angle_rms_dev_error   ? 
_pdbx_nmr_ensemble_rms.peptide_planarity_rms_dev              ? 
_pdbx_nmr_ensemble_rms.peptide_planarity_rms_dev_error        ? 
_pdbx_nmr_ensemble_rms.residue_range_begin                    ? 
_pdbx_nmr_ensemble_rms.residue_range_end                      ? 
# 
_pdbx_nmr_representative.conformer_id         1 
_pdbx_nmr_representative.entry_id             2JN5 
_pdbx_nmr_representative.selection_criteria   'lowest energy' 
# 
_pdbx_nmr_sample_details.contents         
'1 mM entity, 20 mM sodium phosphate, 50 mM sodium chloride, 0.1 mM Synphilin-1, 90% H2O/10% D2O' 
_pdbx_nmr_sample_details.solution_id      1 
_pdbx_nmr_sample_details.solvent_system   '90% H2O/10% D2O' 
# 
loop_
_pdbx_nmr_exptl_sample.component 
_pdbx_nmr_exptl_sample.concentration 
_pdbx_nmr_exptl_sample.concentration_units 
_pdbx_nmr_exptl_sample.isotopic_labeling 
_pdbx_nmr_exptl_sample.solution_id 
entity             1   mM ? 1 
'sodium phosphate' 20  mM ? 1 
'sodium chloride'  50  mM ? 1 
Synphilin-1        0.1 mM ? 1 
# 
_pdbx_nmr_exptl_sample_conditions.conditions_id       1 
_pdbx_nmr_exptl_sample_conditions.ionic_strength      ? 
_pdbx_nmr_exptl_sample_conditions.pH                  6.5 
_pdbx_nmr_exptl_sample_conditions.pressure            ambient 
_pdbx_nmr_exptl_sample_conditions.pressure_units      ? 
_pdbx_nmr_exptl_sample_conditions.temperature         298 
_pdbx_nmr_exptl_sample_conditions.temperature_units   K 
# 
loop_
_pdbx_nmr_exptl.conditions_id 
_pdbx_nmr_exptl.experiment_id 
_pdbx_nmr_exptl.solution_id 
_pdbx_nmr_exptl.type 
1 1 1 '2D 1H-1H TOCSY' 
1 2 1 '2D 1H-1H NOESY' 
# 
_pdbx_nmr_constraints.disulfide_bond_constraints_total_count        ? 
_pdbx_nmr_constraints.entry_id                                      2JN5 
_pdbx_nmr_constraints.hydrogen_bond_constraints_total_count         ? 
_pdbx_nmr_constraints.NA_alpha-angle_constraints_total_count        ? 
_pdbx_nmr_constraints.NA_beta-angle_constraints_total_count         ? 
_pdbx_nmr_constraints.NA_chi-angle_constraints_total_count          ? 
_pdbx_nmr_constraints.NA_delta-angle_constraints_total_count        ? 
_pdbx_nmr_constraints.NA_epsilon-angle_constraints_total_count      ? 
_pdbx_nmr_constraints.NA_gamma-angle_constraints_total_count        ? 
_pdbx_nmr_constraints.NA_other-angle_constraints_total_count        ? 
_pdbx_nmr_constraints.NA_sugar_pucker_constraints_total_count       ? 
_pdbx_nmr_constraints.NOE_constraints_total                         123 
_pdbx_nmr_constraints.NOE_interentity_total_count                   ? 
_pdbx_nmr_constraints.NOE_interproton_distance_evaluation           ? 
_pdbx_nmr_constraints.NOE_intraresidue_total_count                  89 
_pdbx_nmr_constraints.NOE_long_range_total_count                    1 
_pdbx_nmr_constraints.NOE_medium_range_total_count                  11 
_pdbx_nmr_constraints.NOE_motional_averaging_correction             ? 
_pdbx_nmr_constraints.NOE_pseudoatom_corrections                    ? 
_pdbx_nmr_constraints.NOE_sequential_total_count                    22 
_pdbx_nmr_constraints.protein_chi_angle_constraints_total_count     ? 
_pdbx_nmr_constraints.protein_other_angle_constraints_total_count   ? 
_pdbx_nmr_constraints.protein_phi_angle_constraints_total_count     ? 
_pdbx_nmr_constraints.protein_psi_angle_constraints_total_count     ? 
# 
_pdbx_nmr_refine.details            ? 
_pdbx_nmr_refine.entry_id           2JN5 
_pdbx_nmr_refine.method             'torsion angle dynamics' 
_pdbx_nmr_refine.software_ordinal   1 
# 
loop_
_pdbx_nmr_software.authors 
_pdbx_nmr_software.classification 
_pdbx_nmr_software.name 
_pdbx_nmr_software.version 
_pdbx_nmr_software.ordinal 
'Delaglio, Grzesiek, Vuister, Zhu, Pfeifer and Bax' processing                  NMRDraw 2.3   1 
Goddard                                             'peak picking'              Sparky  3.110 2 
Goddard                                             'chemical shift assignment' Sparky  3.110 3 
;Linge, O'Donoghue and Nilges
;
'data analysis'             ARIA    2.0   4 
;Linge, O'Donoghue and Nilges
;
'structure solution'        ARIA    2.0   5 
;Linge, O'Donoghue and Nilges
;
refinement                  ARIA    2.0   6 
# 
loop_
_chem_comp_atom.comp_id 
_chem_comp_atom.atom_id 
_chem_comp_atom.type_symbol 
_chem_comp_atom.pdbx_aromatic_flag 
_chem_comp_atom.pdbx_stereo_config 
_chem_comp_atom.pdbx_ordinal 
ALA N    N N N 1   
ALA CA   C N S 2   
ALA C    C N N 3   
ALA O    O N N 4   
ALA CB   C N N 5   
ALA OXT  O N N 6   
ALA H    H N N 7   
ALA H2   H N N 8   
ALA HA   H N N 9   
ALA HB1  H N N 10  
ALA HB2  H N N 11  
ALA HB3  H N N 12  
ALA HXT  H N N 13  
ASP N    N N N 14  
ASP CA   C N S 15  
ASP C    C N N 16  
ASP O    O N N 17  
ASP CB   C N N 18  
ASP CG   C N N 19  
ASP OD1  O N N 20  
ASP OD2  O N N 21  
ASP OXT  O N N 22  
ASP H    H N N 23  
ASP H2   H N N 24  
ASP HA   H N N 25  
ASP HB2  H N N 26  
ASP HB3  H N N 27  
ASP HD2  H N N 28  
ASP HXT  H N N 29  
GLY N    N N N 30  
GLY CA   C N N 31  
GLY C    C N N 32  
GLY O    O N N 33  
GLY OXT  O N N 34  
GLY H    H N N 35  
GLY H2   H N N 36  
GLY HA2  H N N 37  
GLY HA3  H N N 38  
GLY HXT  H N N 39  
LEU N    N N N 40  
LEU CA   C N S 41  
LEU C    C N N 42  
LEU O    O N N 43  
LEU CB   C N N 44  
LEU CG   C N N 45  
LEU CD1  C N N 46  
LEU CD2  C N N 47  
LEU OXT  O N N 48  
LEU H    H N N 49  
LEU H2   H N N 50  
LEU HA   H N N 51  
LEU HB2  H N N 52  
LEU HB3  H N N 53  
LEU HG   H N N 54  
LEU HD11 H N N 55  
LEU HD12 H N N 56  
LEU HD13 H N N 57  
LEU HD21 H N N 58  
LEU HD22 H N N 59  
LEU HD23 H N N 60  
LEU HXT  H N N 61  
LYS N    N N N 62  
LYS CA   C N S 63  
LYS C    C N N 64  
LYS O    O N N 65  
LYS CB   C N N 66  
LYS CG   C N N 67  
LYS CD   C N N 68  
LYS CE   C N N 69  
LYS NZ   N N N 70  
LYS OXT  O N N 71  
LYS H    H N N 72  
LYS H2   H N N 73  
LYS HA   H N N 74  
LYS HB2  H N N 75  
LYS HB3  H N N 76  
LYS HG2  H N N 77  
LYS HG3  H N N 78  
LYS HD2  H N N 79  
LYS HD3  H N N 80  
LYS HE2  H N N 81  
LYS HE3  H N N 82  
LYS HZ1  H N N 83  
LYS HZ2  H N N 84  
LYS HZ3  H N N 85  
LYS HXT  H N N 86  
MET N    N N N 87  
MET CA   C N S 88  
MET C    C N N 89  
MET O    O N N 90  
MET CB   C N N 91  
MET CG   C N N 92  
MET SD   S N N 93  
MET CE   C N N 94  
MET OXT  O N N 95  
MET H    H N N 96  
MET H2   H N N 97  
MET HA   H N N 98  
MET HB2  H N N 99  
MET HB3  H N N 100 
MET HG2  H N N 101 
MET HG3  H N N 102 
MET HE1  H N N 103 
MET HE2  H N N 104 
MET HE3  H N N 105 
MET HXT  H N N 106 
PHE N    N N N 107 
PHE CA   C N S 108 
PHE C    C N N 109 
PHE O    O N N 110 
PHE CB   C N N 111 
PHE CG   C Y N 112 
PHE CD1  C Y N 113 
PHE CD2  C Y N 114 
PHE CE1  C Y N 115 
PHE CE2  C Y N 116 
PHE CZ   C Y N 117 
PHE OXT  O N N 118 
PHE H    H N N 119 
PHE H2   H N N 120 
PHE HA   H N N 121 
PHE HB2  H N N 122 
PHE HB3  H N N 123 
PHE HD1  H N N 124 
PHE HD2  H N N 125 
PHE HE1  H N N 126 
PHE HE2  H N N 127 
PHE HZ   H N N 128 
PHE HXT  H N N 129 
SER N    N N N 130 
SER CA   C N S 131 
SER C    C N N 132 
SER O    O N N 133 
SER CB   C N N 134 
SER OG   O N N 135 
SER OXT  O N N 136 
SER H    H N N 137 
SER H2   H N N 138 
SER HA   H N N 139 
SER HB2  H N N 140 
SER HB3  H N N 141 
SER HG   H N N 142 
SER HXT  H N N 143 
VAL N    N N N 144 
VAL CA   C N S 145 
VAL C    C N N 146 
VAL O    O N N 147 
VAL CB   C N N 148 
VAL CG1  C N N 149 
VAL CG2  C N N 150 
VAL OXT  O N N 151 
VAL H    H N N 152 
VAL H2   H N N 153 
VAL HA   H N N 154 
VAL HB   H N N 155 
VAL HG11 H N N 156 
VAL HG12 H N N 157 
VAL HG13 H N N 158 
VAL HG21 H N N 159 
VAL HG22 H N N 160 
VAL HG23 H N N 161 
VAL HXT  H N N 162 
# 
loop_
_chem_comp_bond.comp_id 
_chem_comp_bond.atom_id_1 
_chem_comp_bond.atom_id_2 
_chem_comp_bond.value_order 
_chem_comp_bond.pdbx_aromatic_flag 
_chem_comp_bond.pdbx_stereo_config 
_chem_comp_bond.pdbx_ordinal 
ALA N   CA   sing N N 1   
ALA N   H    sing N N 2   
ALA N   H2   sing N N 3   
ALA CA  C    sing N N 4   
ALA CA  CB   sing N N 5   
ALA CA  HA   sing N N 6   
ALA C   O    doub N N 7   
ALA C   OXT  sing N N 8   
ALA CB  HB1  sing N N 9   
ALA CB  HB2  sing N N 10  
ALA CB  HB3  sing N N 11  
ALA OXT HXT  sing N N 12  
ASP N   CA   sing N N 13  
ASP N   H    sing N N 14  
ASP N   H2   sing N N 15  
ASP CA  C    sing N N 16  
ASP CA  CB   sing N N 17  
ASP CA  HA   sing N N 18  
ASP C   O    doub N N 19  
ASP C   OXT  sing N N 20  
ASP CB  CG   sing N N 21  
ASP CB  HB2  sing N N 22  
ASP CB  HB3  sing N N 23  
ASP CG  OD1  doub N N 24  
ASP CG  OD2  sing N N 25  
ASP OD2 HD2  sing N N 26  
ASP OXT HXT  sing N N 27  
GLY N   CA   sing N N 28  
GLY N   H    sing N N 29  
GLY N   H2   sing N N 30  
GLY CA  C    sing N N 31  
GLY CA  HA2  sing N N 32  
GLY CA  HA3  sing N N 33  
GLY C   O    doub N N 34  
GLY C   OXT  sing N N 35  
GLY OXT HXT  sing N N 36  
LEU N   CA   sing N N 37  
LEU N   H    sing N N 38  
LEU N   H2   sing N N 39  
LEU CA  C    sing N N 40  
LEU CA  CB   sing N N 41  
LEU CA  HA   sing N N 42  
LEU C   O    doub N N 43  
LEU C   OXT  sing N N 44  
LEU CB  CG   sing N N 45  
LEU CB  HB2  sing N N 46  
LEU CB  HB3  sing N N 47  
LEU CG  CD1  sing N N 48  
LEU CG  CD2  sing N N 49  
LEU CG  HG   sing N N 50  
LEU CD1 HD11 sing N N 51  
LEU CD1 HD12 sing N N 52  
LEU CD1 HD13 sing N N 53  
LEU CD2 HD21 sing N N 54  
LEU CD2 HD22 sing N N 55  
LEU CD2 HD23 sing N N 56  
LEU OXT HXT  sing N N 57  
LYS N   CA   sing N N 58  
LYS N   H    sing N N 59  
LYS N   H2   sing N N 60  
LYS CA  C    sing N N 61  
LYS CA  CB   sing N N 62  
LYS CA  HA   sing N N 63  
LYS C   O    doub N N 64  
LYS C   OXT  sing N N 65  
LYS CB  CG   sing N N 66  
LYS CB  HB2  sing N N 67  
LYS CB  HB3  sing N N 68  
LYS CG  CD   sing N N 69  
LYS CG  HG2  sing N N 70  
LYS CG  HG3  sing N N 71  
LYS CD  CE   sing N N 72  
LYS CD  HD2  sing N N 73  
LYS CD  HD3  sing N N 74  
LYS CE  NZ   sing N N 75  
LYS CE  HE2  sing N N 76  
LYS CE  HE3  sing N N 77  
LYS NZ  HZ1  sing N N 78  
LYS NZ  HZ2  sing N N 79  
LYS NZ  HZ3  sing N N 80  
LYS OXT HXT  sing N N 81  
MET N   CA   sing N N 82  
MET N   H    sing N N 83  
MET N   H2   sing N N 84  
MET CA  C    sing N N 85  
MET CA  CB   sing N N 86  
MET CA  HA   sing N N 87  
MET C   O    doub N N 88  
MET C   OXT  sing N N 89  
MET CB  CG   sing N N 90  
MET CB  HB2  sing N N 91  
MET CB  HB3  sing N N 92  
MET CG  SD   sing N N 93  
MET CG  HG2  sing N N 94  
MET CG  HG3  sing N N 95  
MET SD  CE   sing N N 96  
MET CE  HE1  sing N N 97  
MET CE  HE2  sing N N 98  
MET CE  HE3  sing N N 99  
MET OXT HXT  sing N N 100 
PHE N   CA   sing N N 101 
PHE N   H    sing N N 102 
PHE N   H2   sing N N 103 
PHE CA  C    sing N N 104 
PHE CA  CB   sing N N 105 
PHE CA  HA   sing N N 106 
PHE C   O    doub N N 107 
PHE C   OXT  sing N N 108 
PHE CB  CG   sing N N 109 
PHE CB  HB2  sing N N 110 
PHE CB  HB3  sing N N 111 
PHE CG  CD1  doub Y N 112 
PHE CG  CD2  sing Y N 113 
PHE CD1 CE1  sing Y N 114 
PHE CD1 HD1  sing N N 115 
PHE CD2 CE2  doub Y N 116 
PHE CD2 HD2  sing N N 117 
PHE CE1 CZ   doub Y N 118 
PHE CE1 HE1  sing N N 119 
PHE CE2 CZ   sing Y N 120 
PHE CE2 HE2  sing N N 121 
PHE CZ  HZ   sing N N 122 
PHE OXT HXT  sing N N 123 
SER N   CA   sing N N 124 
SER N   H    sing N N 125 
SER N   H2   sing N N 126 
SER CA  C    sing N N 127 
SER CA  CB   sing N N 128 
SER CA  HA   sing N N 129 
SER C   O    doub N N 130 
SER C   OXT  sing N N 131 
SER CB  OG   sing N N 132 
SER CB  HB2  sing N N 133 
SER CB  HB3  sing N N 134 
SER OG  HG   sing N N 135 
SER OXT HXT  sing N N 136 
VAL N   CA   sing N N 137 
VAL N   H    sing N N 138 
VAL N   H2   sing N N 139 
VAL CA  C    sing N N 140 
VAL CA  CB   sing N N 141 
VAL CA  HA   sing N N 142 
VAL C   O    doub N N 143 
VAL C   OXT  sing N N 144 
VAL CB  CG1  sing N N 145 
VAL CB  CG2  sing N N 146 
VAL CB  HB   sing N N 147 
VAL CG1 HG11 sing N N 148 
VAL CG1 HG12 sing N N 149 
VAL CG1 HG13 sing N N 150 
VAL CG2 HG21 sing N N 151 
VAL CG2 HG22 sing N N 152 
VAL CG2 HG23 sing N N 153 
VAL OXT HXT  sing N N 154 
# 
_pdbx_nmr_spectrometer.field_strength    600 
_pdbx_nmr_spectrometer.manufacturer      Varian 
_pdbx_nmr_spectrometer.model             INOVA 
_pdbx_nmr_spectrometer.spectrometer_id   1 
_pdbx_nmr_spectrometer.type              'Varian INOVA' 
# 
_atom_sites.entry_id                    2JN5 
_atom_sites.fract_transf_matrix[1][1]   1.000000 
_atom_sites.fract_transf_matrix[1][2]   0.000000 
_atom_sites.fract_transf_matrix[1][3]   0.000000 
_atom_sites.fract_transf_matrix[2][1]   0.000000 
_atom_sites.fract_transf_matrix[2][2]   1.000000 
_atom_sites.fract_transf_matrix[2][3]   0.000000 
_atom_sites.fract_transf_matrix[3][1]   0.000000 
_atom_sites.fract_transf_matrix[3][2]   0.000000 
_atom_sites.fract_transf_matrix[3][3]   1.000000 
_atom_sites.fract_transf_vector[1]      0.00000 
_atom_sites.fract_transf_vector[2]      0.00000 
_atom_sites.fract_transf_vector[3]      0.00000 
# 
loop_
_atom_type.symbol 
C 
H 
N 
O 
S 
# 
loop_
_atom_site.group_PDB 
_atom_site.id 
_atom_site.type_symbol 
_atom_site.label_atom_id 
_atom_site.label_alt_id 
_atom_site.label_comp_id 
_atom_site.label_asym_id 
_atom_site.label_entity_id 
_atom_site.label_seq_id 
_atom_site.pdbx_PDB_ins_code 
_atom_site.Cartn_x 
_atom_site.Cartn_y 
_atom_site.Cartn_z 
_atom_site.occupancy 
_atom_site.B_iso_or_equiv 
_atom_site.pdbx_formal_charge 
_atom_site.auth_seq_id 
_atom_site.auth_comp_id 
_atom_site.auth_asym_id 
_atom_site.auth_atom_id 
_atom_site.pdbx_PDB_model_num 
ATOM 1    N N    . MET A 1 1  ? -0.207 -6.481  4.264  1.00 0.00 ? 1  MET A N    1  
ATOM 2    C CA   . MET A 1 1  ? 0.353  -5.970  2.986  1.00 0.00 ? 1  MET A CA   1  
ATOM 3    C C    . MET A 1 1  ? 0.166  -4.463  2.879  1.00 0.00 ? 1  MET A C    1  
ATOM 4    O O    . MET A 1 1  ? -0.219 -3.803  3.846  1.00 0.00 ? 1  MET A O    1  
ATOM 5    C CB   . MET A 1 1  ? -0.331 -6.643  1.797  1.00 0.00 ? 1  MET A CB   1  
ATOM 6    C CG   . MET A 1 1  ? -0.457 -8.150  1.937  1.00 0.00 ? 1  MET A CG   1  
ATOM 7    S SD   . MET A 1 1  ? 1.139  -8.985  1.925  1.00 0.00 ? 1  MET A SD   1  
ATOM 8    C CE   . MET A 1 1  ? 0.622  -10.697 2.053  1.00 0.00 ? 1  MET A CE   1  
ATOM 9    H H1   . MET A 1 1  ? 0.276  -6.038  5.071  1.00 0.00 ? 1  MET A H1   1  
ATOM 10   H H2   . MET A 1 1  ? -0.080 -7.512  4.322  1.00 0.00 ? 1  MET A H2   1  
ATOM 11   H H3   . MET A 1 1  ? -1.223 -6.265  4.321  1.00 0.00 ? 1  MET A H3   1  
ATOM 12   H HA   . MET A 1 1  ? 1.409  -6.194  2.963  1.00 0.00 ? 1  MET A HA   1  
ATOM 13   H HB2  . MET A 1 1  ? -1.320 -6.229  1.684  1.00 0.00 ? 1  MET A HB2  1  
ATOM 14   H HB3  . MET A 1 1  ? 0.240  -6.434  0.904  1.00 0.00 ? 1  MET A HB3  1  
ATOM 15   H HG2  . MET A 1 1  ? -0.956 -8.370  2.868  1.00 0.00 ? 1  MET A HG2  1  
ATOM 16   H HG3  . MET A 1 1  ? -1.052 -8.521  1.116  1.00 0.00 ? 1  MET A HG3  1  
ATOM 17   H HE1  . MET A 1 1  ? 1.490  -11.338 2.034  1.00 0.00 ? 1  MET A HE1  1  
ATOM 18   H HE2  . MET A 1 1  ? -0.023 -10.940 1.223  1.00 0.00 ? 1  MET A HE2  1  
ATOM 19   H HE3  . MET A 1 1  ? 0.087  -10.841 2.979  1.00 0.00 ? 1  MET A HE3  1  
ATOM 20   N N    . ASP A 1 2  ? 0.441  -3.927  1.695  1.00 0.00 ? 2  ASP A N    1  
ATOM 21   C CA   . ASP A 1 2  ? 0.298  -2.498  1.451  1.00 0.00 ? 2  ASP A CA   1  
ATOM 22   C C    . ASP A 1 2  ? -0.024 -2.236  -0.017 1.00 0.00 ? 2  ASP A C    1  
ATOM 23   O O    . ASP A 1 2  ? 0.856  -1.903  -0.811 1.00 0.00 ? 2  ASP A O    1  
ATOM 24   C CB   . ASP A 1 2  ? 1.576  -1.750  1.850  1.00 0.00 ? 2  ASP A CB   1  
ATOM 25   C CG   . ASP A 1 2  ? 1.922  -1.934  3.314  1.00 0.00 ? 2  ASP A CG   1  
ATOM 26   O OD1  . ASP A 1 2  ? 1.407  -1.158  4.149  1.00 0.00 ? 2  ASP A OD1  1  
ATOM 27   O OD2  . ASP A 1 2  ? 2.710  -2.852  3.628  1.00 0.00 ? 2  ASP A OD2  1  
ATOM 28   H H    . ASP A 1 2  ? 0.746  -4.507  0.967  1.00 0.00 ? 2  ASP A H    1  
ATOM 29   H HA   . ASP A 1 2  ? -0.524 -2.145  2.052  1.00 0.00 ? 2  ASP A HA   1  
ATOM 30   H HB2  . ASP A 1 2  ? 2.400  -2.117  1.257  1.00 0.00 ? 2  ASP A HB2  1  
ATOM 31   H HB3  . ASP A 1 2  ? 1.440  -0.696  1.658  1.00 0.00 ? 2  ASP A HB3  1  
ATOM 32   N N    . VAL A 1 3  ? -1.295 -2.393  -0.365 1.00 0.00 ? 3  VAL A N    1  
ATOM 33   C CA   . VAL A 1 3  ? -1.752 -2.183  -1.733 1.00 0.00 ? 3  VAL A CA   1  
ATOM 34   C C    . VAL A 1 3  ? -3.221 -1.768  -1.750 1.00 0.00 ? 3  VAL A C    1  
ATOM 35   O O    . VAL A 1 3  ? -3.716 -1.222  -2.737 1.00 0.00 ? 3  VAL A O    1  
ATOM 36   C CB   . VAL A 1 3  ? -1.552 -3.460  -2.580 1.00 0.00 ? 3  VAL A CB   1  
ATOM 37   C CG1  . VAL A 1 3  ? -2.099 -4.677  -1.849 1.00 0.00 ? 3  VAL A CG1  1  
ATOM 38   C CG2  . VAL A 1 3  ? -2.197 -3.319  -3.951 1.00 0.00 ? 3  VAL A CG2  1  
ATOM 39   H H    . VAL A 1 3  ? -1.948 -2.657  0.318  1.00 0.00 ? 3  VAL A H    1  
ATOM 40   H HA   . VAL A 1 3  ? -1.158 -1.392  -2.165 1.00 0.00 ? 3  VAL A HA   1  
ATOM 41   H HB   . VAL A 1 3  ? -0.491 -3.607  -2.721 1.00 0.00 ? 3  VAL A HB   1  
ATOM 42   H HG11 . VAL A 1 3  ? -3.125 -4.495  -1.564 1.00 0.00 ? 3  VAL A HG11 1  
ATOM 43   H HG12 . VAL A 1 3  ? -1.504 -4.860  -0.964 1.00 0.00 ? 3  VAL A HG12 1  
ATOM 44   H HG13 . VAL A 1 3  ? -2.052 -5.537  -2.499 1.00 0.00 ? 3  VAL A HG13 1  
ATOM 45   H HG21 . VAL A 1 3  ? -1.788 -2.455  -4.455 1.00 0.00 ? 3  VAL A HG21 1  
ATOM 46   H HG22 . VAL A 1 3  ? -3.265 -3.199  -3.838 1.00 0.00 ? 3  VAL A HG22 1  
ATOM 47   H HG23 . VAL A 1 3  ? -1.994 -4.203  -4.538 1.00 0.00 ? 3  VAL A HG23 1  
ATOM 48   N N    . PHE A 1 4  ? -3.907 -2.017  -0.639 1.00 0.00 ? 4  PHE A N    1  
ATOM 49   C CA   . PHE A 1 4  ? -5.321 -1.668  -0.520 1.00 0.00 ? 4  PHE A CA   1  
ATOM 50   C C    . PHE A 1 4  ? -5.498 -0.157  -0.598 1.00 0.00 ? 4  PHE A C    1  
ATOM 51   O O    . PHE A 1 4  ? -6.203 0.356   -1.466 1.00 0.00 ? 4  PHE A O    1  
ATOM 52   C CB   . PHE A 1 4  ? -5.907 -2.184  0.802  1.00 0.00 ? 4  PHE A CB   1  
ATOM 53   C CG   . PHE A 1 4  ? -5.072 -3.237  1.473  1.00 0.00 ? 4  PHE A CG   1  
ATOM 54   C CD1  . PHE A 1 4  ? -4.027 -2.877  2.308  1.00 0.00 ? 4  PHE A CD1  1  
ATOM 55   C CD2  . PHE A 1 4  ? -5.330 -4.581  1.269  1.00 0.00 ? 4  PHE A CD2  1  
ATOM 56   C CE1  . PHE A 1 4  ? -3.254 -3.837  2.927  1.00 0.00 ? 4  PHE A CE1  1  
ATOM 57   C CE2  . PHE A 1 4  ? -4.559 -5.549  1.886  1.00 0.00 ? 4  PHE A CE2  1  
ATOM 58   C CZ   . PHE A 1 4  ? -3.518 -5.177  2.715  1.00 0.00 ? 4  PHE A CZ   1  
ATOM 59   H H    . PHE A 1 4  ? -3.448 -2.435  0.118  1.00 0.00 ? 4  PHE A H    1  
ATOM 60   H HA   . PHE A 1 4  ? -5.848 -2.124  -1.342 1.00 0.00 ? 4  PHE A HA   1  
ATOM 61   H HB2  . PHE A 1 4  ? -6.008 -1.357  1.488  1.00 0.00 ? 4  PHE A HB2  1  
ATOM 62   H HB3  . PHE A 1 4  ? -6.883 -2.604  0.612  1.00 0.00 ? 4  PHE A HB3  1  
ATOM 63   H HD1  . PHE A 1 4  ? -3.818 -1.830  2.475  1.00 0.00 ? 4  PHE A HD1  1  
ATOM 64   H HD2  . PHE A 1 4  ? -6.141 -4.873  0.620  1.00 0.00 ? 4  PHE A HD2  1  
ATOM 65   H HE1  . PHE A 1 4  ? -2.441 -3.541  3.573  1.00 0.00 ? 4  PHE A HE1  1  
ATOM 66   H HE2  . PHE A 1 4  ? -4.769 -6.595  1.719  1.00 0.00 ? 4  PHE A HE2  1  
ATOM 67   H HZ   . PHE A 1 4  ? -2.916 -5.931  3.198  1.00 0.00 ? 4  PHE A HZ   1  
ATOM 68   N N    . MET A 1 5  ? -4.847 0.547   0.322  1.00 0.00 ? 5  MET A N    1  
ATOM 69   C CA   . MET A 1 5  ? -4.913 2.001   0.369  1.00 0.00 ? 5  MET A CA   1  
ATOM 70   C C    . MET A 1 5  ? -3.995 2.616   -0.682 1.00 0.00 ? 5  MET A C    1  
ATOM 71   O O    . MET A 1 5  ? -2.939 2.066   -0.992 1.00 0.00 ? 5  MET A O    1  
ATOM 72   C CB   . MET A 1 5  ? -4.529 2.499   1.762  1.00 0.00 ? 5  MET A CB   1  
ATOM 73   C CG   . MET A 1 5  ? -5.546 2.145   2.837  1.00 0.00 ? 5  MET A CG   1  
ATOM 74   S SD   . MET A 1 5  ? -7.172 2.849   2.510  1.00 0.00 ? 5  MET A SD   1  
ATOM 75   C CE   . MET A 1 5  ? -8.109 2.193   3.891  1.00 0.00 ? 5  MET A CE   1  
ATOM 76   H H    . MET A 1 5  ? -4.307 0.075   0.989  1.00 0.00 ? 5  MET A H    1  
ATOM 77   H HA   . MET A 1 5  ? -5.932 2.295   0.158  1.00 0.00 ? 5  MET A HA   1  
ATOM 78   H HB2  . MET A 1 5  ? -3.580 2.058   2.038  1.00 0.00 ? 5  MET A HB2  1  
ATOM 79   H HB3  . MET A 1 5  ? -4.424 3.573   1.735  1.00 0.00 ? 5  MET A HB3  1  
ATOM 80   H HG2  . MET A 1 5  ? -5.637 1.070   2.885  1.00 0.00 ? 5  MET A HG2  1  
ATOM 81   H HG3  . MET A 1 5  ? -5.190 2.518   3.786  1.00 0.00 ? 5  MET A HG3  1  
ATOM 82   H HE1  . MET A 1 5  ? -8.099 1.115   3.852  1.00 0.00 ? 5  MET A HE1  1  
ATOM 83   H HE2  . MET A 1 5  ? -9.130 2.546   3.832  1.00 0.00 ? 5  MET A HE2  1  
ATOM 84   H HE3  . MET A 1 5  ? -7.665 2.525   4.816  1.00 0.00 ? 5  MET A HE3  1  
ATOM 85   N N    . LYS A 1 6  ? -4.405 3.758   -1.225 1.00 0.00 ? 6  LYS A N    1  
ATOM 86   C CA   . LYS A 1 6  ? -3.624 4.446   -2.249 1.00 0.00 ? 6  LYS A CA   1  
ATOM 87   C C    . LYS A 1 6  ? -2.484 5.251   -1.633 1.00 0.00 ? 6  LYS A C    1  
ATOM 88   O O    . LYS A 1 6  ? -1.754 5.944   -2.341 1.00 0.00 ? 6  LYS A O    1  
ATOM 89   C CB   . LYS A 1 6  ? -4.524 5.368   -3.075 1.00 0.00 ? 6  LYS A CB   1  
ATOM 90   C CG   . LYS A 1 6  ? -5.627 4.637   -3.828 1.00 0.00 ? 6  LYS A CG   1  
ATOM 91   C CD   . LYS A 1 6  ? -5.065 3.635   -4.828 1.00 0.00 ? 6  LYS A CD   1  
ATOM 92   C CE   . LYS A 1 6  ? -4.260 4.320   -5.923 1.00 0.00 ? 6  LYS A CE   1  
ATOM 93   N NZ   . LYS A 1 6  ? -3.709 3.344   -6.902 1.00 0.00 ? 6  LYS A NZ   1  
ATOM 94   H H    . LYS A 1 6  ? -5.255 4.148   -0.931 1.00 0.00 ? 6  LYS A H    1  
ATOM 95   H HA   . LYS A 1 6  ? -3.202 3.696   -2.900 1.00 0.00 ? 6  LYS A HA   1  
ATOM 96   H HB2  . LYS A 1 6  ? -4.984 6.086   -2.414 1.00 0.00 ? 6  LYS A HB2  1  
ATOM 97   H HB3  . LYS A 1 6  ? -3.914 5.893   -3.796 1.00 0.00 ? 6  LYS A HB3  1  
ATOM 98   H HG2  . LYS A 1 6  ? -6.244 4.110   -3.117 1.00 0.00 ? 6  LYS A HG2  1  
ATOM 99   H HG3  . LYS A 1 6  ? -6.225 5.361   -4.359 1.00 0.00 ? 6  LYS A HG3  1  
ATOM 100  H HD2  . LYS A 1 6  ? -4.420 2.942   -4.304 1.00 0.00 ? 6  LYS A HD2  1  
ATOM 101  H HD3  . LYS A 1 6  ? -5.883 3.095   -5.279 1.00 0.00 ? 6  LYS A HD3  1  
ATOM 102  H HE2  . LYS A 1 6  ? -4.905 5.014   -6.443 1.00 0.00 ? 6  LYS A HE2  1  
ATOM 103  H HE3  . LYS A 1 6  ? -3.444 4.861   -5.468 1.00 0.00 ? 6  LYS A HE3  1  
ATOM 104  H HZ1  . LYS A 1 6  ? -4.483 2.826   -7.365 1.00 0.00 ? 6  LYS A HZ1  1  
ATOM 105  H HZ2  . LYS A 1 6  ? -3.090 2.663   -6.419 1.00 0.00 ? 6  LYS A HZ2  1  
ATOM 106  H HZ3  . LYS A 1 6  ? -3.158 3.840   -7.630 1.00 0.00 ? 6  LYS A HZ3  1  
ATOM 107  N N    . GLY A 1 7  ? -2.339 5.160   -0.316 1.00 0.00 ? 7  GLY A N    1  
ATOM 108  C CA   . GLY A 1 7  ? -1.281 5.886   0.361  1.00 0.00 ? 7  GLY A CA   1  
ATOM 109  C C    . GLY A 1 7  ? -1.025 5.364   1.762  1.00 0.00 ? 7  GLY A C    1  
ATOM 110  O O    . GLY A 1 7  ? -1.690 5.774   2.714  1.00 0.00 ? 7  GLY A O    1  
ATOM 111  H H    . GLY A 1 7  ? -2.955 4.597   0.198  1.00 0.00 ? 7  GLY A H    1  
ATOM 112  H HA2  . GLY A 1 7  ? -0.372 5.799   -0.213 1.00 0.00 ? 7  GLY A HA2  1  
ATOM 113  H HA3  . GLY A 1 7  ? -1.556 6.929   0.423  1.00 0.00 ? 7  GLY A HA3  1  
ATOM 114  N N    . LEU A 1 8  ? -0.059 4.459   1.888  1.00 0.00 ? 8  LEU A N    1  
ATOM 115  C CA   . LEU A 1 8  ? 0.274  3.884   3.186  1.00 0.00 ? 8  LEU A CA   1  
ATOM 116  C C    . LEU A 1 8  ? 1.724  3.412   3.227  1.00 0.00 ? 8  LEU A C    1  
ATOM 117  O O    . LEU A 1 8  ? 2.418  3.615   4.224  1.00 0.00 ? 8  LEU A O    1  
ATOM 118  C CB   . LEU A 1 8  ? -0.672 2.724   3.523  1.00 0.00 ? 8  LEU A CB   1  
ATOM 119  C CG   . LEU A 1 8  ? -0.458 1.435   2.723  1.00 0.00 ? 8  LEU A CG   1  
ATOM 120  C CD1  . LEU A 1 8  ? -1.344 0.323   3.265  1.00 0.00 ? 8  LEU A CD1  1  
ATOM 121  C CD2  . LEU A 1 8  ? -0.736 1.660   1.244  1.00 0.00 ? 8  LEU A CD2  1  
ATOM 122  H H    . LEU A 1 8  ? 0.438  4.172   1.095  1.00 0.00 ? 8  LEU A H    1  
ATOM 123  H HA   . LEU A 1 8  ? 0.146  4.660   3.926  1.00 0.00 ? 8  LEU A HA   1  
ATOM 124  H HB2  . LEU A 1 8  ? -0.558 2.492   4.572  1.00 0.00 ? 8  LEU A HB2  1  
ATOM 125  H HB3  . LEU A 1 8  ? -1.687 3.057   3.357  1.00 0.00 ? 8  LEU A HB3  1  
ATOM 126  H HG   . LEU A 1 8  ? 0.571  1.121   2.828  1.00 0.00 ? 8  LEU A HG   1  
ATOM 127  H HD11 . LEU A 1 8  ? -1.190 -0.574  2.685  1.00 0.00 ? 8  LEU A HD11 1  
ATOM 128  H HD12 . LEU A 1 8  ? -2.379 0.622   3.194  1.00 0.00 ? 8  LEU A HD12 1  
ATOM 129  H HD13 . LEU A 1 8  ? -1.092 0.133   4.297  1.00 0.00 ? 8  LEU A HD13 1  
ATOM 130  H HD21 . LEU A 1 8  ? -0.687 0.717   0.721  1.00 0.00 ? 8  LEU A HD21 1  
ATOM 131  H HD22 . LEU A 1 8  ? 0.000  2.337   0.839  1.00 0.00 ? 8  LEU A HD22 1  
ATOM 132  H HD23 . LEU A 1 8  ? -1.721 2.086   1.125  1.00 0.00 ? 8  LEU A HD23 1  
ATOM 133  N N    . SER A 1 9  ? 2.182  2.787   2.144  1.00 0.00 ? 9  SER A N    1  
ATOM 134  C CA   . SER A 1 9  ? 3.554  2.288   2.080  1.00 0.00 ? 9  SER A CA   1  
ATOM 135  C C    . SER A 1 9  ? 3.905  1.773   0.686  1.00 0.00 ? 9  SER A C    1  
ATOM 136  O O    . SER A 1 9  ? 5.039  1.927   0.232  1.00 0.00 ? 9  SER A O    1  
ATOM 137  C CB   . SER A 1 9  ? 3.761  1.173   3.106  1.00 0.00 ? 9  SER A CB   1  
ATOM 138  O OG   . SER A 1 9  ? 5.081  0.665   3.050  1.00 0.00 ? 9  SER A OG   1  
ATOM 139  H H    . SER A 1 9  ? 1.588  2.656   1.376  1.00 0.00 ? 9  SER A H    1  
ATOM 140  H HA   . SER A 1 9  ? 4.214  3.109   2.321  1.00 0.00 ? 9  SER A HA   1  
ATOM 141  H HB2  . SER A 1 9  ? 3.582  1.563   4.097  1.00 0.00 ? 9  SER A HB2  1  
ATOM 142  H HB3  . SER A 1 9  ? 3.069  0.369   2.907  1.00 0.00 ? 9  SER A HB3  1  
ATOM 143  H HG   . SER A 1 9  ? 5.706  1.379   3.191  1.00 0.00 ? 9  SER A HG   1  
ATOM 144  N N    . LYS A 1 10 ? 2.929  1.170   0.007  1.00 0.00 ? 10 LYS A N    1  
ATOM 145  C CA   . LYS A 1 10 ? 3.151  0.624   -1.330 1.00 0.00 ? 10 LYS A CA   1  
ATOM 146  C C    . LYS A 1 10 ? 4.409  -0.240  -1.375 1.00 0.00 ? 10 LYS A C    1  
ATOM 147  O O    . LYS A 1 10 ? 5.459  0.198   -1.842 1.00 0.00 ? 10 LYS A O    1  
ATOM 148  C CB   . LYS A 1 10 ? 3.255  1.755   -2.357 1.00 0.00 ? 10 LYS A CB   1  
ATOM 149  C CG   . LYS A 1 10 ? 1.971  2.548   -2.506 1.00 0.00 ? 10 LYS A CG   1  
ATOM 150  C CD   . LYS A 1 10 ? 0.838  1.678   -3.023 1.00 0.00 ? 10 LYS A CD   1  
ATOM 151  C CE   . LYS A 1 10 ? -0.508 2.319   -2.752 1.00 0.00 ? 10 LYS A CE   1  
ATOM 152  N NZ   . LYS A 1 10 ? -0.639 3.635   -3.436 1.00 0.00 ? 10 LYS A NZ   1  
ATOM 153  H H    . LYS A 1 10 ? 2.035  1.107   0.406  1.00 0.00 ? 10 LYS A H    1  
ATOM 154  H HA   . LYS A 1 10 ? 2.300  0.008   -1.577 1.00 0.00 ? 10 LYS A HA   1  
ATOM 155  H HB2  . LYS A 1 10 ? 4.040  2.433   -2.050 1.00 0.00 ? 10 LYS A HB2  1  
ATOM 156  H HB3  . LYS A 1 10 ? 3.510  1.334   -3.317 1.00 0.00 ? 10 LYS A HB3  1  
ATOM 157  H HG2  . LYS A 1 10 ? 1.692  2.951   -1.545 1.00 0.00 ? 10 LYS A HG2  1  
ATOM 158  H HG3  . LYS A 1 10 ? 2.136  3.356   -3.204 1.00 0.00 ? 10 LYS A HG3  1  
ATOM 159  H HD2  . LYS A 1 10 ? 0.957  1.548   -4.087 1.00 0.00 ? 10 LYS A HD2  1  
ATOM 160  H HD3  . LYS A 1 10 ? 0.877  0.717   -2.532 1.00 0.00 ? 10 LYS A HD3  1  
ATOM 161  H HE2  . LYS A 1 10 ? -1.285 1.659   -3.104 1.00 0.00 ? 10 LYS A HE2  1  
ATOM 162  H HE3  . LYS A 1 10 ? -0.609 2.464   -1.684 1.00 0.00 ? 10 LYS A HE3  1  
ATOM 163  H HZ1  . LYS A 1 10 ? -0.418 3.535   -4.448 1.00 0.00 ? 10 LYS A HZ1  1  
ATOM 164  H HZ2  . LYS A 1 10 ? 0.017  4.324   -3.015 1.00 0.00 ? 10 LYS A HZ2  1  
ATOM 165  H HZ3  . LYS A 1 10 ? -1.609 3.993   -3.342 1.00 0.00 ? 10 LYS A HZ3  1  
ATOM 166  N N    . ALA A 1 11 ? 4.290  -1.472  -0.886 1.00 0.00 ? 11 ALA A N    1  
ATOM 167  C CA   . ALA A 1 11 ? 5.415  -2.401  -0.873 1.00 0.00 ? 11 ALA A CA   1  
ATOM 168  C C    . ALA A 1 11 ? 5.282  -3.438  -1.982 1.00 0.00 ? 11 ALA A C    1  
ATOM 169  O O    . ALA A 1 11 ? 6.200  -4.224  -2.223 1.00 0.00 ? 11 ALA A O    1  
ATOM 170  C CB   . ALA A 1 11 ? 5.520  -3.086  0.482  1.00 0.00 ? 11 ALA A CB   1  
ATOM 171  H H    . ALA A 1 11 ? 3.427  -1.763  -0.525 1.00 0.00 ? 11 ALA A H    1  
ATOM 172  H HA   . ALA A 1 11 ? 6.319  -1.832  -1.031 1.00 0.00 ? 11 ALA A HA   1  
ATOM 173  H HB1  . ALA A 1 11 ? 4.621  -3.655  0.669  1.00 0.00 ? 11 ALA A HB1  1  
ATOM 174  H HB2  . ALA A 1 11 ? 5.640  -2.341  1.255  1.00 0.00 ? 11 ALA A HB2  1  
ATOM 175  H HB3  . ALA A 1 11 ? 6.373  -3.749  0.485  1.00 0.00 ? 11 ALA A HB3  1  
ATOM 176  N N    . LYS A 1 12 ? 4.137  -3.435  -2.656 1.00 0.00 ? 12 LYS A N    1  
ATOM 177  C CA   . LYS A 1 12 ? 3.883  -4.376  -3.743 1.00 0.00 ? 12 LYS A CA   1  
ATOM 178  C C    . LYS A 1 12 ? 4.628  -3.958  -5.007 1.00 0.00 ? 12 LYS A C    1  
ATOM 179  O O    . LYS A 1 12 ? 4.066  -3.162  -5.789 1.00 0.00 ? 12 LYS A O    1  
ATOM 180  C CB   . LYS A 1 12 ? 2.382  -4.473  -4.027 1.00 0.00 ? 12 LYS A CB   1  
ATOM 181  C CG   . LYS A 1 12 ? 1.620  -5.387  -3.073 1.00 0.00 ? 12 LYS A CG   1  
ATOM 182  C CD   . LYS A 1 12 ? 1.645  -4.872  -1.643 1.00 0.00 ? 12 LYS A CD   1  
ATOM 183  C CE   . LYS A 1 12 ? 2.735  -5.560  -0.834 1.00 0.00 ? 12 LYS A CE   1  
ATOM 184  N NZ   . LYS A 1 12 ? 2.651  -5.225  0.614  1.00 0.00 ? 12 LYS A NZ   1  
ATOM 185  O OXT  . LYS A 1 12 ? 5.767  -4.430  -5.204 1.00 0.00 ? 12 LYS A OXT  1  
ATOM 186  H H    . LYS A 1 12 ? 3.444  -2.783  -2.418 1.00 0.00 ? 12 LYS A H    1  
ATOM 187  H HA   . LYS A 1 12 ? 4.245  -5.343  -3.431 1.00 0.00 ? 12 LYS A HA   1  
ATOM 188  H HB2  . LYS A 1 12 ? 1.951  -3.485  -3.962 1.00 0.00 ? 12 LYS A HB2  1  
ATOM 189  H HB3  . LYS A 1 12 ? 2.244  -4.846  -5.031 1.00 0.00 ? 12 LYS A HB3  1  
ATOM 190  H HG2  . LYS A 1 12 ? 0.593  -5.455  -3.399 1.00 0.00 ? 12 LYS A HG2  1  
ATOM 191  H HG3  . LYS A 1 12 ? 2.071  -6.368  -3.096 1.00 0.00 ? 12 LYS A HG3  1  
ATOM 192  H HD2  . LYS A 1 12 ? 1.835  -3.810  -1.654 1.00 0.00 ? 12 LYS A HD2  1  
ATOM 193  H HD3  . LYS A 1 12 ? 0.686  -5.067  -1.180 1.00 0.00 ? 12 LYS A HD3  1  
ATOM 194  H HE2  . LYS A 1 12 ? 2.634  -6.627  -0.958 1.00 0.00 ? 12 LYS A HE2  1  
ATOM 195  H HE3  . LYS A 1 12 ? 3.696  -5.245  -1.212 1.00 0.00 ? 12 LYS A HE3  1  
ATOM 196  H HZ1  . LYS A 1 12 ? 3.431  -5.681  1.131  1.00 0.00 ? 12 LYS A HZ1  1  
ATOM 197  H HZ2  . LYS A 1 12 ? 1.748  -5.560  1.006  1.00 0.00 ? 12 LYS A HZ2  1  
ATOM 198  H HZ3  . LYS A 1 12 ? 2.715  -4.197  0.749  1.00 0.00 ? 12 LYS A HZ3  1  
ATOM 199  N N    . MET A 1 1  ? 0.354  -6.849  4.521  1.00 0.00 ? 1  MET A N    2  
ATOM 200  C CA   . MET A 1 1  ? 0.650  -6.252  3.191  1.00 0.00 ? 1  MET A CA   2  
ATOM 201  C C    . MET A 1 1  ? 0.104  -4.833  3.092  1.00 0.00 ? 1  MET A C    2  
ATOM 202  O O    . MET A 1 1  ? -0.686 -4.402  3.934  1.00 0.00 ? 1  MET A O    2  
ATOM 203  C CB   . MET A 1 1  ? 0.061  -7.120  2.079  1.00 0.00 ? 1  MET A CB   2  
ATOM 204  C CG   . MET A 1 1  ? -1.246 -7.776  2.469  1.00 0.00 ? 1  MET A CG   2  
ATOM 205  S SD   . MET A 1 1  ? -1.713 -9.121  1.361  1.00 0.00 ? 1  MET A SD   2  
ATOM 206  C CE   . MET A 1 1  ? -1.850 -8.249  -0.196 1.00 0.00 ? 1  MET A CE   2  
ATOM 207  H H1   . MET A 1 1  ? -0.674 -6.890  4.672  1.00 0.00 ? 1  MET A H1   2  
ATOM 208  H H2   . MET A 1 1  ? 0.781  -6.274  5.273  1.00 0.00 ? 1  MET A H2   2  
ATOM 209  H H3   . MET A 1 1  ? 0.742  -7.812  4.574  1.00 0.00 ? 1  MET A H3   2  
ATOM 210  H HA   . MET A 1 1  ? 1.717  -6.221  3.074  1.00 0.00 ? 1  MET A HA   2  
ATOM 211  H HB2  . MET A 1 1  ? -0.115 -6.503  1.210  1.00 0.00 ? 1  MET A HB2  2  
ATOM 212  H HB3  . MET A 1 1  ? 0.768  -7.895  1.826  1.00 0.00 ? 1  MET A HB3  2  
ATOM 213  H HG2  . MET A 1 1  ? -1.137 -8.169  3.467  1.00 0.00 ? 1  MET A HG2  2  
ATOM 214  H HG3  . MET A 1 1  ? -2.026 -7.030  2.458  1.00 0.00 ? 1  MET A HG3  2  
ATOM 215  H HE1  . MET A 1 1  ? -0.898 -7.801  -0.443 1.00 0.00 ? 1  MET A HE1  2  
ATOM 216  H HE2  . MET A 1 1  ? -2.600 -7.477  -0.112 1.00 0.00 ? 1  MET A HE2  2  
ATOM 217  H HE3  . MET A 1 1  ? -2.132 -8.943  -0.975 1.00 0.00 ? 1  MET A HE3  2  
ATOM 218  N N    . ASP A 1 2  ? 0.530  -4.111  2.061  1.00 0.00 ? 2  ASP A N    2  
ATOM 219  C CA   . ASP A 1 2  ? 0.086  -2.735  1.853  1.00 0.00 ? 2  ASP A CA   2  
ATOM 220  C C    . ASP A 1 2  ? -0.036 -2.421  0.365  1.00 0.00 ? 2  ASP A C    2  
ATOM 221  O O    . ASP A 1 2  ? 0.963  -2.211  -0.319 1.00 0.00 ? 2  ASP A O    2  
ATOM 222  C CB   . ASP A 1 2  ? 1.060  -1.759  2.516  1.00 0.00 ? 2  ASP A CB   2  
ATOM 223  C CG   . ASP A 1 2  ? 1.166  -1.970  4.013  1.00 0.00 ? 2  ASP A CG   2  
ATOM 224  O OD1  . ASP A 1 2  ? 2.016  -2.781  4.438  1.00 0.00 ? 2  ASP A OD1  2  
ATOM 225  O OD2  . ASP A 1 2  ? 0.399  -1.325  4.760  1.00 0.00 ? 2  ASP A OD2  2  
ATOM 226  H H    . ASP A 1 2  ? 1.158  -4.512  1.425  1.00 0.00 ? 2  ASP A H    2  
ATOM 227  H HA   . ASP A 1 2  ? -0.886 -2.628  2.310  1.00 0.00 ? 2  ASP A HA   2  
ATOM 228  H HB2  . ASP A 1 2  ? 2.040  -1.890  2.082  1.00 0.00 ? 2  ASP A HB2  2  
ATOM 229  H HB3  . ASP A 1 2  ? 0.725  -0.749  2.335  1.00 0.00 ? 2  ASP A HB3  2  
ATOM 230  N N    . VAL A 1 3  ? -1.271 -2.388  -0.121 1.00 0.00 ? 3  VAL A N    2  
ATOM 231  C CA   . VAL A 1 3  ? -1.538 -2.103  -1.524 1.00 0.00 ? 3  VAL A CA   2  
ATOM 232  C C    . VAL A 1 3  ? -2.977 -1.627  -1.714 1.00 0.00 ? 3  VAL A C    2  
ATOM 233  O O    . VAL A 1 3  ? -3.297 -0.951  -2.693 1.00 0.00 ? 3  VAL A O    2  
ATOM 234  C CB   . VAL A 1 3  ? -1.274 -3.345  -2.401 1.00 0.00 ? 3  VAL A CB   2  
ATOM 235  C CG1  . VAL A 1 3  ? -1.947 -4.573  -1.808 1.00 0.00 ? 3  VAL A CG1  2  
ATOM 236  C CG2  . VAL A 1 3  ? -1.731 -3.114  -3.835 1.00 0.00 ? 3  VAL A CG2  2  
ATOM 237  H H    . VAL A 1 3  ? -2.024 -2.567  0.478  1.00 0.00 ? 3  VAL A H    2  
ATOM 238  H HA   . VAL A 1 3  ? -0.867 -1.316  -1.838 1.00 0.00 ? 3  VAL A HA   2  
ATOM 239  H HB   . VAL A 1 3  ? -0.209 -3.522  -2.412 1.00 0.00 ? 3  VAL A HB   2  
ATOM 240  H HG11 . VAL A 1 3  ? -2.982 -4.350  -1.596 1.00 0.00 ? 3  VAL A HG11 2  
ATOM 241  H HG12 . VAL A 1 3  ? -1.442 -4.852  -0.893 1.00 0.00 ? 3  VAL A HG12 2  
ATOM 242  H HG13 . VAL A 1 3  ? -1.889 -5.390  -2.513 1.00 0.00 ? 3  VAL A HG13 2  
ATOM 243  H HG21 . VAL A 1 3  ? -1.227 -2.249  -4.240 1.00 0.00 ? 3  VAL A HG21 2  
ATOM 244  H HG22 . VAL A 1 3  ? -2.798 -2.951  -3.852 1.00 0.00 ? 3  VAL A HG22 2  
ATOM 245  H HG23 . VAL A 1 3  ? -1.490 -3.982  -4.432 1.00 0.00 ? 3  VAL A HG23 2  
ATOM 246  N N    . PHE A 1 4  ? -3.837 -1.976  -0.761 1.00 0.00 ? 4  PHE A N    2  
ATOM 247  C CA   . PHE A 1 4  ? -5.244 -1.582  -0.818 1.00 0.00 ? 4  PHE A CA   2  
ATOM 248  C C    . PHE A 1 4  ? -5.362 -0.064  -0.894 1.00 0.00 ? 4  PHE A C    2  
ATOM 249  O O    . PHE A 1 4  ? -5.939 0.482   -1.833 1.00 0.00 ? 4  PHE A O    2  
ATOM 250  C CB   . PHE A 1 4  ? -6.012 -2.094  0.408  1.00 0.00 ? 4  PHE A CB   2  
ATOM 251  C CG   . PHE A 1 4  ? -5.309 -3.188  1.161  1.00 0.00 ? 4  PHE A CG   2  
ATOM 252  C CD1  . PHE A 1 4  ? -4.337 -2.880  2.098  1.00 0.00 ? 4  PHE A CD1  2  
ATOM 253  C CD2  . PHE A 1 4  ? -5.622 -4.519  0.935  1.00 0.00 ? 4  PHE A CD2  2  
ATOM 254  C CE1  . PHE A 1 4  ? -3.685 -3.878  2.794  1.00 0.00 ? 4  PHE A CE1  2  
ATOM 255  C CE2  . PHE A 1 4  ? -4.973 -5.523  1.627  1.00 0.00 ? 4  PHE A CE2  2  
ATOM 256  C CZ   . PHE A 1 4  ? -4.003 -5.202  2.558  1.00 0.00 ? 4  PHE A CZ   2  
ATOM 257  H H    . PHE A 1 4  ? -3.516 -2.506  -0.005 1.00 0.00 ? 4  PHE A H    2  
ATOM 258  H HA   . PHE A 1 4  ? -5.674 -2.009  -1.711 1.00 0.00 ? 4  PHE A HA   2  
ATOM 259  H HB2  . PHE A 1 4  ? -6.169 -1.272  1.090  1.00 0.00 ? 4  PHE A HB2  2  
ATOM 260  H HB3  . PHE A 1 4  ? -6.972 -2.473  0.087  1.00 0.00 ? 4  PHE A HB3  2  
ATOM 261  H HD1  . PHE A 1 4  ? -4.087 -1.845  2.284  1.00 0.00 ? 4  PHE A HD1  2  
ATOM 262  H HD2  . PHE A 1 4  ? -6.378 -4.770  0.205  1.00 0.00 ? 4  PHE A HD2  2  
ATOM 263  H HE1  . PHE A 1 4  ? -2.927 -3.623  3.518  1.00 0.00 ? 4  PHE A HE1  2  
ATOM 264  H HE2  . PHE A 1 4  ? -5.224 -6.558  1.442  1.00 0.00 ? 4  PHE A HE2  2  
ATOM 265  H HZ   . PHE A 1 4  ? -3.496 -5.985  3.102  1.00 0.00 ? 4  PHE A HZ   2  
ATOM 266  N N    . MET A 1 5  ? -4.808 0.608   0.111  1.00 0.00 ? 5  MET A N    2  
ATOM 267  C CA   . MET A 1 5  ? -4.836 2.063   0.173  1.00 0.00 ? 5  MET A CA   2  
ATOM 268  C C    . MET A 1 5  ? -3.845 2.663   -0.822 1.00 0.00 ? 5  MET A C    2  
ATOM 269  O O    . MET A 1 5  ? -2.761 2.120   -1.034 1.00 0.00 ? 5  MET A O    2  
ATOM 270  C CB   . MET A 1 5  ? -4.513 2.534   1.591  1.00 0.00 ? 5  MET A CB   2  
ATOM 271  C CG   . MET A 1 5  ? -5.607 2.226   2.600  1.00 0.00 ? 5  MET A CG   2  
ATOM 272  S SD   . MET A 1 5  ? -7.194 2.958   2.155  1.00 0.00 ? 5  MET A SD   2  
ATOM 273  C CE   . MET A 1 5  ? -8.219 2.395   3.512  1.00 0.00 ? 5  MET A CE   2  
ATOM 274  H H    . MET A 1 5  ? -4.367 0.111   0.831  1.00 0.00 ? 5  MET A H    2  
ATOM 275  H HA   . MET A 1 5  ? -5.833 2.388   -0.089 1.00 0.00 ? 5  MET A HA   2  
ATOM 276  H HB2  . MET A 1 5  ? -3.604 2.048   1.920  1.00 0.00 ? 5  MET A HB2  2  
ATOM 277  H HB3  . MET A 1 5  ? -4.354 3.604   1.577  1.00 0.00 ? 5  MET A HB3  2  
ATOM 278  H HG2  . MET A 1 5  ? -5.727 1.155   2.666  1.00 0.00 ? 5  MET A HG2  2  
ATOM 279  H HG3  . MET A 1 5  ? -5.307 2.612   3.564  1.00 0.00 ? 5  MET A HG3  2  
ATOM 280  H HE1  . MET A 1 5  ? -9.229 2.750   3.370  1.00 0.00 ? 5  MET A HE1  2  
ATOM 281  H HE2  . MET A 1 5  ? -7.828 2.781   4.442  1.00 0.00 ? 5  MET A HE2  2  
ATOM 282  H HE3  . MET A 1 5  ? -8.217 1.316   3.541  1.00 0.00 ? 5  MET A HE3  2  
ATOM 283  N N    . LYS A 1 6  ? -4.228 3.782   -1.429 1.00 0.00 ? 6  LYS A N    2  
ATOM 284  C CA   . LYS A 1 6  ? -3.378 4.454   -2.406 1.00 0.00 ? 6  LYS A CA   2  
ATOM 285  C C    . LYS A 1 6  ? -2.195 5.144   -1.729 1.00 0.00 ? 6  LYS A C    2  
ATOM 286  O O    . LYS A 1 6  ? -1.242 5.553   -2.392 1.00 0.00 ? 6  LYS A O    2  
ATOM 287  C CB   . LYS A 1 6  ? -4.196 5.479   -3.199 1.00 0.00 ? 6  LYS A CB   2  
ATOM 288  C CG   . LYS A 1 6  ? -3.436 6.115   -4.356 1.00 0.00 ? 6  LYS A CG   2  
ATOM 289  C CD   . LYS A 1 6  ? -2.985 5.077   -5.374 1.00 0.00 ? 6  LYS A CD   2  
ATOM 290  C CE   . LYS A 1 6  ? -4.168 4.391   -6.038 1.00 0.00 ? 6  LYS A CE   2  
ATOM 291  N NZ   . LYS A 1 6  ? -5.054 5.363   -6.739 1.00 0.00 ? 6  LYS A NZ   2  
ATOM 292  H H    . LYS A 1 6  ? -5.103 4.164   -1.216 1.00 0.00 ? 6  LYS A H    2  
ATOM 293  H HA   . LYS A 1 6  ? -3.001 3.706   -3.087 1.00 0.00 ? 6  LYS A HA   2  
ATOM 294  H HB2  . LYS A 1 6  ? -5.072 4.989   -3.598 1.00 0.00 ? 6  LYS A HB2  2  
ATOM 295  H HB3  . LYS A 1 6  ? -4.511 6.264   -2.528 1.00 0.00 ? 6  LYS A HB3  2  
ATOM 296  H HG2  . LYS A 1 6  ? -4.083 6.827   -4.847 1.00 0.00 ? 6  LYS A HG2  2  
ATOM 297  H HG3  . LYS A 1 6  ? -2.568 6.625   -3.964 1.00 0.00 ? 6  LYS A HG3  2  
ATOM 298  H HD2  . LYS A 1 6  ? -2.393 5.569   -6.134 1.00 0.00 ? 6  LYS A HD2  2  
ATOM 299  H HD3  . LYS A 1 6  ? -2.383 4.335   -4.872 1.00 0.00 ? 6  LYS A HD3  2  
ATOM 300  H HE2  . LYS A 1 6  ? -3.796 3.673   -6.756 1.00 0.00 ? 6  LYS A HE2  2  
ATOM 301  H HE3  . LYS A 1 6  ? -4.740 3.877   -5.280 1.00 0.00 ? 6  LYS A HE3  2  
ATOM 302  H HZ1  . LYS A 1 6  ? -5.851 4.863   -7.183 1.00 0.00 ? 6  LYS A HZ1  2  
ATOM 303  H HZ2  . LYS A 1 6  ? -4.519 5.865   -7.478 1.00 0.00 ? 6  LYS A HZ2  2  
ATOM 304  H HZ3  . LYS A 1 6  ? -5.426 6.058   -6.063 1.00 0.00 ? 6  LYS A HZ3  2  
ATOM 305  N N    . GLY A 1 7  ? -2.262 5.263   -0.408 1.00 0.00 ? 7  GLY A N    2  
ATOM 306  C CA   . GLY A 1 7  ? -1.190 5.904   0.331  1.00 0.00 ? 7  GLY A CA   2  
ATOM 307  C C    . GLY A 1 7  ? -1.053 5.364   1.740  1.00 0.00 ? 7  GLY A C    2  
ATOM 308  O O    . GLY A 1 7  ? -1.793 5.764   2.639  1.00 0.00 ? 7  GLY A O    2  
ATOM 309  H H    . GLY A 1 7  ? -3.044 4.915   0.068  1.00 0.00 ? 7  GLY A H    2  
ATOM 310  H HA2  . GLY A 1 7  ? -0.260 5.745   -0.195 1.00 0.00 ? 7  GLY A HA2  2  
ATOM 311  H HA3  . GLY A 1 7  ? -1.386 6.965   0.381  1.00 0.00 ? 7  GLY A HA3  2  
ATOM 312  N N    . LEU A 1 8  ? -0.103 4.454   1.934  1.00 0.00 ? 8  LEU A N    2  
ATOM 313  C CA   . LEU A 1 8  ? 0.127  3.859   3.244  1.00 0.00 ? 8  LEU A CA   2  
ATOM 314  C C    . LEU A 1 8  ? 1.543  3.298   3.346  1.00 0.00 ? 8  LEU A C    2  
ATOM 315  O O    . LEU A 1 8  ? 2.161  3.342   4.410  1.00 0.00 ? 8  LEU A O    2  
ATOM 316  C CB   . LEU A 1 8  ? -0.902 2.756   3.521  1.00 0.00 ? 8  LEU A CB   2  
ATOM 317  C CG   . LEU A 1 8  ? -0.690 1.444   2.755  1.00 0.00 ? 8  LEU A CG   2  
ATOM 318  C CD1  . LEU A 1 8  ? -1.697 0.398   3.207  1.00 0.00 ? 8  LEU A CD1  2  
ATOM 319  C CD2  . LEU A 1 8  ? -0.795 1.670   1.252  1.00 0.00 ? 8  LEU A CD2  2  
ATOM 320  H H    . LEU A 1 8  ? 0.453  4.175   1.176  1.00 0.00 ? 8  LEU A H    2  
ATOM 321  H HA   . LEU A 1 8  ? 0.012  4.639   3.983  1.00 0.00 ? 8  LEU A HA   2  
ATOM 322  H HB2  . LEU A 1 8  ? -0.881 2.537   4.578  1.00 0.00 ? 8  LEU A HB2  2  
ATOM 323  H HB3  . LEU A 1 8  ? -1.880 3.137   3.270  1.00 0.00 ? 8  LEU A HB3  2  
ATOM 324  H HG   . LEU A 1 8  ? 0.300  1.067   2.969  1.00 0.00 ? 8  LEU A HG   2  
ATOM 325  H HD11 . LEU A 1 8  ? -1.530 -0.519  2.663  1.00 0.00 ? 8  LEU A HD11 2  
ATOM 326  H HD12 . LEU A 1 8  ? -2.698 0.755   3.014  1.00 0.00 ? 8  LEU A HD12 2  
ATOM 327  H HD13 . LEU A 1 8  ? -1.577 0.215   4.265  1.00 0.00 ? 8  LEU A HD13 2  
ATOM 328  H HD21 . LEU A 1 8  ? -0.712 0.722   0.741  1.00 0.00 ? 8  LEU A HD21 2  
ATOM 329  H HD22 . LEU A 1 8  ? 0.001  2.324   0.931  1.00 0.00 ? 8  LEU A HD22 2  
ATOM 330  H HD23 . LEU A 1 8  ? -1.748 2.122   1.023  1.00 0.00 ? 8  LEU A HD23 2  
ATOM 331  N N    . SER A 1 9  ? 2.050  2.772   2.234  1.00 0.00 ? 9  SER A N    2  
ATOM 332  C CA   . SER A 1 9  ? 3.392  2.199   2.201  1.00 0.00 ? 9  SER A CA   2  
ATOM 333  C C    . SER A 1 9  ? 3.798  1.827   0.776  1.00 0.00 ? 9  SER A C    2  
ATOM 334  O O    . SER A 1 9  ? 4.940  2.046   0.375  1.00 0.00 ? 9  SER A O    2  
ATOM 335  C CB   . SER A 1 9  ? 3.465  0.959   3.098  1.00 0.00 ? 9  SER A CB   2  
ATOM 336  O OG   . SER A 1 9  ? 4.764  0.398   3.090  1.00 0.00 ? 9  SER A OG   2  
ATOM 337  H H    . SER A 1 9  ? 1.510  2.768   1.417  1.00 0.00 ? 9  SER A H    2  
ATOM 338  H HA   . SER A 1 9  ? 4.079  2.941   2.576  1.00 0.00 ? 9  SER A HA   2  
ATOM 339  H HB2  . SER A 1 9  ? 3.212  1.236   4.111  1.00 0.00 ? 9  SER A HB2  2  
ATOM 340  H HB3  . SER A 1 9  ? 2.762  0.219   2.742  1.00 0.00 ? 9  SER A HB3  2  
ATOM 341  H HG   . SER A 1 9  ? 4.759  -0.415  2.578  1.00 0.00 ? 9  SER A HG   2  
ATOM 342  N N    . LYS A 1 10 ? 2.855  1.270   0.020  1.00 0.00 ? 10 LYS A N    2  
ATOM 343  C CA   . LYS A 1 10 ? 3.117  0.865   -1.357 1.00 0.00 ? 10 LYS A CA   2  
ATOM 344  C C    . LYS A 1 10 ? 4.348  -0.033  -1.444 1.00 0.00 ? 10 LYS A C    2  
ATOM 345  O O    . LYS A 1 10 ? 5.431  0.413   -1.826 1.00 0.00 ? 10 LYS A O    2  
ATOM 346  C CB   . LYS A 1 10 ? 3.300  2.095   -2.250 1.00 0.00 ? 10 LYS A CB   2  
ATOM 347  C CG   . LYS A 1 10 ? 2.013  2.869   -2.483 1.00 0.00 ? 10 LYS A CG   2  
ATOM 348  C CD   . LYS A 1 10 ? 1.017  2.060   -3.299 1.00 0.00 ? 10 LYS A CD   2  
ATOM 349  C CE   . LYS A 1 10 ? -0.415 2.419   -2.941 1.00 0.00 ? 10 LYS A CE   2  
ATOM 350  N NZ   . LYS A 1 10 ? -1.398 1.615   -3.718 1.00 0.00 ? 10 LYS A NZ   2  
ATOM 351  H H    . LYS A 1 10 ? 1.959  1.132   0.396  1.00 0.00 ? 10 LYS A H    2  
ATOM 352  H HA   . LYS A 1 10 ? 2.259  0.307   -1.704 1.00 0.00 ? 10 LYS A HA   2  
ATOM 353  H HB2  . LYS A 1 10 ? 4.016  2.759   -1.786 1.00 0.00 ? 10 LYS A HB2  2  
ATOM 354  H HB3  . LYS A 1 10 ? 3.683  1.778   -3.208 1.00 0.00 ? 10 LYS A HB3  2  
ATOM 355  H HG2  . LYS A 1 10 ? 1.570  3.110   -1.527 1.00 0.00 ? 10 LYS A HG2  2  
ATOM 356  H HG3  . LYS A 1 10 ? 2.244  3.781   -3.015 1.00 0.00 ? 10 LYS A HG3  2  
ATOM 357  H HD2  . LYS A 1 10 ? 1.176  2.263   -4.347 1.00 0.00 ? 10 LYS A HD2  2  
ATOM 358  H HD3  . LYS A 1 10 ? 1.175  1.009   -3.104 1.00 0.00 ? 10 LYS A HD3  2  
ATOM 359  H HE2  . LYS A 1 10 ? -0.564 2.235   -1.887 1.00 0.00 ? 10 LYS A HE2  2  
ATOM 360  H HE3  . LYS A 1 10 ? -0.573 3.467   -3.151 1.00 0.00 ? 10 LYS A HE3  2  
ATOM 361  H HZ1  . LYS A 1 10 ? -1.272 1.782   -4.737 1.00 0.00 ? 10 LYS A HZ1  2  
ATOM 362  H HZ2  . LYS A 1 10 ? -2.368 1.882   -3.452 1.00 0.00 ? 10 LYS A HZ2  2  
ATOM 363  H HZ3  . LYS A 1 10 ? -1.264 0.602   -3.525 1.00 0.00 ? 10 LYS A HZ3  2  
ATOM 364  N N    . ALA A 1 11 ? 4.174  -1.301  -1.082 1.00 0.00 ? 11 ALA A N    2  
ATOM 365  C CA   . ALA A 1 11 ? 5.266  -2.267  -1.121 1.00 0.00 ? 11 ALA A CA   2  
ATOM 366  C C    . ALA A 1 11 ? 5.101  -3.223  -2.297 1.00 0.00 ? 11 ALA A C    2  
ATOM 367  O O    . ALA A 1 11 ? 6.083  -3.717  -2.853 1.00 0.00 ? 11 ALA A O    2  
ATOM 368  C CB   . ALA A 1 11 ? 5.336  -3.042  0.187  1.00 0.00 ? 11 ALA A CB   2  
ATOM 369  H H    . ALA A 1 11 ? 3.285  -1.597  -0.788 1.00 0.00 ? 11 ALA A H    2  
ATOM 370  H HA   . ALA A 1 11 ? 6.189  -1.721  -1.240 1.00 0.00 ? 11 ALA A HA   2  
ATOM 371  H HB1  . ALA A 1 11 ? 5.461  -2.351  1.007  1.00 0.00 ? 11 ALA A HB1  2  
ATOM 372  H HB2  . ALA A 1 11 ? 6.174  -3.722  0.158  1.00 0.00 ? 11 ALA A HB2  2  
ATOM 373  H HB3  . ALA A 1 11 ? 4.424  -3.603  0.322  1.00 0.00 ? 11 ALA A HB3  2  
ATOM 374  N N    . LYS A 1 12 ? 3.850  -3.479  -2.667 1.00 0.00 ? 12 LYS A N    2  
ATOM 375  C CA   . LYS A 1 12 ? 3.544  -4.373  -3.778 1.00 0.00 ? 12 LYS A CA   2  
ATOM 376  C C    . LYS A 1 12 ? 4.098  -3.823  -5.089 1.00 0.00 ? 12 LYS A C    2  
ATOM 377  O O    . LYS A 1 12 ? 5.236  -4.189  -5.448 1.00 0.00 ? 12 LYS A O    2  
ATOM 378  C CB   . LYS A 1 12 ? 2.030  -4.571  -3.894 1.00 0.00 ? 12 LYS A CB   2  
ATOM 379  C CG   . LYS A 1 12 ? 1.458  -5.599  -2.928 1.00 0.00 ? 12 LYS A CG   2  
ATOM 380  C CD   . LYS A 1 12 ? 1.566  -5.143  -1.483 1.00 0.00 ? 12 LYS A CD   2  
ATOM 381  C CE   . LYS A 1 12 ? 2.788  -5.742  -0.808 1.00 0.00 ? 12 LYS A CE   2  
ATOM 382  N NZ   . LYS A 1 12 ? 2.809  -5.468  0.654  1.00 0.00 ? 12 LYS A NZ   2  
ATOM 383  O OXT  . LYS A 1 12 ? 3.390  -3.029  -5.743 1.00 0.00 ? 12 LYS A OXT  2  
ATOM 384  H H    . LYS A 1 12 ? 3.113  -3.056  -2.179 1.00 0.00 ? 12 LYS A H    2  
ATOM 385  H HA   . LYS A 1 12 ? 4.007  -5.326  -3.575 1.00 0.00 ? 12 LYS A HA   2  
ATOM 386  H HB2  . LYS A 1 12 ? 1.542  -3.626  -3.705 1.00 0.00 ? 12 LYS A HB2  2  
ATOM 387  H HB3  . LYS A 1 12 ? 1.798  -4.888  -4.900 1.00 0.00 ? 12 LYS A HB3  2  
ATOM 388  H HG2  . LYS A 1 12 ? 0.418  -5.764  -3.164 1.00 0.00 ? 12 LYS A HG2  2  
ATOM 389  H HG3  . LYS A 1 12 ? 2.005  -6.525  -3.039 1.00 0.00 ? 12 LYS A HG3  2  
ATOM 390  H HD2  . LYS A 1 12 ? 1.645  -4.065  -1.461 1.00 0.00 ? 12 LYS A HD2  2  
ATOM 391  H HD3  . LYS A 1 12 ? 0.678  -5.453  -0.948 1.00 0.00 ? 12 LYS A HD3  2  
ATOM 392  H HE2  . LYS A 1 12 ? 2.781  -6.809  -0.970 1.00 0.00 ? 12 LYS A HE2  2  
ATOM 393  H HE3  . LYS A 1 12 ? 3.675  -5.317  -1.257 1.00 0.00 ? 12 LYS A HE3  2  
ATOM 394  H HZ1  . LYS A 1 12 ? 3.660  -5.882  1.084  1.00 0.00 ? 12 LYS A HZ1  2  
ATOM 395  H HZ2  . LYS A 1 12 ? 1.968  -5.883  1.107  1.00 0.00 ? 12 LYS A HZ2  2  
ATOM 396  H HZ3  . LYS A 1 12 ? 2.810  -4.444  0.826  1.00 0.00 ? 12 LYS A HZ3  2  
ATOM 397  N N    . MET A 1 1  ? -0.755 -7.194  4.084  1.00 0.00 ? 1  MET A N    3  
ATOM 398  C CA   . MET A 1 1  ? 0.154  -6.416  3.203  1.00 0.00 ? 1  MET A CA   3  
ATOM 399  C C    . MET A 1 1  ? -0.198 -4.934  3.238  1.00 0.00 ? 1  MET A C    3  
ATOM 400  O O    . MET A 1 1  ? -0.876 -4.466  4.152  1.00 0.00 ? 1  MET A O    3  
ATOM 401  C CB   . MET A 1 1  ? 0.061  -6.924  1.762  1.00 0.00 ? 1  MET A CB   3  
ATOM 402  C CG   . MET A 1 1  ? 0.060  -8.439  1.645  1.00 0.00 ? 1  MET A CG   3  
ATOM 403  S SD   . MET A 1 1  ? 0.287  -9.003  -0.053 1.00 0.00 ? 1  MET A SD   3  
ATOM 404  C CE   . MET A 1 1  ? 0.335  -10.778 0.186  1.00 0.00 ? 1  MET A CE   3  
ATOM 405  H H1   . MET A 1 1  ? -1.743 -7.068  3.780  1.00 0.00 ? 1  MET A H1   3  
ATOM 406  H H2   . MET A 1 1  ? -0.664 -6.871  5.070  1.00 0.00 ? 1  MET A H2   3  
ATOM 407  H H3   . MET A 1 1  ? -0.518 -8.206  4.040  1.00 0.00 ? 1  MET A H3   3  
ATOM 408  H HA   . MET A 1 1  ? 1.166  -6.544  3.561  1.00 0.00 ? 1  MET A HA   3  
ATOM 409  H HB2  . MET A 1 1  ? -0.851 -6.549  1.322  1.00 0.00 ? 1  MET A HB2  3  
ATOM 410  H HB3  . MET A 1 1  ? 0.903  -6.541  1.203  1.00 0.00 ? 1  MET A HB3  3  
ATOM 411  H HG2  . MET A 1 1  ? 0.861  -8.835  2.252  1.00 0.00 ? 1  MET A HG2  3  
ATOM 412  H HG3  . MET A 1 1  ? -0.884 -8.810  2.009  1.00 0.00 ? 1  MET A HG3  3  
ATOM 413  H HE1  . MET A 1 1  ? -0.588 -11.105 0.645  1.00 0.00 ? 1  MET A HE1  3  
ATOM 414  H HE2  . MET A 1 1  ? 1.165  -11.032 0.827  1.00 0.00 ? 1  MET A HE2  3  
ATOM 415  H HE3  . MET A 1 1  ? 0.454  -11.266 -0.770 1.00 0.00 ? 1  MET A HE3  3  
ATOM 416  N N    . ASP A 1 2  ? 0.273  -4.201  2.235  1.00 0.00 ? 2  ASP A N    3  
ATOM 417  C CA   . ASP A 1 2  ? 0.006  -2.771  2.136  1.00 0.00 ? 2  ASP A CA   3  
ATOM 418  C C    . ASP A 1 2  ? -0.041 -2.335  0.676  1.00 0.00 ? 2  ASP A C    3  
ATOM 419  O O    . ASP A 1 2  ? 0.969  -1.926  0.100  1.00 0.00 ? 2  ASP A O    3  
ATOM 420  C CB   . ASP A 1 2  ? 1.072  -1.976  2.896  1.00 0.00 ? 2  ASP A CB   3  
ATOM 421  C CG   . ASP A 1 2  ? 2.479  -2.447  2.588  1.00 0.00 ? 2  ASP A CG   3  
ATOM 422  O OD1  . ASP A 1 2  ? 2.946  -3.394  3.254  1.00 0.00 ? 2  ASP A OD1  3  
ATOM 423  O OD2  . ASP A 1 2  ? 3.113  -1.871  1.681  1.00 0.00 ? 2  ASP A OD2  3  
ATOM 424  H H    . ASP A 1 2  ? 0.815  -4.632  1.542  1.00 0.00 ? 2  ASP A H    3  
ATOM 425  H HA   . ASP A 1 2  ? -0.959 -2.587  2.582  1.00 0.00 ? 2  ASP A HA   3  
ATOM 426  H HB2  . ASP A 1 2  ? 0.994  -0.934  2.625  1.00 0.00 ? 2  ASP A HB2  3  
ATOM 427  H HB3  . ASP A 1 2  ? 0.899  -2.081  3.958  1.00 0.00 ? 2  ASP A HB3  3  
ATOM 428  N N    . VAL A 1 3  ? -1.225 -2.426  0.084  1.00 0.00 ? 3  VAL A N    3  
ATOM 429  C CA   . VAL A 1 3  ? -1.422 -2.058  -1.312 1.00 0.00 ? 3  VAL A CA   3  
ATOM 430  C C    . VAL A 1 3  ? -2.860 -1.601  -1.556 1.00 0.00 ? 3  VAL A C    3  
ATOM 431  O O    . VAL A 1 3  ? -3.148 -0.909  -2.534 1.00 0.00 ? 3  VAL A O    3  
ATOM 432  C CB   . VAL A 1 3  ? -1.082 -3.245  -2.240 1.00 0.00 ? 3  VAL A CB   3  
ATOM 433  C CG1  . VAL A 1 3  ? -1.697 -4.530  -1.704 1.00 0.00 ? 3  VAL A CG1  3  
ATOM 434  C CG2  . VAL A 1 3  ? -1.536 -2.983  -3.669 1.00 0.00 ? 3  VAL A CG2  3  
ATOM 435  H H    . VAL A 1 3  ? -1.992 -2.750  0.601  1.00 0.00 ? 3  VAL A H    3  
ATOM 436  H HA   . VAL A 1 3  ? -0.750 -1.244  -1.542 1.00 0.00 ? 3  VAL A HA   3  
ATOM 437  H HB   . VAL A 1 3  ? -0.008 -3.369  -2.246 1.00 0.00 ? 3  VAL A HB   3  
ATOM 438  H HG11 . VAL A 1 3  ? -2.764 -4.402  -1.597 1.00 0.00 ? 3  VAL A HG11 3  
ATOM 439  H HG12 . VAL A 1 3  ? -1.261 -4.763  -0.741 1.00 0.00 ? 3  VAL A HG12 3  
ATOM 440  H HG13 . VAL A 1 3  ? -1.498 -5.337  -2.392 1.00 0.00 ? 3  VAL A HG13 3  
ATOM 441  H HG21 . VAL A 1 3  ? -2.611 -2.876  -3.692 1.00 0.00 ? 3  VAL A HG21 3  
ATOM 442  H HG22 . VAL A 1 3  ? -1.245 -3.812  -4.296 1.00 0.00 ? 3  VAL A HG22 3  
ATOM 443  H HG23 . VAL A 1 3  ? -1.076 -2.077  -4.034 1.00 0.00 ? 3  VAL A HG23 3  
ATOM 444  N N    . PHE A 1 4  ? -3.751 -1.980  -0.647 1.00 0.00 ? 4  PHE A N    3  
ATOM 445  C CA   . PHE A 1 4  ? -5.163 -1.614  -0.755 1.00 0.00 ? 4  PHE A CA   3  
ATOM 446  C C    . PHE A 1 4  ? -5.316 -0.103  -0.860 1.00 0.00 ? 4  PHE A C    3  
ATOM 447  O O    . PHE A 1 4  ? -5.803 0.417   -1.865 1.00 0.00 ? 4  PHE A O    3  
ATOM 448  C CB   . PHE A 1 4  ? -5.958 -2.123  0.455  1.00 0.00 ? 4  PHE A CB   3  
ATOM 449  C CG   . PHE A 1 4  ? -5.263 -3.197  1.243  1.00 0.00 ? 4  PHE A CG   3  
ATOM 450  C CD1  . PHE A 1 4  ? -4.304 -2.866  2.186  1.00 0.00 ? 4  PHE A CD1  3  
ATOM 451  C CD2  . PHE A 1 4  ? -5.566 -4.534  1.039  1.00 0.00 ? 4  PHE A CD2  3  
ATOM 452  C CE1  . PHE A 1 4  ? -3.660 -3.845  2.912  1.00 0.00 ? 4  PHE A CE1  3  
ATOM 453  C CE2  . PHE A 1 4  ? -4.924 -5.520  1.765  1.00 0.00 ? 4  PHE A CE2  3  
ATOM 454  C CZ   . PHE A 1 4  ? -3.967 -5.176  2.701  1.00 0.00 ? 4  PHE A CZ   3  
ATOM 455  H H    . PHE A 1 4  ? -3.449 -2.514  0.116  1.00 0.00 ? 4  PHE A H    3  
ATOM 456  H HA   . PHE A 1 4  ? -5.555 -2.068  -1.652 1.00 0.00 ? 4  PHE A HA   3  
ATOM 457  H HB2  . PHE A 1 4  ? -6.145 -1.295  1.122  1.00 0.00 ? 4  PHE A HB2  3  
ATOM 458  H HB3  . PHE A 1 4  ? -6.903 -2.520  0.111  1.00 0.00 ? 4  PHE A HB3  3  
ATOM 459  H HD1  . PHE A 1 4  ? -4.062 -1.826  2.354  1.00 0.00 ? 4  PHE A HD1  3  
ATOM 460  H HD2  . PHE A 1 4  ? -6.310 -4.803  0.306  1.00 0.00 ? 4  PHE A HD2  3  
ATOM 461  H HE1  . PHE A 1 4  ? -2.913 -3.570  3.641  1.00 0.00 ? 4  PHE A HE1  3  
ATOM 462  H HE2  . PHE A 1 4  ? -5.166 -6.559  1.598  1.00 0.00 ? 4  PHE A HE2  3  
ATOM 463  H HZ   . PHE A 1 4  ? -3.465 -5.944  3.269  1.00 0.00 ? 4  PHE A HZ   3  
ATOM 464  N N    . MET A 1 5  ? -4.900 0.594   0.190  1.00 0.00 ? 5  MET A N    3  
ATOM 465  C CA   . MET A 1 5  ? -4.981 2.047   0.229  1.00 0.00 ? 5  MET A CA   3  
ATOM 466  C C    . MET A 1 5  ? -4.036 2.672   -0.791 1.00 0.00 ? 5  MET A C    3  
ATOM 467  O O    . MET A 1 5  ? -3.000 2.099   -1.123 1.00 0.00 ? 5  MET A O    3  
ATOM 468  C CB   . MET A 1 5  ? -4.651 2.550   1.636  1.00 0.00 ? 5  MET A CB   3  
ATOM 469  C CG   . MET A 1 5  ? -5.749 2.269   2.649  1.00 0.00 ? 5  MET A CG   3  
ATOM 470  S SD   . MET A 1 5  ? -7.325 3.009   2.185  1.00 0.00 ? 5  MET A SD   3  
ATOM 471  C CE   . MET A 1 5  ? -8.379 2.423   3.508  1.00 0.00 ? 5  MET A CE   3  
ATOM 472  H H    . MET A 1 5  ? -4.528 0.117   0.963  1.00 0.00 ? 5  MET A H    3  
ATOM 473  H HA   . MET A 1 5  ? -5.994 2.329   -0.014 1.00 0.00 ? 5  MET A HA   3  
ATOM 474  H HB2  . MET A 1 5  ? -3.746 2.064   1.975  1.00 0.00 ? 5  MET A HB2  3  
ATOM 475  H HB3  . MET A 1 5  ? -4.489 3.616   1.598  1.00 0.00 ? 5  MET A HB3  3  
ATOM 476  H HG2  . MET A 1 5  ? -5.879 1.201   2.730  1.00 0.00 ? 5  MET A HG2  3  
ATOM 477  H HG3  . MET A 1 5  ? -5.447 2.668   3.606  1.00 0.00 ? 5  MET A HG3  3  
ATOM 478  H HE1  . MET A 1 5  ? -8.415 1.343   3.487  1.00 0.00 ? 5  MET A HE1  3  
ATOM 479  H HE2  . MET A 1 5  ? -9.375 2.819   3.377  1.00 0.00 ? 5  MET A HE2  3  
ATOM 480  H HE3  . MET A 1 5  ? -7.982 2.752   4.457  1.00 0.00 ? 5  MET A HE3  3  
ATOM 481  N N    . LYS A 1 6  ? -4.405 3.850   -1.286 1.00 0.00 ? 6  LYS A N    3  
ATOM 482  C CA   . LYS A 1 6  ? -3.598 4.555   -2.276 1.00 0.00 ? 6  LYS A CA   3  
ATOM 483  C C    . LYS A 1 6  ? -2.425 5.276   -1.620 1.00 0.00 ? 6  LYS A C    3  
ATOM 484  O O    . LYS A 1 6  ? -1.569 5.838   -2.306 1.00 0.00 ? 6  LYS A O    3  
ATOM 485  C CB   . LYS A 1 6  ? -4.463 5.561   -3.042 1.00 0.00 ? 6  LYS A CB   3  
ATOM 486  C CG   . LYS A 1 6  ? -5.572 4.916   -3.863 1.00 0.00 ? 6  LYS A CG   3  
ATOM 487  C CD   . LYS A 1 6  ? -5.018 4.014   -4.958 1.00 0.00 ? 6  LYS A CD   3  
ATOM 488  C CE   . LYS A 1 6  ? -4.179 4.793   -5.961 1.00 0.00 ? 6  LYS A CE   3  
ATOM 489  N NZ   . LYS A 1 6  ? -4.944 5.910   -6.579 1.00 0.00 ? 6  LYS A NZ   3  
ATOM 490  H H    . LYS A 1 6  ? -5.242 4.254   -0.977 1.00 0.00 ? 6  LYS A H    3  
ATOM 491  H HA   . LYS A 1 6  ? -3.214 3.826   -2.971 1.00 0.00 ? 6  LYS A HA   3  
ATOM 492  H HB2  . LYS A 1 6  ? -4.917 6.236   -2.334 1.00 0.00 ? 6  LYS A HB2  3  
ATOM 493  H HB3  . LYS A 1 6  ? -3.831 6.125   -3.711 1.00 0.00 ? 6  LYS A HB3  3  
ATOM 494  H HG2  . LYS A 1 6  ? -6.192 4.325   -3.206 1.00 0.00 ? 6  LYS A HG2  3  
ATOM 495  H HG3  . LYS A 1 6  ? -6.167 5.695   -4.317 1.00 0.00 ? 6  LYS A HG3  3  
ATOM 496  H HD2  . LYS A 1 6  ? -4.403 3.251   -4.506 1.00 0.00 ? 6  LYS A HD2  3  
ATOM 497  H HD3  . LYS A 1 6  ? -5.844 3.551   -5.479 1.00 0.00 ? 6  LYS A HD3  3  
ATOM 498  H HE2  . LYS A 1 6  ? -3.319 5.198   -5.449 1.00 0.00 ? 6  LYS A HE2  3  
ATOM 499  H HE3  . LYS A 1 6  ? -3.850 4.118   -6.737 1.00 0.00 ? 6  LYS A HE3  3  
ATOM 500  H HZ1  . LYS A 1 6  ? -5.265 6.574   -5.847 1.00 0.00 ? 6  LYS A HZ1  3  
ATOM 501  H HZ2  . LYS A 1 6  ? -5.777 5.538   -7.083 1.00 0.00 ? 6  LYS A HZ2  3  
ATOM 502  H HZ3  . LYS A 1 6  ? -4.345 6.422   -7.257 1.00 0.00 ? 6  LYS A HZ3  3  
ATOM 503  N N    . GLY A 1 7  ? -2.392 5.259   -0.293 1.00 0.00 ? 7  GLY A N    3  
ATOM 504  C CA   . GLY A 1 7  ? -1.318 5.917   0.431  1.00 0.00 ? 7  GLY A CA   3  
ATOM 505  C C    . GLY A 1 7  ? -1.077 5.299   1.793  1.00 0.00 ? 7  GLY A C    3  
ATOM 506  O O    . GLY A 1 7  ? -1.807 5.576   2.745  1.00 0.00 ? 7  GLY A O    3  
ATOM 507  H H    . GLY A 1 7  ? -3.100 4.796   0.200  1.00 0.00 ? 7  GLY A H    3  
ATOM 508  H HA2  . GLY A 1 7  ? -0.410 5.848   -0.150 1.00 0.00 ? 7  GLY A HA2  3  
ATOM 509  H HA3  . GLY A 1 7  ? -1.571 6.959   0.560  1.00 0.00 ? 7  GLY A HA3  3  
ATOM 510  N N    . LEU A 1 8  ? -0.048 4.462   1.889  1.00 0.00 ? 8  LEU A N    3  
ATOM 511  C CA   . LEU A 1 8  ? 0.284  3.802   3.147  1.00 0.00 ? 8  LEU A CA   3  
ATOM 512  C C    . LEU A 1 8  ? 1.723  3.294   3.145  1.00 0.00 ? 8  LEU A C    3  
ATOM 513  O O    . LEU A 1 8  ? 2.413  3.364   4.163  1.00 0.00 ? 8  LEU A O    3  
ATOM 514  C CB   . LEU A 1 8  ? -0.686 2.642   3.415  1.00 0.00 ? 8  LEU A CB   3  
ATOM 515  C CG   . LEU A 1 8  ? -0.540 1.422   2.496  1.00 0.00 ? 8  LEU A CG   3  
ATOM 516  C CD1  . LEU A 1 8  ? -1.497 0.322   2.923  1.00 0.00 ? 8  LEU A CD1  3  
ATOM 517  C CD2  . LEU A 1 8  ? -0.787 1.798   1.042  1.00 0.00 ? 8  LEU A CD2  3  
ATOM 518  H H    . LEU A 1 8  ? 0.500  4.285   1.096  1.00 0.00 ? 8  LEU A H    3  
ATOM 519  H HA   . LEU A 1 8  ? 0.178  4.532   3.936  1.00 0.00 ? 8  LEU A HA   3  
ATOM 520  H HB2  . LEU A 1 8  ? -0.542 2.314   4.434  1.00 0.00 ? 8  LEU A HB2  3  
ATOM 521  H HB3  . LEU A 1 8  ? -1.694 3.018   3.316  1.00 0.00 ? 8  LEU A HB3  3  
ATOM 522  H HG   . LEU A 1 8  ? 0.466  1.037   2.576  1.00 0.00 ? 8  LEU A HG   3  
ATOM 523  H HD11 . LEU A 1 8  ? -1.423 -0.509  2.237  1.00 0.00 ? 8  LEU A HD11 3  
ATOM 524  H HD12 . LEU A 1 8  ? -2.507 0.700   2.919  1.00 0.00 ? 8  LEU A HD12 3  
ATOM 525  H HD13 . LEU A 1 8  ? -1.242 -0.013  3.918  1.00 0.00 ? 8  LEU A HD13 3  
ATOM 526  H HD21 . LEU A 1 8  ? -0.780 0.906   0.432  1.00 0.00 ? 8  LEU A HD21 3  
ATOM 527  H HD22 . LEU A 1 8  ? -0.010 2.471   0.705  1.00 0.00 ? 8  LEU A HD22 3  
ATOM 528  H HD23 . LEU A 1 8  ? -1.746 2.289   0.954  1.00 0.00 ? 8  LEU A HD23 3  
ATOM 529  N N    . SER A 1 9  ? 2.175  2.789   1.999  1.00 0.00 ? 9  SER A N    3  
ATOM 530  C CA   . SER A 1 9  ? 3.535  2.271   1.878  1.00 0.00 ? 9  SER A CA   3  
ATOM 531  C C    . SER A 1 9  ? 3.864  1.916   0.430  1.00 0.00 ? 9  SER A C    3  
ATOM 532  O O    . SER A 1 9  ? 4.940  2.254   -0.066 1.00 0.00 ? 9  SER A O    3  
ATOM 533  C CB   . SER A 1 9  ? 3.714  1.037   2.766  1.00 0.00 ? 9  SER A CB   3  
ATOM 534  O OG   . SER A 1 9  ? 5.024  0.510   2.647  1.00 0.00 ? 9  SER A OG   3  
ATOM 535  H H    . SER A 1 9  ? 1.580  2.762   1.220  1.00 0.00 ? 9  SER A H    3  
ATOM 536  H HA   . SER A 1 9  ? 4.212  3.041   2.211  1.00 0.00 ? 9  SER A HA   3  
ATOM 537  H HB2  . SER A 1 9  ? 3.540  1.308   3.794  1.00 0.00 ? 9  SER A HB2  3  
ATOM 538  H HB3  . SER A 1 9  ? 3.006  0.277   2.469  1.00 0.00 ? 9  SER A HB3  3  
ATOM 539  H HG   . SER A 1 9  ? 4.987  -0.348  2.217  1.00 0.00 ? 9  SER A HG   3  
ATOM 540  N N    . LYS A 1 10 ? 2.936  1.237   -0.240 1.00 0.00 ? 10 LYS A N    3  
ATOM 541  C CA   . LYS A 1 10 ? 3.140  0.832   -1.627 1.00 0.00 ? 10 LYS A CA   3  
ATOM 542  C C    . LYS A 1 10 ? 4.440  0.050   -1.786 1.00 0.00 ? 10 LYS A C    3  
ATOM 543  O O    . LYS A 1 10 ? 5.388  0.517   -2.419 1.00 0.00 ? 10 LYS A O    3  
ATOM 544  C CB   . LYS A 1 10 ? 3.149  2.056   -2.546 1.00 0.00 ? 10 LYS A CB   3  
ATOM 545  C CG   . LYS A 1 10 ? 1.784  2.708   -2.697 1.00 0.00 ? 10 LYS A CG   3  
ATOM 546  C CD   . LYS A 1 10 ? 0.825  1.815   -3.465 1.00 0.00 ? 10 LYS A CD   3  
ATOM 547  C CE   . LYS A 1 10 ? -0.606 2.005   -2.996 1.00 0.00 ? 10 LYS A CE   3  
ATOM 548  N NZ   . LYS A 1 10 ? -1.561 1.158   -3.763 1.00 0.00 ? 10 LYS A NZ   3  
ATOM 549  H H    . LYS A 1 10 ? 2.094  1.009   0.206  1.00 0.00 ? 10 LYS A H    3  
ATOM 550  H HA   . LYS A 1 10 ? 2.316  0.192   -1.907 1.00 0.00 ? 10 LYS A HA   3  
ATOM 551  H HB2  . LYS A 1 10 ? 3.832  2.790   -2.143 1.00 0.00 ? 10 LYS A HB2  3  
ATOM 552  H HB3  . LYS A 1 10 ? 3.490  1.757   -3.526 1.00 0.00 ? 10 LYS A HB3  3  
ATOM 553  H HG2  . LYS A 1 10 ? 1.376  2.899   -1.715 1.00 0.00 ? 10 LYS A HG2  3  
ATOM 554  H HG3  . LYS A 1 10 ? 1.899  3.642   -3.228 1.00 0.00 ? 10 LYS A HG3  3  
ATOM 555  H HD2  . LYS A 1 10 ? 0.884  2.059   -4.515 1.00 0.00 ? 10 LYS A HD2  3  
ATOM 556  H HD3  . LYS A 1 10 ? 1.110  0.784   -3.315 1.00 0.00 ? 10 LYS A HD3  3  
ATOM 557  H HE2  . LYS A 1 10 ? -0.666 1.741   -1.950 1.00 0.00 ? 10 LYS A HE2  3  
ATOM 558  H HE3  . LYS A 1 10 ? -0.879 3.043   -3.122 1.00 0.00 ? 10 LYS A HE3  3  
ATOM 559  H HZ1  . LYS A 1 10 ? -1.536 1.414   -4.772 1.00 0.00 ? 10 LYS A HZ1  3  
ATOM 560  H HZ2  . LYS A 1 10 ? -2.528 1.294   -3.406 1.00 0.00 ? 10 LYS A HZ2  3  
ATOM 561  H HZ3  . LYS A 1 10 ? -1.305 0.154   -3.667 1.00 0.00 ? 10 LYS A HZ3  3  
ATOM 562  N N    . ALA A 1 11 ? 4.479  -1.143  -1.199 1.00 0.00 ? 11 ALA A N    3  
ATOM 563  C CA   . ALA A 1 11 ? 5.660  -1.995  -1.275 1.00 0.00 ? 11 ALA A CA   3  
ATOM 564  C C    . ALA A 1 11 ? 5.468  -3.107  -2.302 1.00 0.00 ? 11 ALA A C    3  
ATOM 565  O O    . ALA A 1 11 ? 6.437  -3.701  -2.776 1.00 0.00 ? 11 ALA A O    3  
ATOM 566  C CB   . ALA A 1 11 ? 5.975  -2.585  0.093  1.00 0.00 ? 11 ALA A CB   3  
ATOM 567  H H    . ALA A 1 11 ? 3.693  -1.458  -0.704 1.00 0.00 ? 11 ALA A H    3  
ATOM 568  H HA   . ALA A 1 11 ? 6.494  -1.380  -1.576 1.00 0.00 ? 11 ALA A HA   3  
ATOM 569  H HB1  . ALA A 1 11 ? 5.159  -3.219  0.409  1.00 0.00 ? 11 ALA A HB1  3  
ATOM 570  H HB2  . ALA A 1 11 ? 6.107  -1.788  0.807  1.00 0.00 ? 11 ALA A HB2  3  
ATOM 571  H HB3  . ALA A 1 11 ? 6.881  -3.169  0.032  1.00 0.00 ? 11 ALA A HB3  3  
ATOM 572  N N    . LYS A 1 12 ? 4.212  -3.382  -2.642 1.00 0.00 ? 12 LYS A N    3  
ATOM 573  C CA   . LYS A 1 12 ? 3.891  -4.421  -3.616 1.00 0.00 ? 12 LYS A CA   3  
ATOM 574  C C    . LYS A 1 12 ? 4.498  -4.096  -4.977 1.00 0.00 ? 12 LYS A C    3  
ATOM 575  O O    . LYS A 1 12 ? 5.628  -4.556  -5.244 1.00 0.00 ? 12 LYS A O    3  
ATOM 576  C CB   . LYS A 1 12 ? 2.373  -4.582  -3.746 1.00 0.00 ? 12 LYS A CB   3  
ATOM 577  C CG   . LYS A 1 12 ? 1.746  -5.469  -2.677 1.00 0.00 ? 12 LYS A CG   3  
ATOM 578  C CD   . LYS A 1 12 ? 1.841  -4.850  -1.293 1.00 0.00 ? 12 LYS A CD   3  
ATOM 579  C CE   . LYS A 1 12 ? 3.020  -5.418  -0.521 1.00 0.00 ? 12 LYS A CE   3  
ATOM 580  N NZ   . LYS A 1 12 ? 3.028  -4.970  0.900  1.00 0.00 ? 12 LYS A NZ   3  
ATOM 581  O OXT  . LYS A 1 12 ? 3.839  -3.383  -5.764 1.00 0.00 ? 12 LYS A OXT  3  
ATOM 582  H H    . LYS A 1 12 ? 3.483  -2.874  -2.227 1.00 0.00 ? 12 LYS A H    3  
ATOM 583  H HA   . LYS A 1 12 ? 4.312  -5.349  -3.260 1.00 0.00 ? 12 LYS A HA   3  
ATOM 584  H HB2  . LYS A 1 12 ? 1.913  -3.607  -3.685 1.00 0.00 ? 12 LYS A HB2  3  
ATOM 585  H HB3  . LYS A 1 12 ? 2.152  -5.011  -4.712 1.00 0.00 ? 12 LYS A HB3  3  
ATOM 586  H HG2  . LYS A 1 12 ? 0.706  -5.624  -2.917 1.00 0.00 ? 12 LYS A HG2  3  
ATOM 587  H HG3  . LYS A 1 12 ? 2.260  -6.420  -2.667 1.00 0.00 ? 12 LYS A HG3  3  
ATOM 588  H HD2  . LYS A 1 12 ? 1.969  -3.782  -1.392 1.00 0.00 ? 12 LYS A HD2  3  
ATOM 589  H HD3  . LYS A 1 12 ? 0.928  -5.058  -0.749 1.00 0.00 ? 12 LYS A HD3  3  
ATOM 590  H HE2  . LYS A 1 12 ? 2.962  -6.496  -0.551 1.00 0.00 ? 12 LYS A HE2  3  
ATOM 591  H HE3  . LYS A 1 12 ? 3.934  -5.094  -0.996 1.00 0.00 ? 12 LYS A HE3  3  
ATOM 592  H HZ1  . LYS A 1 12 ? 3.108  -3.935  0.946  1.00 0.00 ? 12 LYS A HZ1  3  
ATOM 593  H HZ2  . LYS A 1 12 ? 3.834  -5.394  1.403  1.00 0.00 ? 12 LYS A HZ2  3  
ATOM 594  H HZ3  . LYS A 1 12 ? 2.148  -5.262  1.370  1.00 0.00 ? 12 LYS A HZ3  3  
ATOM 595  N N    . MET A 1 1  ? -0.171 -6.551  4.522  1.00 0.00 ? 1  MET A N    4  
ATOM 596  C CA   . MET A 1 1  ? 0.344  -6.103  3.202  1.00 0.00 ? 1  MET A CA   4  
ATOM 597  C C    . MET A 1 1  ? 0.139  -4.605  3.027  1.00 0.00 ? 1  MET A C    4  
ATOM 598  O O    . MET A 1 1  ? -0.335 -3.924  3.937  1.00 0.00 ? 1  MET A O    4  
ATOM 599  C CB   . MET A 1 1  ? -0.372 -6.847  2.074  1.00 0.00 ? 1  MET A CB   4  
ATOM 600  C CG   . MET A 1 1  ? -0.542 -8.332  2.334  1.00 0.00 ? 1  MET A CG   4  
ATOM 601  S SD   . MET A 1 1  ? 1.031  -9.210  2.415  1.00 0.00 ? 1  MET A SD   4  
ATOM 602  C CE   . MET A 1 1  ? 0.477  -10.856 2.850  1.00 0.00 ? 1  MET A CE   4  
ATOM 603  H H1   . MET A 1 1  ? -0.003 -7.571  4.644  1.00 0.00 ? 1  MET A H1   4  
ATOM 604  H H2   . MET A 1 1  ? -1.194 -6.371  4.587  1.00 0.00 ? 1  MET A H2   4  
ATOM 605  H H3   . MET A 1 1  ? 0.310  -6.038  5.288  1.00 0.00 ? 1  MET A H3   4  
ATOM 606  H HA   . MET A 1 1  ? 1.400  -6.321  3.158  1.00 0.00 ? 1  MET A HA   4  
ATOM 607  H HB2  . MET A 1 1  ? -1.350 -6.412  1.937  1.00 0.00 ? 1  MET A HB2  4  
ATOM 608  H HB3  . MET A 1 1  ? 0.196  -6.725  1.163  1.00 0.00 ? 1  MET A HB3  4  
ATOM 609  H HG2  . MET A 1 1  ? -1.060 -8.465  3.271  1.00 0.00 ? 1  MET A HG2  4  
ATOM 610  H HG3  . MET A 1 1  ? -1.134 -8.755  1.536  1.00 0.00 ? 1  MET A HG3  4  
ATOM 611  H HE1  . MET A 1 1  ? -0.187 -11.228 2.083  1.00 0.00 ? 1  MET A HE1  4  
ATOM 612  H HE2  . MET A 1 1  ? -0.047 -10.823 3.794  1.00 0.00 ? 1  MET A HE2  4  
ATOM 613  H HE3  . MET A 1 1  ? 1.330  -11.513 2.936  1.00 0.00 ? 1  MET A HE3  4  
ATOM 614  N N    . ASP A 1 2  ? 0.497  -4.098  1.853  1.00 0.00 ? 2  ASP A N    4  
ATOM 615  C CA   . ASP A 1 2  ? 0.347  -2.679  1.559  1.00 0.00 ? 2  ASP A CA   4  
ATOM 616  C C    . ASP A 1 2  ? 0.102  -2.452  0.071  1.00 0.00 ? 2  ASP A C    4  
ATOM 617  O O    . ASP A 1 2  ? 1.042  -2.267  -0.704 1.00 0.00 ? 2  ASP A O    4  
ATOM 618  C CB   . ASP A 1 2  ? 1.589  -1.905  2.009  1.00 0.00 ? 2  ASP A CB   4  
ATOM 619  C CG   . ASP A 1 2  ? 1.839  -2.024  3.499  1.00 0.00 ? 2  ASP A CG   4  
ATOM 620  O OD1  . ASP A 1 2  ? 1.288  -1.200  4.261  1.00 0.00 ? 2  ASP A OD1  4  
ATOM 621  O OD2  . ASP A 1 2  ? 2.582  -2.940  3.906  1.00 0.00 ? 2  ASP A OD2  4  
ATOM 622  H H    . ASP A 1 2  ? 0.866  -4.691  1.167  1.00 0.00 ? 2  ASP A H    4  
ATOM 623  H HA   . ASP A 1 2  ? -0.510 -2.322  2.109  1.00 0.00 ? 2  ASP A HA   4  
ATOM 624  H HB2  . ASP A 1 2  ? 2.453  -2.289  1.488  1.00 0.00 ? 2  ASP A HB2  4  
ATOM 625  H HB3  . ASP A 1 2  ? 1.462  -0.860  1.766  1.00 0.00 ? 2  ASP A HB3  4  
ATOM 626  N N    . VAL A 1 3  ? -1.167 -2.460  -0.316 1.00 0.00 ? 3  VAL A N    4  
ATOM 627  C CA   . VAL A 1 3  ? -1.551 -2.261  -1.707 1.00 0.00 ? 3  VAL A CA   4  
ATOM 628  C C    . VAL A 1 3  ? -2.997 -1.776  -1.800 1.00 0.00 ? 3  VAL A C    4  
ATOM 629  O O    . VAL A 1 3  ? -3.417 -1.219  -2.815 1.00 0.00 ? 3  VAL A O    4  
ATOM 630  C CB   . VAL A 1 3  ? -1.376 -3.563  -2.518 1.00 0.00 ? 3  VAL A CB   4  
ATOM 631  C CG1  . VAL A 1 3  ? -2.030 -4.733  -1.800 1.00 0.00 ? 3  VAL A CG1  4  
ATOM 632  C CG2  . VAL A 1 3  ? -1.936 -3.415  -3.929 1.00 0.00 ? 3  VAL A CG2  4  
ATOM 633  H H    . VAL A 1 3  ? -1.868 -2.605  0.355  1.00 0.00 ? 3  VAL A H    4  
ATOM 634  H HA   . VAL A 1 3  ? -0.901 -1.505  -2.129 1.00 0.00 ? 3  VAL A HA   4  
ATOM 635  H HB   . VAL A 1 3  ? -0.319 -3.769  -2.599 1.00 0.00 ? 3  VAL A HB   4  
ATOM 636  H HG11 . VAL A 1 3  ? -3.030 -4.459  -1.501 1.00 0.00 ? 3  VAL A HG11 4  
ATOM 637  H HG12 . VAL A 1 3  ? -1.447 -4.985  -0.925 1.00 0.00 ? 3  VAL A HG12 4  
ATOM 638  H HG13 . VAL A 1 3  ? -2.071 -5.585  -2.462 1.00 0.00 ? 3  VAL A HG13 4  
ATOM 639  H HG21 . VAL A 1 3  ? -1.724 -4.309  -4.494 1.00 0.00 ? 3  VAL A HG21 4  
ATOM 640  H HG22 . VAL A 1 3  ? -1.475 -2.565  -4.411 1.00 0.00 ? 3  VAL A HG22 4  
ATOM 641  H HG23 . VAL A 1 3  ? -3.004 -3.266  -3.878 1.00 0.00 ? 3  VAL A HG23 4  
ATOM 642  N N    . PHE A 1 4  ? -3.747 -1.979  -0.722 1.00 0.00 ? 4  PHE A N    4  
ATOM 643  C CA   . PHE A 1 4  ? -5.147 -1.564  -0.673 1.00 0.00 ? 4  PHE A CA   4  
ATOM 644  C C    . PHE A 1 4  ? -5.252 -0.046  -0.742 1.00 0.00 ? 4  PHE A C    4  
ATOM 645  O O    . PHE A 1 4  ? -5.723 0.512   -1.735 1.00 0.00 ? 4  PHE A O    4  
ATOM 646  C CB   . PHE A 1 4  ? -5.823 -2.063  0.611  1.00 0.00 ? 4  PHE A CB   4  
ATOM 647  C CG   . PHE A 1 4  ? -5.082 -3.173  1.298  1.00 0.00 ? 4  PHE A CG   4  
ATOM 648  C CD1  . PHE A 1 4  ? -4.075 -2.890  2.207  1.00 0.00 ? 4  PHE A CD1  4  
ATOM 649  C CD2  . PHE A 1 4  ? -5.387 -4.498  1.034  1.00 0.00 ? 4  PHE A CD2  4  
ATOM 650  C CE1  . PHE A 1 4  ? -3.385 -3.904  2.839  1.00 0.00 ? 4  PHE A CE1  4  
ATOM 651  C CE2  . PHE A 1 4  ? -4.702 -5.519  1.664  1.00 0.00 ? 4  PHE A CE2  4  
ATOM 652  C CZ   . PHE A 1 4  ? -3.699 -5.223  2.567  1.00 0.00 ? 4  PHE A CZ   4  
ATOM 653  H H    . PHE A 1 4  ? -3.346 -2.413  0.061  1.00 0.00 ? 4  PHE A H    4  
ATOM 654  H HA   . PHE A 1 4  ? -5.653 -1.989  -1.526 1.00 0.00 ? 4  PHE A HA   4  
ATOM 655  H HB2  . PHE A 1 4  ? -5.906 -1.241  1.307  1.00 0.00 ? 4  PHE A HB2  4  
ATOM 656  H HB3  . PHE A 1 4  ? -6.813 -2.423  0.369  1.00 0.00 ? 4  PHE A HB3  4  
ATOM 657  H HD1  . PHE A 1 4  ? -3.829 -1.859  2.420  1.00 0.00 ? 4  PHE A HD1  4  
ATOM 658  H HD2  . PHE A 1 4  ? -6.171 -4.733  0.327  1.00 0.00 ? 4  PHE A HD2  4  
ATOM 659  H HE1  . PHE A 1 4  ? -2.604 -3.667  3.544  1.00 0.00 ? 4  PHE A HE1  4  
ATOM 660  H HE2  . PHE A 1 4  ? -4.949 -6.549  1.450  1.00 0.00 ? 4  PHE A HE2  4  
ATOM 661  H HZ   . PHE A 1 4  ? -3.163 -6.018  3.060  1.00 0.00 ? 4  PHE A HZ   4  
ATOM 662  N N    . MET A 1 5  ? -4.805 0.616   0.321  1.00 0.00 ? 5  MET A N    4  
ATOM 663  C CA   . MET A 1 5  ? -4.836 2.072   0.390  1.00 0.00 ? 5  MET A CA   4  
ATOM 664  C C    . MET A 1 5  ? -3.914 2.680   -0.664 1.00 0.00 ? 5  MET A C    4  
ATOM 665  O O    . MET A 1 5  ? -2.818 2.178   -0.912 1.00 0.00 ? 5  MET A O    4  
ATOM 666  C CB   . MET A 1 5  ? -4.427 2.541   1.787  1.00 0.00 ? 5  MET A CB   4  
ATOM 667  C CG   . MET A 1 5  ? -5.503 2.335   2.840  1.00 0.00 ? 5  MET A CG   4  
ATOM 668  S SD   . MET A 1 5  ? -7.037 3.204   2.453  1.00 0.00 ? 5  MET A SD   4  
ATOM 669  C CE   . MET A 1 5  ? -6.475 4.905   2.445  1.00 0.00 ? 5  MET A CE   4  
ATOM 670  H H    . MET A 1 5  ? -4.444 0.112   1.078  1.00 0.00 ? 5  MET A H    4  
ATOM 671  H HA   . MET A 1 5  ? -5.848 2.390   0.192  1.00 0.00 ? 5  MET A HA   4  
ATOM 672  H HB2  . MET A 1 5  ? -3.547 1.991   2.094  1.00 0.00 ? 5  MET A HB2  4  
ATOM 673  H HB3  . MET A 1 5  ? -4.189 3.592   1.747  1.00 0.00 ? 5  MET A HB3  4  
ATOM 674  H HG2  . MET A 1 5  ? -5.716 1.278   2.916  1.00 0.00 ? 5  MET A HG2  4  
ATOM 675  H HG3  . MET A 1 5  ? -5.133 2.692   3.789  1.00 0.00 ? 5  MET A HG3  4  
ATOM 676  H HE1  . MET A 1 5  ? -6.077 5.156   3.417  1.00 0.00 ? 5  MET A HE1  4  
ATOM 677  H HE2  . MET A 1 5  ? -7.305 5.555   2.215  1.00 0.00 ? 5  MET A HE2  4  
ATOM 678  H HE3  . MET A 1 5  ? -5.705 5.025   1.697  1.00 0.00 ? 5  MET A HE3  4  
ATOM 679  N N    . LYS A 1 6  ? -4.371 3.766   -1.281 1.00 0.00 ? 6  LYS A N    4  
ATOM 680  C CA   . LYS A 1 6  ? -3.600 4.446   -2.316 1.00 0.00 ? 6  LYS A CA   4  
ATOM 681  C C    . LYS A 1 6  ? -2.366 5.123   -1.728 1.00 0.00 ? 6  LYS A C    4  
ATOM 682  O O    . LYS A 1 6  ? -1.466 5.537   -2.461 1.00 0.00 ? 6  LYS A O    4  
ATOM 683  C CB   . LYS A 1 6  ? -4.476 5.479   -3.031 1.00 0.00 ? 6  LYS A CB   4  
ATOM 684  C CG   . LYS A 1 6  ? -3.821 6.107   -4.252 1.00 0.00 ? 6  LYS A CG   4  
ATOM 685  C CD   . LYS A 1 6  ? -3.481 5.066   -5.312 1.00 0.00 ? 6  LYS A CD   4  
ATOM 686  C CE   . LYS A 1 6  ? -4.732 4.400   -5.868 1.00 0.00 ? 6  LYS A CE   4  
ATOM 687  N NZ   . LYS A 1 6  ? -5.672 5.391   -6.459 1.00 0.00 ? 6  LYS A NZ   4  
ATOM 688  H H    . LYS A 1 6  ? -5.250 4.120   -1.033 1.00 0.00 ? 6  LYS A H    4  
ATOM 689  H HA   . LYS A 1 6  ? -3.280 3.702   -3.032 1.00 0.00 ? 6  LYS A HA   4  
ATOM 690  H HB2  . LYS A 1 6  ? -5.390 5.000   -3.347 1.00 0.00 ? 6  LYS A HB2  4  
ATOM 691  H HB3  . LYS A 1 6  ? -4.716 6.270   -2.333 1.00 0.00 ? 6  LYS A HB3  4  
ATOM 692  H HG2  . LYS A 1 6  ? -4.499 6.829   -4.680 1.00 0.00 ? 6  LYS A HG2  4  
ATOM 693  H HG3  . LYS A 1 6  ? -2.911 6.604   -3.945 1.00 0.00 ? 6  LYS A HG3  4  
ATOM 694  H HD2  . LYS A 1 6  ? -2.955 5.549   -6.121 1.00 0.00 ? 6  LYS A HD2  4  
ATOM 695  H HD3  . LYS A 1 6  ? -2.848 4.311   -4.868 1.00 0.00 ? 6  LYS A HD3  4  
ATOM 696  H HE2  . LYS A 1 6  ? -4.439 3.697   -6.631 1.00 0.00 ? 6  LYS A HE2  4  
ATOM 697  H HE3  . LYS A 1 6  ? -5.230 3.875   -5.067 1.00 0.00 ? 6  LYS A HE3  4  
ATOM 698  H HZ1  . LYS A 1 6  ? -6.515 4.906   -6.828 1.00 0.00 ? 6  LYS A HZ1  4  
ATOM 699  H HZ2  . LYS A 1 6  ? -5.211 5.904   -7.235 1.00 0.00 ? 6  LYS A HZ2  4  
ATOM 700  H HZ3  . LYS A 1 6  ? -5.971 6.076   -5.734 1.00 0.00 ? 6  LYS A HZ3  4  
ATOM 701  N N    . GLY A 1 7  ? -2.328 5.235   -0.405 1.00 0.00 ? 7  GLY A N    4  
ATOM 702  C CA   . GLY A 1 7  ? -1.197 5.865   0.253  1.00 0.00 ? 7  GLY A CA   4  
ATOM 703  C C    . GLY A 1 7  ? -1.026 5.404   1.687  1.00 0.00 ? 7  GLY A C    4  
ATOM 704  O O    . GLY A 1 7  ? -1.728 5.868   2.585  1.00 0.00 ? 7  GLY A O    4  
ATOM 705  H H    . GLY A 1 7  ? -3.072 4.887   0.129  1.00 0.00 ? 7  GLY A H    4  
ATOM 706  H HA2  . GLY A 1 7  ? -0.298 5.632   -0.299 1.00 0.00 ? 7  GLY A HA2  4  
ATOM 707  H HA3  . GLY A 1 7  ? -1.344 6.935   0.248  1.00 0.00 ? 7  GLY A HA3  4  
ATOM 708  N N    . LEU A 1 8  ? -0.088 4.484   1.904  1.00 0.00 ? 8  LEU A N    4  
ATOM 709  C CA   . LEU A 1 8  ? 0.176  3.963   3.238  1.00 0.00 ? 8  LEU A CA   4  
ATOM 710  C C    . LEU A 1 8  ? 1.601  3.426   3.341  1.00 0.00 ? 8  LEU A C    4  
ATOM 711  O O    . LEU A 1 8  ? 2.273  3.619   4.353  1.00 0.00 ? 8  LEU A O    4  
ATOM 712  C CB   . LEU A 1 8  ? -0.835 2.865   3.597  1.00 0.00 ? 8  LEU A CB   4  
ATOM 713  C CG   . LEU A 1 8  ? -0.620 1.507   2.915  1.00 0.00 ? 8  LEU A CG   4  
ATOM 714  C CD1  . LEU A 1 8  ? -1.595 0.476   3.462  1.00 0.00 ? 8  LEU A CD1  4  
ATOM 715  C CD2  . LEU A 1 8  ? -0.770 1.629   1.406  1.00 0.00 ? 8  LEU A CD2  4  
ATOM 716  H H    . LEU A 1 8  ? 0.441  4.154   1.146  1.00 0.00 ? 8  LEU A H    4  
ATOM 717  H HA   . LEU A 1 8  ? 0.063  4.780   3.937  1.00 0.00 ? 8  LEU A HA   4  
ATOM 718  H HB2  . LEU A 1 8  ? -0.799 2.712   4.666  1.00 0.00 ? 8  LEU A HB2  4  
ATOM 719  H HB3  . LEU A 1 8  ? -1.821 3.217   3.337  1.00 0.00 ? 8  LEU A HB3  4  
ATOM 720  H HG   . LEU A 1 8  ? 0.382  1.162   3.125  1.00 0.00 ? 8  LEU A HG   4  
ATOM 721  H HD11 . LEU A 1 8  ? -1.413 -0.477  2.989  1.00 0.00 ? 8  LEU A HD11 4  
ATOM 722  H HD12 . LEU A 1 8  ? -2.608 0.792   3.258  1.00 0.00 ? 8  LEU A HD12 4  
ATOM 723  H HD13 . LEU A 1 8  ? -1.456 0.380   4.529  1.00 0.00 ? 8  LEU A HD13 4  
ATOM 724  H HD21 . LEU A 1 8  ? -0.730 0.646   0.960  1.00 0.00 ? 8  LEU A HD21 4  
ATOM 725  H HD22 . LEU A 1 8  ? 0.032  2.236   1.012  1.00 0.00 ? 8  LEU A HD22 4  
ATOM 726  H HD23 . LEU A 1 8  ? -1.716 2.092   1.173  1.00 0.00 ? 8  LEU A HD23 4  
ATOM 727  N N    . SER A 1 9  ? 2.057  2.764   2.281  1.00 0.00 ? 9  SER A N    4  
ATOM 728  C CA   . SER A 1 9  ? 3.400  2.194   2.242  1.00 0.00 ? 9  SER A CA   4  
ATOM 729  C C    . SER A 1 9  ? 3.780  1.805   0.817  1.00 0.00 ? 9  SER A C    4  
ATOM 730  O O    . SER A 1 9  ? 4.898  2.065   0.371  1.00 0.00 ? 9  SER A O    4  
ATOM 731  C CB   . SER A 1 9  ? 3.490  0.965   3.150  1.00 0.00 ? 9  SER A CB   4  
ATOM 732  O OG   . SER A 1 9  ? 3.321  1.315   4.514  1.00 0.00 ? 9  SER A OG   4  
ATOM 733  H H    . SER A 1 9  ? 1.474  2.657   1.500  1.00 0.00 ? 9  SER A H    4  
ATOM 734  H HA   . SER A 1 9  ? 4.091  2.945   2.596  1.00 0.00 ? 9  SER A HA   4  
ATOM 735  H HB2  . SER A 1 9  ? 2.717  0.263   2.877  1.00 0.00 ? 9  SER A HB2  4  
ATOM 736  H HB3  . SER A 1 9  ? 4.457  0.501   3.029  1.00 0.00 ? 9  SER A HB3  4  
ATOM 737  H HG   . SER A 1 9  ? 4.129  1.129   4.995  1.00 0.00 ? 9  SER A HG   4  
ATOM 738  N N    . LYS A 1 10 ? 2.839  1.186   0.111  1.00 0.00 ? 10 LYS A N    4  
ATOM 739  C CA   . LYS A 1 10 ? 3.061  0.752   -1.261 1.00 0.00 ? 10 LYS A CA   4  
ATOM 740  C C    . LYS A 1 10 ? 4.323  -0.096  -1.376 1.00 0.00 ? 10 LYS A C    4  
ATOM 741  O O    . LYS A 1 10 ? 5.389  0.401   -1.747 1.00 0.00 ? 10 LYS A O    4  
ATOM 742  C CB   . LYS A 1 10 ? 3.149  1.965   -2.193 1.00 0.00 ? 10 LYS A CB   4  
ATOM 743  C CG   . LYS A 1 10 ? 2.053  3.001   -1.960 1.00 0.00 ? 10 LYS A CG   4  
ATOM 744  C CD   . LYS A 1 10 ? 0.678  2.366   -1.811 1.00 0.00 ? 10 LYS A CD   4  
ATOM 745  C CE   . LYS A 1 10 ? 0.336  1.463   -2.984 1.00 0.00 ? 10 LYS A CE   4  
ATOM 746  N NZ   . LYS A 1 10 ? 0.540  2.144   -4.292 1.00 0.00 ? 10 LYS A NZ   4  
ATOM 747  H H    . LYS A 1 10 ? 1.967  1.018   0.523  1.00 0.00 ? 10 LYS A H    4  
ATOM 748  H HA   . LYS A 1 10 ? 2.210  0.152   -1.553 1.00 0.00 ? 10 LYS A HA   4  
ATOM 749  H HB2  . LYS A 1 10 ? 4.105  2.446   -2.049 1.00 0.00 ? 10 LYS A HB2  4  
ATOM 750  H HB3  . LYS A 1 10 ? 3.077  1.623   -3.214 1.00 0.00 ? 10 LYS A HB3  4  
ATOM 751  H HG2  . LYS A 1 10 ? 2.279  3.549   -1.059 1.00 0.00 ? 10 LYS A HG2  4  
ATOM 752  H HG3  . LYS A 1 10 ? 2.030  3.682   -2.796 1.00 0.00 ? 10 LYS A HG3  4  
ATOM 753  H HD2  . LYS A 1 10 ? 0.662  1.778   -0.906 1.00 0.00 ? 10 LYS A HD2  4  
ATOM 754  H HD3  . LYS A 1 10 ? -0.057 3.152   -1.748 1.00 0.00 ? 10 LYS A HD3  4  
ATOM 755  H HE2  . LYS A 1 10 ? 0.968  0.588   -2.939 1.00 0.00 ? 10 LYS A HE2  4  
ATOM 756  H HE3  . LYS A 1 10 ? -0.699 1.163   -2.902 1.00 0.00 ? 10 LYS A HE3  4  
ATOM 757  H HZ1  . LYS A 1 10 ? 1.536  2.427   -4.396 1.00 0.00 ? 10 LYS A HZ1  4  
ATOM 758  H HZ2  . LYS A 1 10 ? -0.060 2.994   -4.352 1.00 0.00 ? 10 LYS A HZ2  4  
ATOM 759  H HZ3  . LYS A 1 10 ? 0.290  1.504   -5.074 1.00 0.00 ? 10 LYS A HZ3  4  
ATOM 760  N N    . ALA A 1 11 ? 4.196  -1.380  -1.054 1.00 0.00 ? 11 ALA A N    4  
ATOM 761  C CA   . ALA A 1 11 ? 5.322  -2.303  -1.116 1.00 0.00 ? 11 ALA A CA   4  
ATOM 762  C C    . ALA A 1 11 ? 5.204  -3.227  -2.323 1.00 0.00 ? 11 ALA A C    4  
ATOM 763  O O    . ALA A 1 11 ? 6.206  -3.638  -2.906 1.00 0.00 ? 11 ALA A O    4  
ATOM 764  C CB   . ALA A 1 11 ? 5.416  -3.114  0.166  1.00 0.00 ? 11 ALA A CB   4  
ATOM 765  H H    . ALA A 1 11 ? 3.319  -1.717  -0.772 1.00 0.00 ? 11 ALA A H    4  
ATOM 766  H HA   . ALA A 1 11 ? 6.227  -1.719  -1.215 1.00 0.00 ? 11 ALA A HA   4  
ATOM 767  H HB1  . ALA A 1 11 ? 6.286  -3.753  0.126  1.00 0.00 ? 11 ALA A HB1  4  
ATOM 768  H HB2  . ALA A 1 11 ? 4.529  -3.720  0.275  1.00 0.00 ? 11 ALA A HB2  4  
ATOM 769  H HB3  . ALA A 1 11 ? 5.500  -2.445  1.010  1.00 0.00 ? 11 ALA A HB3  4  
ATOM 770  N N    . LYS A 1 12 ? 3.966  -3.555  -2.684 1.00 0.00 ? 12 LYS A N    4  
ATOM 771  C CA   . LYS A 1 12 ? 3.705  -4.430  -3.822 1.00 0.00 ? 12 LYS A CA   4  
ATOM 772  C C    . LYS A 1 12 ? 4.328  -3.867  -5.095 1.00 0.00 ? 12 LYS A C    4  
ATOM 773  O O    . LYS A 1 12 ? 5.454  -4.286  -5.439 1.00 0.00 ? 12 LYS A O    4  
ATOM 774  C CB   . LYS A 1 12 ? 2.197  -4.613  -4.015 1.00 0.00 ? 12 LYS A CB   4  
ATOM 775  C CG   . LYS A 1 12 ? 1.575  -5.660  -3.101 1.00 0.00 ? 12 LYS A CG   4  
ATOM 776  C CD   . LYS A 1 12 ? 1.589  -5.223  -1.645 1.00 0.00 ? 12 LYS A CD   4  
ATOM 777  C CE   . LYS A 1 12 ? 2.760  -5.833  -0.898 1.00 0.00 ? 12 LYS A CE   4  
ATOM 778  N NZ   . LYS A 1 12 ? 2.656  -5.617  0.571  1.00 0.00 ? 12 LYS A NZ   4  
ATOM 779  O OXT  . LYS A 1 12 ? 3.686  -3.012  -5.740 1.00 0.00 ? 12 LYS A OXT  4  
ATOM 780  H H    . LYS A 1 12 ? 3.210  -3.198  -2.176 1.00 0.00 ? 12 LYS A H    4  
ATOM 781  H HA   . LYS A 1 12 ? 4.152  -5.391  -3.611 1.00 0.00 ? 12 LYS A HA   4  
ATOM 782  H HB2  . LYS A 1 12 ? 1.709  -3.669  -3.823 1.00 0.00 ? 12 LYS A HB2  4  
ATOM 783  H HB3  . LYS A 1 12 ? 2.010  -4.904  -5.038 1.00 0.00 ? 12 LYS A HB3  4  
ATOM 784  H HG2  . LYS A 1 12 ? 0.554  -5.829  -3.405 1.00 0.00 ? 12 LYS A HG2  4  
ATOM 785  H HG3  . LYS A 1 12 ? 2.135  -6.580  -3.193 1.00 0.00 ? 12 LYS A HG3  4  
ATOM 786  H HD2  . LYS A 1 12 ? 1.669  -4.147  -1.605 1.00 0.00 ? 12 LYS A HD2  4  
ATOM 787  H HD3  . LYS A 1 12 ? 0.665  -5.538  -1.176 1.00 0.00 ? 12 LYS A HD3  4  
ATOM 788  H HE2  . LYS A 1 12 ? 2.781  -6.893  -1.097 1.00 0.00 ? 12 LYS A HE2  4  
ATOM 789  H HE3  . LYS A 1 12 ? 3.673  -5.381  -1.257 1.00 0.00 ? 12 LYS A HE3  4  
ATOM 790  H HZ1  . LYS A 1 12 ? 2.610  -4.598  0.779  1.00 0.00 ? 12 LYS A HZ1  4  
ATOM 791  H HZ2  . LYS A 1 12 ? 3.486  -6.020  1.052  1.00 0.00 ? 12 LYS A HZ2  4  
ATOM 792  H HZ3  . LYS A 1 12 ? 1.800  -6.075  0.942  1.00 0.00 ? 12 LYS A HZ3  4  
ATOM 793  N N    . MET A 1 1  ? 0.136  -6.687  4.399  1.00 0.00 ? 1  MET A N    5  
ATOM 794  C CA   . MET A 1 1  ? 0.430  -6.177  3.034  1.00 0.00 ? 1  MET A CA   5  
ATOM 795  C C    . MET A 1 1  ? 0.165  -4.681  2.939  1.00 0.00 ? 1  MET A C    5  
ATOM 796  O O    . MET A 1 1  ? -0.312 -4.060  3.889  1.00 0.00 ? 1  MET A O    5  
ATOM 797  C CB   . MET A 1 1  ? -0.419 -6.910  1.998  1.00 0.00 ? 1  MET A CB   5  
ATOM 798  C CG   . MET A 1 1  ? -0.013 -8.358  1.788  1.00 0.00 ? 1  MET A CG   5  
ATOM 799  S SD   . MET A 1 1  ? -1.112 -9.234  0.659  1.00 0.00 ? 1  MET A SD   5  
ATOM 800  C CE   . MET A 1 1  ? -2.652 -9.178  1.571  1.00 0.00 ? 1  MET A CE   5  
ATOM 801  H H1   . MET A 1 1  ? -0.864 -6.527  4.631  1.00 0.00 ? 1  MET A H1   5  
ATOM 802  H H2   . MET A 1 1  ? 0.726  -6.196  5.100  1.00 0.00 ? 1  MET A H2   5  
ATOM 803  H H3   . MET A 1 1  ? 0.335  -7.708  4.447  1.00 0.00 ? 1  MET A H3   5  
ATOM 804  H HA   . MET A 1 1  ? 1.474  -6.357  2.825  1.00 0.00 ? 1  MET A HA   5  
ATOM 805  H HB2  . MET A 1 1  ? -1.452 -6.890  2.316  1.00 0.00 ? 1  MET A HB2  5  
ATOM 806  H HB3  . MET A 1 1  ? -0.333 -6.394  1.054  1.00 0.00 ? 1  MET A HB3  5  
ATOM 807  H HG2  . MET A 1 1  ? 0.985  -8.375  1.378  1.00 0.00 ? 1  MET A HG2  5  
ATOM 808  H HG3  . MET A 1 1  ? -0.017 -8.862  2.744  1.00 0.00 ? 1  MET A HG3  5  
ATOM 809  H HE1  . MET A 1 1  ? -2.942 -8.150  1.728  1.00 0.00 ? 1  MET A HE1  5  
ATOM 810  H HE2  . MET A 1 1  ? -2.524 -9.666  2.527  1.00 0.00 ? 1  MET A HE2  5  
ATOM 811  H HE3  . MET A 1 1  ? -3.422 -9.687  1.009  1.00 0.00 ? 1  MET A HE3  5  
ATOM 812  N N    . ASP A 1 2  ? 0.477  -4.109  1.780  1.00 0.00 ? 2  ASP A N    5  
ATOM 813  C CA   . ASP A 1 2  ? 0.269  -2.685  1.548  1.00 0.00 ? 2  ASP A CA   5  
ATOM 814  C C    . ASP A 1 2  ? -0.038 -2.418  0.080  1.00 0.00 ? 2  ASP A C    5  
ATOM 815  O O    . ASP A 1 2  ? 0.853  -2.091  -0.705 1.00 0.00 ? 2  ASP A O    5  
ATOM 816  C CB   . ASP A 1 2  ? 1.498  -1.884  1.984  1.00 0.00 ? 2  ASP A CB   5  
ATOM 817  C CG   . ASP A 1 2  ? 1.835  -2.085  3.447  1.00 0.00 ? 2  ASP A CG   5  
ATOM 818  O OD1  . ASP A 1 2  ? 1.271  -1.357  4.292  1.00 0.00 ? 2  ASP A OD1  5  
ATOM 819  O OD2  . ASP A 1 2  ? 2.659  -2.973  3.752  1.00 0.00 ? 2  ASP A OD2  5  
ATOM 820  H H    . ASP A 1 2  ? 0.856  -4.658  1.064  1.00 0.00 ? 2  ASP A H    5  
ATOM 821  H HA   . ASP A 1 2  ? -0.581 -2.379  2.138  1.00 0.00 ? 2  ASP A HA   5  
ATOM 822  H HB2  . ASP A 1 2  ? 2.348  -2.192  1.394  1.00 0.00 ? 2  ASP A HB2  5  
ATOM 823  H HB3  . ASP A 1 2  ? 1.312  -0.832  1.817  1.00 0.00 ? 2  ASP A HB3  5  
ATOM 824  N N    . VAL A 1 3  ? -1.307 -2.559  -0.281 1.00 0.00 ? 3  VAL A N    5  
ATOM 825  C CA   . VAL A 1 3  ? -1.747 -2.339  -1.653 1.00 0.00 ? 3  VAL A CA   5  
ATOM 826  C C    . VAL A 1 3  ? -3.201 -1.873  -1.685 1.00 0.00 ? 3  VAL A C    5  
ATOM 827  O O    . VAL A 1 3  ? -3.661 -1.296  -2.671 1.00 0.00 ? 3  VAL A O    5  
ATOM 828  C CB   . VAL A 1 3  ? -1.584 -3.626  -2.494 1.00 0.00 ? 3  VAL A CB   5  
ATOM 829  C CG1  . VAL A 1 3  ? -2.165 -4.822  -1.757 1.00 0.00 ? 3  VAL A CG1  5  
ATOM 830  C CG2  . VAL A 1 3  ? -2.222 -3.472  -3.867 1.00 0.00 ? 3  VAL A CG2  5  
ATOM 831  H H    . VAL A 1 3  ? -1.968 -2.818  0.394  1.00 0.00 ? 3  VAL A H    5  
ATOM 832  H HA   . VAL A 1 3  ? -1.122 -1.569  -2.084 1.00 0.00 ? 3  VAL A HA   5  
ATOM 833  H HB   . VAL A 1 3  ? -0.527 -3.802  -2.632 1.00 0.00 ? 3  VAL A HB   5  
ATOM 834  H HG11 . VAL A 1 3  ? -3.194 -4.622  -1.500 1.00 0.00 ? 3  VAL A HG11 5  
ATOM 835  H HG12 . VAL A 1 3  ? -1.596 -4.999  -0.853 1.00 0.00 ? 3  VAL A HG12 5  
ATOM 836  H HG13 . VAL A 1 3  ? -2.115 -5.694  -2.392 1.00 0.00 ? 3  VAL A HG13 5  
ATOM 837  H HG21 . VAL A 1 3  ? -3.281 -3.294  -3.755 1.00 0.00 ? 3  VAL A HG21 5  
ATOM 838  H HG22 . VAL A 1 3  ? -2.068 -4.375  -4.439 1.00 0.00 ? 3  VAL A HG22 5  
ATOM 839  H HG23 . VAL A 1 3  ? -1.771 -2.638  -4.383 1.00 0.00 ? 3  VAL A HG23 5  
ATOM 840  N N    . PHE A 1 4  ? -3.912 -2.113  -0.589 1.00 0.00 ? 4  PHE A N    5  
ATOM 841  C CA   . PHE A 1 4  ? -5.317 -1.718  -0.486 1.00 0.00 ? 4  PHE A CA   5  
ATOM 842  C C    . PHE A 1 4  ? -5.453 -0.209  -0.658 1.00 0.00 ? 4  PHE A C    5  
ATOM 843  O O    . PHE A 1 4  ? -6.162 0.266   -1.546 1.00 0.00 ? 4  PHE A O    5  
ATOM 844  C CB   . PHE A 1 4  ? -5.906 -2.133  0.869  1.00 0.00 ? 4  PHE A CB   5  
ATOM 845  C CG   . PHE A 1 4  ? -5.125 -3.210  1.566  1.00 0.00 ? 4  PHE A CG   5  
ATOM 846  C CD1  . PHE A 1 4  ? -4.062 -2.881  2.390  1.00 0.00 ? 4  PHE A CD1  5  
ATOM 847  C CD2  . PHE A 1 4  ? -5.450 -4.545  1.396  1.00 0.00 ? 4  PHE A CD2  5  
ATOM 848  C CE1  . PHE A 1 4  ? -3.336 -3.864  3.031  1.00 0.00 ? 4  PHE A CE1  5  
ATOM 849  C CE2  . PHE A 1 4  ? -4.727 -5.534  2.034  1.00 0.00 ? 4  PHE A CE2  5  
ATOM 850  C CZ   . PHE A 1 4  ? -3.666 -5.193  2.853  1.00 0.00 ? 4  PHE A CZ   5  
ATOM 851  H H    . PHE A 1 4  ? -3.482 -2.561  0.169  1.00 0.00 ? 4  PHE A H    5  
ATOM 852  H HA   . PHE A 1 4  ? -5.863 -2.212  -1.276 1.00 0.00 ? 4  PHE A HA   5  
ATOM 853  H HB2  . PHE A 1 4  ? -5.935 -1.273  1.520  1.00 0.00 ? 4  PHE A HB2  5  
ATOM 854  H HB3  . PHE A 1 4  ? -6.912 -2.496  0.716  1.00 0.00 ? 4  PHE A HB3  5  
ATOM 855  H HD1  . PHE A 1 4  ? -3.800 -1.844  2.530  1.00 0.00 ? 4  PHE A HD1  5  
ATOM 856  H HD2  . PHE A 1 4  ? -6.278 -4.812  0.755  1.00 0.00 ? 4  PHE A HD2  5  
ATOM 857  H HE1  . PHE A 1 4  ? -2.507 -3.593  3.667  1.00 0.00 ? 4  PHE A HE1  5  
ATOM 858  H HE2  . PHE A 1 4  ? -4.988 -6.573  1.893  1.00 0.00 ? 4  PHE A HE2  5  
ATOM 859  H HZ   . PHE A 1 4  ? -3.098 -5.963  3.352  1.00 0.00 ? 4  PHE A HZ   5  
ATOM 860  N N    . MET A 1 5  ? -4.767 0.534   0.202  1.00 0.00 ? 5  MET A N    5  
ATOM 861  C CA   . MET A 1 5  ? -4.795 1.989   0.154  1.00 0.00 ? 5  MET A CA   5  
ATOM 862  C C    . MET A 1 5  ? -3.787 2.515   -0.860 1.00 0.00 ? 5  MET A C    5  
ATOM 863  O O    . MET A 1 5  ? -2.778 1.868   -1.141 1.00 0.00 ? 5  MET A O    5  
ATOM 864  C CB   . MET A 1 5  ? -4.499 2.566   1.540  1.00 0.00 ? 5  MET A CB   5  
ATOM 865  C CG   . MET A 1 5  ? -5.715 2.610   2.453  1.00 0.00 ? 5  MET A CG   5  
ATOM 866  S SD   . MET A 1 5  ? -7.047 3.622   1.781  1.00 0.00 ? 5  MET A SD   5  
ATOM 867  C CE   . MET A 1 5  ? -8.278 3.469   3.071  1.00 0.00 ? 5  MET A CE   5  
ATOM 868  H H    . MET A 1 5  ? -4.227 0.090   0.889  1.00 0.00 ? 5  MET A H    5  
ATOM 869  H HA   . MET A 1 5  ? -5.785 2.293   -0.149 1.00 0.00 ? 5  MET A HA   5  
ATOM 870  H HB2  . MET A 1 5  ? -3.741 1.957   2.017  1.00 0.00 ? 5  MET A HB2  5  
ATOM 871  H HB3  . MET A 1 5  ? -4.123 3.572   1.429  1.00 0.00 ? 5  MET A HB3  5  
ATOM 872  H HG2  . MET A 1 5  ? -6.081 1.604   2.591  1.00 0.00 ? 5  MET A HG2  5  
ATOM 873  H HG3  . MET A 1 5  ? -5.415 3.018   3.407  1.00 0.00 ? 5  MET A HG3  5  
ATOM 874  H HE1  . MET A 1 5  ? -8.521 2.426   3.216  1.00 0.00 ? 5  MET A HE1  5  
ATOM 875  H HE2  . MET A 1 5  ? -9.169 4.010   2.787  1.00 0.00 ? 5  MET A HE2  5  
ATOM 876  H HE3  . MET A 1 5  ? -7.889 3.878   3.992  1.00 0.00 ? 5  MET A HE3  5  
ATOM 877  N N    . LYS A 1 6  ? -4.069 3.693   -1.410 1.00 0.00 ? 6  LYS A N    5  
ATOM 878  C CA   . LYS A 1 6  ? -3.193 4.308   -2.401 1.00 0.00 ? 6  LYS A CA   5  
ATOM 879  C C    . LYS A 1 6  ? -2.054 5.069   -1.729 1.00 0.00 ? 6  LYS A C    5  
ATOM 880  O O    . LYS A 1 6  ? -1.076 5.440   -2.379 1.00 0.00 ? 6  LYS A O    5  
ATOM 881  C CB   . LYS A 1 6  ? -3.997 5.248   -3.302 1.00 0.00 ? 6  LYS A CB   5  
ATOM 882  C CG   . LYS A 1 6  ? -3.202 5.807   -4.474 1.00 0.00 ? 6  LYS A CG   5  
ATOM 883  C CD   . LYS A 1 6  ? -2.696 4.704   -5.394 1.00 0.00 ? 6  LYS A CD   5  
ATOM 884  C CE   . LYS A 1 6  ? -3.840 3.961   -6.063 1.00 0.00 ? 6  LYS A CE   5  
ATOM 885  N NZ   . LYS A 1 6  ? -4.690 4.870   -6.881 1.00 0.00 ? 6  LYS A NZ   5  
ATOM 886  H H    . LYS A 1 6  ? -4.887 4.161   -1.141 1.00 0.00 ? 6  LYS A H    5  
ATOM 887  H HA   . LYS A 1 6  ? -2.774 3.516   -3.006 1.00 0.00 ? 6  LYS A HA   5  
ATOM 888  H HB2  . LYS A 1 6  ? -4.847 4.710   -3.697 1.00 0.00 ? 6  LYS A HB2  5  
ATOM 889  H HB3  . LYS A 1 6  ? -4.353 6.077   -2.710 1.00 0.00 ? 6  LYS A HB3  5  
ATOM 890  H HG2  . LYS A 1 6  ? -3.839 6.468   -5.043 1.00 0.00 ? 6  LYS A HG2  5  
ATOM 891  H HG3  . LYS A 1 6  ? -2.358 6.361   -4.092 1.00 0.00 ? 6  LYS A HG3  5  
ATOM 892  H HD2  . LYS A 1 6  ? -2.071 5.145   -6.158 1.00 0.00 ? 6  LYS A HD2  5  
ATOM 893  H HD3  . LYS A 1 6  ? -2.113 4.004   -4.812 1.00 0.00 ? 6  LYS A HD3  5  
ATOM 894  H HE2  . LYS A 1 6  ? -3.430 3.195   -6.704 1.00 0.00 ? 6  LYS A HE2  5  
ATOM 895  H HE3  . LYS A 1 6  ? -4.450 3.502   -5.299 1.00 0.00 ? 6  LYS A HE3  5  
ATOM 896  H HZ1  . LYS A 1 6  ? -5.474 4.339   -7.310 1.00 0.00 ? 6  LYS A HZ1  5  
ATOM 897  H HZ2  . LYS A 1 6  ? -4.124 5.305   -7.638 1.00 0.00 ? 6  LYS A HZ2  5  
ATOM 898  H HZ3  . LYS A 1 6  ? -5.084 5.625   -6.283 1.00 0.00 ? 6  LYS A HZ3  5  
ATOM 899  N N    . GLY A 1 7  ? -2.185 5.300   -0.426 1.00 0.00 ? 7  GLY A N    5  
ATOM 900  C CA   . GLY A 1 7  ? -1.159 6.019   0.306  1.00 0.00 ? 7  GLY A CA   5  
ATOM 901  C C    . GLY A 1 7  ? -0.999 5.518   1.729  1.00 0.00 ? 7  GLY A C    5  
ATOM 902  O O    . GLY A 1 7  ? -1.703 5.966   2.634  1.00 0.00 ? 7  GLY A O    5  
ATOM 903  H H    . GLY A 1 7  ? -2.985 4.979   0.040  1.00 0.00 ? 7  GLY A H    5  
ATOM 904  H HA2  . GLY A 1 7  ? -0.218 5.908   -0.211 1.00 0.00 ? 7  GLY A HA2  5  
ATOM 905  H HA3  . GLY A 1 7  ? -1.420 7.067   0.334  1.00 0.00 ? 7  GLY A HA3  5  
ATOM 906  N N    . LEU A 1 8  ? -0.069 4.587   1.927  1.00 0.00 ? 8  LEU A N    5  
ATOM 907  C CA   . LEU A 1 8  ? 0.181  4.028   3.250  1.00 0.00 ? 8  LEU A CA   5  
ATOM 908  C C    . LEU A 1 8  ? 1.612  3.503   3.358  1.00 0.00 ? 8  LEU A C    5  
ATOM 909  O O    . LEU A 1 8  ? 2.290  3.728   4.360  1.00 0.00 ? 8  LEU A O    5  
ATOM 910  C CB   . LEU A 1 8  ? -0.820 2.908   3.560  1.00 0.00 ? 8  LEU A CB   5  
ATOM 911  C CG   . LEU A 1 8  ? -0.591 1.585   2.821  1.00 0.00 ? 8  LEU A CG   5  
ATOM 912  C CD1  . LEU A 1 8  ? -1.414 0.474   3.453  1.00 0.00 ? 8  LEU A CD1  5  
ATOM 913  C CD2  . LEU A 1 8  ? -0.938 1.729   1.348  1.00 0.00 ? 8  LEU A CD2  5  
ATOM 914  H H    . LEU A 1 8  ? 0.461  4.270   1.165  1.00 0.00 ? 8  LEU A H    5  
ATOM 915  H HA   . LEU A 1 8  ? 0.052  4.822   3.972  1.00 0.00 ? 8  LEU A HA   5  
ATOM 916  H HB2  . LEU A 1 8  ? -0.790 2.710   4.622  1.00 0.00 ? 8  LEU A HB2  5  
ATOM 917  H HB3  . LEU A 1 8  ? -1.808 3.263   3.308  1.00 0.00 ? 8  LEU A HB3  5  
ATOM 918  H HG   . LEU A 1 8  ? 0.451  1.313   2.896  1.00 0.00 ? 8  LEU A HG   5  
ATOM 919  H HD11 . LEU A 1 8  ? -1.234 -0.451  2.927  1.00 0.00 ? 8  LEU A HD11 5  
ATOM 920  H HD12 . LEU A 1 8  ? -2.462 0.724   3.392  1.00 0.00 ? 8  LEU A HD12 5  
ATOM 921  H HD13 . LEU A 1 8  ? -1.130 0.360   4.488  1.00 0.00 ? 8  LEU A HD13 5  
ATOM 922  H HD21 . LEU A 1 8  ? -2.012 1.725   1.229  1.00 0.00 ? 8  LEU A HD21 5  
ATOM 923  H HD22 . LEU A 1 8  ? -0.514 0.904   0.795  1.00 0.00 ? 8  LEU A HD22 5  
ATOM 924  H HD23 . LEU A 1 8  ? -0.540 2.657   0.973  1.00 0.00 ? 8  LEU A HD23 5  
ATOM 925  N N    . SER A 1 9  ? 2.064  2.811   2.315  1.00 0.00 ? 9  SER A N    5  
ATOM 926  C CA   . SER A 1 9  ? 3.410  2.247   2.291  1.00 0.00 ? 9  SER A CA   5  
ATOM 927  C C    . SER A 1 9  ? 3.819  1.866   0.870  1.00 0.00 ? 9  SER A C    5  
ATOM 928  O O    . SER A 1 9  ? 4.966  2.068   0.473  1.00 0.00 ? 9  SER A O    5  
ATOM 929  C CB   . SER A 1 9  ? 3.489  1.016   3.198  1.00 0.00 ? 9  SER A CB   5  
ATOM 930  O OG   . SER A 1 9  ? 3.274  1.362   4.556  1.00 0.00 ? 9  SER A OG   5  
ATOM 931  H H    . SER A 1 9  ? 1.479  2.679   1.541  1.00 0.00 ? 9  SER A H    5  
ATOM 932  H HA   . SER A 1 9  ? 4.092  2.998   2.662  1.00 0.00 ? 9  SER A HA   5  
ATOM 933  H HB2  . SER A 1 9  ? 2.735  0.304   2.901  1.00 0.00 ? 9  SER A HB2  5  
ATOM 934  H HB3  . SER A 1 9  ? 4.467  0.565   3.104  1.00 0.00 ? 9  SER A HB3  5  
ATOM 935  H HG   . SER A 1 9  ? 3.813  0.801   5.120  1.00 0.00 ? 9  SER A HG   5  
ATOM 936  N N    . LYS A 1 10 ? 2.871  1.318   0.112  1.00 0.00 ? 10 LYS A N    5  
ATOM 937  C CA   . LYS A 1 10 ? 3.129  0.903   -1.260 1.00 0.00 ? 10 LYS A CA   5  
ATOM 938  C C    . LYS A 1 10 ? 4.343  -0.014  -1.341 1.00 0.00 ? 10 LYS A C    5  
ATOM 939  O O    . LYS A 1 10 ? 5.443  0.421   -1.691 1.00 0.00 ? 10 LYS A O    5  
ATOM 940  C CB   . LYS A 1 10 ? 3.329  2.126   -2.160 1.00 0.00 ? 10 LYS A CB   5  
ATOM 941  C CG   . LYS A 1 10 ? 2.279  3.215   -1.964 1.00 0.00 ? 10 LYS A CG   5  
ATOM 942  C CD   . LYS A 1 10 ? 0.864  2.654   -1.919 1.00 0.00 ? 10 LYS A CD   5  
ATOM 943  C CE   . LYS A 1 10 ? 0.557  1.792   -3.134 1.00 0.00 ? 10 LYS A CE   5  
ATOM 944  N NZ   . LYS A 1 10 ? -0.888 1.446   -3.220 1.00 0.00 ? 10 LYS A NZ   5  
ATOM 945  H H    . LYS A 1 10 ? 1.974  1.194   0.481  1.00 0.00 ? 10 LYS A H    5  
ATOM 946  H HA   . LYS A 1 10 ? 2.260  0.360   -1.602 1.00 0.00 ? 10 LYS A HA   5  
ATOM 947  H HB2  . LYS A 1 10 ? 4.299  2.553   -1.957 1.00 0.00 ? 10 LYS A HB2  5  
ATOM 948  H HB3  . LYS A 1 10 ? 3.295  1.808   -3.191 1.00 0.00 ? 10 LYS A HB3  5  
ATOM 949  H HG2  . LYS A 1 10 ? 2.476  3.725   -1.035 1.00 0.00 ? 10 LYS A HG2  5  
ATOM 950  H HG3  . LYS A 1 10 ? 2.344  3.918   -2.781 1.00 0.00 ? 10 LYS A HG3  5  
ATOM 951  H HD2  . LYS A 1 10 ? 0.756  2.051   -1.030 1.00 0.00 ? 10 LYS A HD2  5  
ATOM 952  H HD3  . LYS A 1 10 ? 0.170  3.478   -1.889 1.00 0.00 ? 10 LYS A HD3  5  
ATOM 953  H HE2  . LYS A 1 10 ? 0.846  2.327   -4.024 1.00 0.00 ? 10 LYS A HE2  5  
ATOM 954  H HE3  . LYS A 1 10 ? 1.133  0.881   -3.056 1.00 0.00 ? 10 LYS A HE3  5  
ATOM 955  H HZ1  . LYS A 1 10 ? -1.062 0.841   -4.048 1.00 0.00 ? 10 LYS A HZ1  5  
ATOM 956  H HZ2  . LYS A 1 10 ? -1.459 2.311   -3.309 1.00 0.00 ? 10 LYS A HZ2  5  
ATOM 957  H HZ3  . LYS A 1 10 ? -1.186 0.935   -2.364 1.00 0.00 ? 10 LYS A HZ3  5  
ATOM 958  N N    . ALA A 1 11 ? 4.139  -1.286  -1.012 1.00 0.00 ? 11 ALA A N    5  
ATOM 959  C CA   . ALA A 1 11 ? 5.216  -2.269  -1.045 1.00 0.00 ? 11 ALA A CA   5  
ATOM 960  C C    . ALA A 1 11 ? 5.070  -3.196  -2.247 1.00 0.00 ? 11 ALA A C    5  
ATOM 961  O O    . ALA A 1 11 ? 6.062  -3.670  -2.800 1.00 0.00 ? 11 ALA A O    5  
ATOM 962  C CB   . ALA A 1 11 ? 5.234  -3.073  0.247  1.00 0.00 ? 11 ALA A CB   5  
ATOM 963  H H    . ALA A 1 11 ? 3.240  -1.574  -0.748 1.00 0.00 ? 11 ALA A H    5  
ATOM 964  H HA   . ALA A 1 11 ? 6.151  -1.736  -1.124 1.00 0.00 ? 11 ALA A HA   5  
ATOM 965  H HB1  . ALA A 1 11 ? 4.311  -3.624  0.342  1.00 0.00 ? 11 ALA A HB1  5  
ATOM 966  H HB2  . ALA A 1 11 ? 5.340  -2.401  1.086  1.00 0.00 ? 11 ALA A HB2  5  
ATOM 967  H HB3  . ALA A 1 11 ? 6.066  -3.762  0.230  1.00 0.00 ? 11 ALA A HB3  5  
ATOM 968  N N    . LYS A 1 12 ? 3.826  -3.448  -2.642 1.00 0.00 ? 12 LYS A N    5  
ATOM 969  C CA   . LYS A 1 12 ? 3.544  -4.315  -3.781 1.00 0.00 ? 12 LYS A CA   5  
ATOM 970  C C    . LYS A 1 12 ? 4.177  -3.765  -5.055 1.00 0.00 ? 12 LYS A C    5  
ATOM 971  O O    . LYS A 1 12 ? 5.311  -4.180  -5.378 1.00 0.00 ? 12 LYS A O    5  
ATOM 972  C CB   . LYS A 1 12 ? 2.031  -4.462  -3.970 1.00 0.00 ? 12 LYS A CB   5  
ATOM 973  C CG   . LYS A 1 12 ? 1.397  -5.536  -3.098 1.00 0.00 ? 12 LYS A CG   5  
ATOM 974  C CD   . LYS A 1 12 ? 1.455  -5.179  -1.622 1.00 0.00 ? 12 LYS A CD   5  
ATOM 975  C CE   . LYS A 1 12 ? 2.629  -5.862  -0.943 1.00 0.00 ? 12 LYS A CE   5  
ATOM 976  N NZ   . LYS A 1 12 ? 2.591  -5.695  0.536  1.00 0.00 ? 12 LYS A NZ   5  
ATOM 977  O OXT  . LYS A 1 12 ? 3.534  -2.926  -5.722 1.00 0.00 ? 12 LYS A OXT  5  
ATOM 978  H H    . LYS A 1 12 ? 3.079  -3.040  -2.156 1.00 0.00 ? 12 LYS A H    5  
ATOM 979  H HA   . LYS A 1 12 ? 3.967  -5.285  -3.571 1.00 0.00 ? 12 LYS A HA   5  
ATOM 980  H HB2  . LYS A 1 12 ? 1.561  -3.516  -3.734 1.00 0.00 ? 12 LYS A HB2  5  
ATOM 981  H HB3  . LYS A 1 12 ? 1.833  -4.703  -5.004 1.00 0.00 ? 12 LYS A HB3  5  
ATOM 982  H HG2  . LYS A 1 12 ? 0.365  -5.657  -3.387 1.00 0.00 ? 12 LYS A HG2  5  
ATOM 983  H HG3  . LYS A 1 12 ? 1.926  -6.467  -3.252 1.00 0.00 ? 12 LYS A HG3  5  
ATOM 984  H HD2  . LYS A 1 12 ? 1.566  -4.108  -1.525 1.00 0.00 ? 12 LYS A HD2  5  
ATOM 985  H HD3  . LYS A 1 12 ? 0.536  -5.495  -1.148 1.00 0.00 ? 12 LYS A HD3  5  
ATOM 986  H HE2  . LYS A 1 12 ? 2.601  -6.914  -1.180 1.00 0.00 ? 12 LYS A HE2  5  
ATOM 987  H HE3  . LYS A 1 12 ? 3.546  -5.433  -1.320 1.00 0.00 ? 12 LYS A HE3  5  
ATOM 988  H HZ1  . LYS A 1 12 ? 2.635  -4.685  0.783  1.00 0.00 ? 12 LYS A HZ1  5  
ATOM 989  H HZ2  . LYS A 1 12 ? 3.399  -6.182  0.972  1.00 0.00 ? 12 LYS A HZ2  5  
ATOM 990  H HZ3  . LYS A 1 12 ? 1.712  -6.096  0.919  1.00 0.00 ? 12 LYS A HZ3  5  
ATOM 991  N N    . MET A 1 1  ? 0.050  -6.288  4.422  1.00 0.00 ? 1  MET A N    6  
ATOM 992  C CA   . MET A 1 1  ? 0.408  -5.887  3.035  1.00 0.00 ? 1  MET A CA   6  
ATOM 993  C C    . MET A 1 1  ? 0.212  -4.391  2.837  1.00 0.00 ? 1  MET A C    6  
ATOM 994  O O    . MET A 1 1  ? -0.124 -3.670  3.776  1.00 0.00 ? 1  MET A O    6  
ATOM 995  C CB   . MET A 1 1  ? -0.452 -6.645  2.023  1.00 0.00 ? 1  MET A CB   6  
ATOM 996  C CG   . MET A 1 1  ? -0.609 -8.123  2.336  1.00 0.00 ? 1  MET A CG   6  
ATOM 997  S SD   . MET A 1 1  ? 0.941  -9.035  2.197  1.00 0.00 ? 1  MET A SD   6  
ATOM 998  C CE   . MET A 1 1  ? 1.286  -8.852  0.448  1.00 0.00 ? 1  MET A CE   6  
ATOM 999  H H1   . MET A 1 1  ? -0.937 -6.026  4.624  1.00 0.00 ? 1  MET A H1   6  
ATOM 1000 H H2   . MET A 1 1  ? 0.671  -5.809  5.104  1.00 0.00 ? 1  MET A H2   6  
ATOM 1001 H H3   . MET A 1 1  ? 0.155  -7.315  4.535  1.00 0.00 ? 1  MET A H3   6  
ATOM 1002 H HA   . MET A 1 1  ? 1.448  -6.130  2.869  1.00 0.00 ? 1  MET A HA   6  
ATOM 1003 H HB2  . MET A 1 1  ? -1.432 -6.197  1.996  1.00 0.00 ? 1  MET A HB2  6  
ATOM 1004 H HB3  . MET A 1 1  ? -0.001 -6.554  1.047  1.00 0.00 ? 1  MET A HB3  6  
ATOM 1005 H HG2  . MET A 1 1  ? -0.980 -8.225  3.345  1.00 0.00 ? 1  MET A HG2  6  
ATOM 1006 H HG3  . MET A 1 1  ? -1.325 -8.545  1.648  1.00 0.00 ? 1  MET A HG3  6  
ATOM 1007 H HE1  . MET A 1 1  ? 0.483  -9.289  -0.125 1.00 0.00 ? 1  MET A HE1  6  
ATOM 1008 H HE2  . MET A 1 1  ? 2.213  -9.353  0.210  1.00 0.00 ? 1  MET A HE2  6  
ATOM 1009 H HE3  . MET A 1 1  ? 1.371  -7.804  0.205  1.00 0.00 ? 1  MET A HE3  6  
ATOM 1010 N N    . ASP A 1 2  ? 0.421  -3.932  1.606  1.00 0.00 ? 2  ASP A N    6  
ATOM 1011 C CA   . ASP A 1 2  ? 0.262  -2.522  1.281  1.00 0.00 ? 2  ASP A CA   6  
ATOM 1012 C C    . ASP A 1 2  ? -0.155 -2.349  -0.177 1.00 0.00 ? 2  ASP A C    6  
ATOM 1013 O O    . ASP A 1 2  ? 0.640  -1.932  -1.020 1.00 0.00 ? 2  ASP A O    6  
ATOM 1014 C CB   . ASP A 1 2  ? 1.559  -1.756  1.554  1.00 0.00 ? 2  ASP A CB   6  
ATOM 1015 C CG   . ASP A 1 2  ? 2.034  -1.908  2.986  1.00 0.00 ? 2  ASP A CG   6  
ATOM 1016 O OD1  . ASP A 1 2  ? 1.495  -1.209  3.868  1.00 0.00 ? 2  ASP A OD1  6  
ATOM 1017 O OD2  . ASP A 1 2  ? 2.946  -2.729  3.225  1.00 0.00 ? 2  ASP A OD2  6  
ATOM 1018 H H    . ASP A 1 2  ? 0.688  -4.558  0.902  1.00 0.00 ? 2  ASP A H    6  
ATOM 1019 H HA   . ASP A 1 2  ? -0.522 -2.127  1.910  1.00 0.00 ? 2  ASP A HA   6  
ATOM 1020 H HB2  . ASP A 1 2  ? 2.333  -2.126  0.897  1.00 0.00 ? 2  ASP A HB2  6  
ATOM 1021 H HB3  . ASP A 1 2  ? 1.399  -0.706  1.356  1.00 0.00 ? 2  ASP A HB3  6  
ATOM 1022 N N    . VAL A 1 3  ? -1.410 -2.674  -0.459 1.00 0.00 ? 3  VAL A N    6  
ATOM 1023 C CA   . VAL A 1 3  ? -1.950 -2.566  -1.807 1.00 0.00 ? 3  VAL A CA   6  
ATOM 1024 C C    . VAL A 1 3  ? -3.383 -2.039  -1.766 1.00 0.00 ? 3  VAL A C    6  
ATOM 1025 O O    . VAL A 1 3  ? -3.900 -1.524  -2.760 1.00 0.00 ? 3  VAL A O    6  
ATOM 1026 C CB   . VAL A 1 3  ? -1.904 -3.932  -2.529 1.00 0.00 ? 3  VAL A CB   6  
ATOM 1027 C CG1  . VAL A 1 3  ? -2.369 -5.042  -1.601 1.00 0.00 ? 3  VAL A CG1  6  
ATOM 1028 C CG2  . VAL A 1 3  ? -2.732 -3.914  -3.808 1.00 0.00 ? 3  VAL A CG2  6  
ATOM 1029 H H    . VAL A 1 3  ? -1.991 -2.998  0.260  1.00 0.00 ? 3  VAL A H    6  
ATOM 1030 H HA   . VAL A 1 3  ? -1.336 -1.868  -2.358 1.00 0.00 ? 3  VAL A HA   6  
ATOM 1031 H HB   . VAL A 1 3  ? -0.877 -4.133  -2.799 1.00 0.00 ? 3  VAL A HB   6  
ATOM 1032 H HG11 . VAL A 1 3  ? -3.333 -4.784  -1.185 1.00 0.00 ? 3  VAL A HG11 6  
ATOM 1033 H HG12 . VAL A 1 3  ? -1.650 -5.165  -0.801 1.00 0.00 ? 3  VAL A HG12 6  
ATOM 1034 H HG13 . VAL A 1 3  ? -2.451 -5.964  -2.155 1.00 0.00 ? 3  VAL A HG13 6  
ATOM 1035 H HG21 . VAL A 1 3  ? -2.377 -3.126  -4.457 1.00 0.00 ? 3  VAL A HG21 6  
ATOM 1036 H HG22 . VAL A 1 3  ? -3.771 -3.739  -3.564 1.00 0.00 ? 3  VAL A HG22 6  
ATOM 1037 H HG23 . VAL A 1 3  ? -2.637 -4.865  -4.312 1.00 0.00 ? 3  VAL A HG23 6  
ATOM 1038 N N    . PHE A 1 4  ? -4.013 -2.156  -0.601 1.00 0.00 ? 4  PHE A N    6  
ATOM 1039 C CA   . PHE A 1 4  ? -5.386 -1.689  -0.423 1.00 0.00 ? 4  PHE A CA   6  
ATOM 1040 C C    . PHE A 1 4  ? -5.452 -0.175  -0.573 1.00 0.00 ? 4  PHE A C    6  
ATOM 1041 O O    . PHE A 1 4  ? -6.091 0.344   -1.491 1.00 0.00 ? 4  PHE A O    6  
ATOM 1042 C CB   . PHE A 1 4  ? -5.931 -2.087  0.954  1.00 0.00 ? 4  PHE A CB   6  
ATOM 1043 C CG   . PHE A 1 4  ? -5.136 -3.157  1.647  1.00 0.00 ? 4  PHE A CG   6  
ATOM 1044 C CD1  . PHE A 1 4  ? -4.033 -2.823  2.417  1.00 0.00 ? 4  PHE A CD1  6  
ATOM 1045 C CD2  . PHE A 1 4  ? -5.490 -4.491  1.532  1.00 0.00 ? 4  PHE A CD2  6  
ATOM 1046 C CE1  . PHE A 1 4  ? -3.297 -3.800  3.058  1.00 0.00 ? 4  PHE A CE1  6  
ATOM 1047 C CE2  . PHE A 1 4  ? -4.758 -5.474  2.172  1.00 0.00 ? 4  PHE A CE2  6  
ATOM 1048 C CZ   . PHE A 1 4  ? -3.660 -5.127  2.936  1.00 0.00 ? 4  PHE A CZ   6  
ATOM 1049 H H    . PHE A 1 4  ? -3.537 -2.557  0.157  1.00 0.00 ? 4  PHE A H    6  
ATOM 1050 H HA   . PHE A 1 4  ? -5.994 -2.144  -1.188 1.00 0.00 ? 4  PHE A HA   6  
ATOM 1051 H HB2  . PHE A 1 4  ? -5.939 -1.217  1.593  1.00 0.00 ? 4  PHE A HB2  6  
ATOM 1052 H HB3  . PHE A 1 4  ? -6.943 -2.448  0.841  1.00 0.00 ? 4  PHE A HB3  6  
ATOM 1053 H HD1  . PHE A 1 4  ? -3.748 -1.786  2.514  1.00 0.00 ? 4  PHE A HD1  6  
ATOM 1054 H HD2  . PHE A 1 4  ? -6.347 -4.760  0.934  1.00 0.00 ? 4  PHE A HD2  6  
ATOM 1055 H HE1  . PHE A 1 4  ? -2.438 -3.525  3.653  1.00 0.00 ? 4  PHE A HE1  6  
ATOM 1056 H HE2  . PHE A 1 4  ? -5.045 -6.510  2.075  1.00 0.00 ? 4  PHE A HE2  6  
ATOM 1057 H HZ   . PHE A 1 4  ? -3.087 -5.893  3.438  1.00 0.00 ? 4  PHE A HZ   6  
ATOM 1058 N N    . MET A 1 5  ? -4.785 0.525   0.336  1.00 0.00 ? 5  MET A N    6  
ATOM 1059 C CA   . MET A 1 5  ? -4.754 1.981   0.317  1.00 0.00 ? 5  MET A CA   6  
ATOM 1060 C C    . MET A 1 5  ? -3.740 2.483   -0.707 1.00 0.00 ? 5  MET A C    6  
ATOM 1061 O O    . MET A 1 5  ? -2.685 1.880   -0.898 1.00 0.00 ? 5  MET A O    6  
ATOM 1062 C CB   . MET A 1 5  ? -4.410 2.518   1.708  1.00 0.00 ? 5  MET A CB   6  
ATOM 1063 C CG   . MET A 1 5  ? -5.473 2.223   2.753  1.00 0.00 ? 5  MET A CG   6  
ATOM 1064 S SD   . MET A 1 5  ? -7.080 2.919   2.325  1.00 0.00 ? 5  MET A SD   6  
ATOM 1065 C CE   . MET A 1 5  ? -8.074 2.330   3.694  1.00 0.00 ? 5  MET A CE   6  
ATOM 1066 H H    . MET A 1 5  ? -4.300 0.049   1.043  1.00 0.00 ? 5  MET A H    6  
ATOM 1067 H HA   . MET A 1 5  ? -5.734 2.331   0.037  1.00 0.00 ? 5  MET A HA   6  
ATOM 1068 H HB2  . MET A 1 5  ? -3.483 2.069   2.034  1.00 0.00 ? 5  MET A HB2  6  
ATOM 1069 H HB3  . MET A 1 5  ? -4.279 3.588   1.647  1.00 0.00 ? 5  MET A HB3  6  
ATOM 1070 H HG2  . MET A 1 5  ? -5.575 1.152   2.851  1.00 0.00 ? 5  MET A HG2  6  
ATOM 1071 H HG3  . MET A 1 5  ? -5.154 2.640   3.697  1.00 0.00 ? 5  MET A HG3  6  
ATOM 1072 H HE1  . MET A 1 5  ? -9.089 2.680   3.580  1.00 0.00 ? 5  MET A HE1  6  
ATOM 1073 H HE2  . MET A 1 5  ? -7.666 2.702   4.622  1.00 0.00 ? 5  MET A HE2  6  
ATOM 1074 H HE3  . MET A 1 5  ? -8.065 1.249   3.706  1.00 0.00 ? 5  MET A HE3  6  
ATOM 1075 N N    . LYS A 1 6  ? -4.072 3.589   -1.364 1.00 0.00 ? 6  LYS A N    6  
ATOM 1076 C CA   . LYS A 1 6  ? -3.200 4.171   -2.375 1.00 0.00 ? 6  LYS A CA   6  
ATOM 1077 C C    . LYS A 1 6  ? -2.074 4.980   -1.735 1.00 0.00 ? 6  LYS A C    6  
ATOM 1078 O O    . LYS A 1 6  ? -1.149 5.422   -2.417 1.00 0.00 ? 6  LYS A O    6  
ATOM 1079 C CB   . LYS A 1 6  ? -4.010 5.061   -3.323 1.00 0.00 ? 6  LYS A CB   6  
ATOM 1080 C CG   . LYS A 1 6  ? -3.246 5.490   -4.568 1.00 0.00 ? 6  LYS A CG   6  
ATOM 1081 C CD   . LYS A 1 6  ? -2.838 4.298   -5.423 1.00 0.00 ? 6  LYS A CD   6  
ATOM 1082 C CE   . LYS A 1 6  ? -4.050 3.540   -5.946 1.00 0.00 ? 6  LYS A CE   6  
ATOM 1083 N NZ   . LYS A 1 6  ? -4.979 4.429   -6.699 1.00 0.00 ? 6  LYS A NZ   6  
ATOM 1084 H H    . LYS A 1 6  ? -4.926 4.027   -1.162 1.00 0.00 ? 6  LYS A H    6  
ATOM 1085 H HA   . LYS A 1 6  ? -2.765 3.360   -2.944 1.00 0.00 ? 6  LYS A HA   6  
ATOM 1086 H HB2  . LYS A 1 6  ? -4.891 4.521   -3.636 1.00 0.00 ? 6  LYS A HB2  6  
ATOM 1087 H HB3  . LYS A 1 6  ? -4.313 5.949   -2.789 1.00 0.00 ? 6  LYS A HB3  6  
ATOM 1088 H HG2  . LYS A 1 6  ? -3.876 6.142   -5.156 1.00 0.00 ? 6  LYS A HG2  6  
ATOM 1089 H HG3  . LYS A 1 6  ? -2.357 6.026   -4.266 1.00 0.00 ? 6  LYS A HG3  6  
ATOM 1090 H HD2  . LYS A 1 6  ? -2.258 4.651   -6.262 1.00 0.00 ? 6  LYS A HD2  6  
ATOM 1091 H HD3  . LYS A 1 6  ? -2.239 3.628   -4.823 1.00 0.00 ? 6  LYS A HD3  6  
ATOM 1092 H HE2  . LYS A 1 6  ? -3.711 2.752   -6.600 1.00 0.00 ? 6  LYS A HE2  6  
ATOM 1093 H HE3  . LYS A 1 6  ? -4.577 3.111   -5.106 1.00 0.00 ? 6  LYS A HE3  6  
ATOM 1094 H HZ1  . LYS A 1 6  ? -5.321 5.193   -6.082 1.00 0.00 ? 6  LYS A HZ1  6  
ATOM 1095 H HZ2  . LYS A 1 6  ? -5.795 3.882   -7.042 1.00 0.00 ? 6  LYS A HZ2  6  
ATOM 1096 H HZ3  . LYS A 1 6  ? -4.489 4.851   -7.514 1.00 0.00 ? 6  LYS A HZ3  6  
ATOM 1097 N N    . GLY A 1 7  ? -2.158 5.168   -0.421 1.00 0.00 ? 7  GLY A N    6  
ATOM 1098 C CA   . GLY A 1 7  ? -1.140 5.926   0.284  1.00 0.00 ? 7  GLY A CA   6  
ATOM 1099 C C    . GLY A 1 7  ? -0.953 5.468   1.717  1.00 0.00 ? 7  GLY A C    6  
ATOM 1100 O O    . GLY A 1 7  ? -1.599 5.985   2.629  1.00 0.00 ? 7  GLY A O    6  
ATOM 1101 H H    . GLY A 1 7  ? -2.915 4.791   0.074  1.00 0.00 ? 7  GLY A H    6  
ATOM 1102 H HA2  . GLY A 1 7  ? -0.200 5.819   -0.240 1.00 0.00 ? 7  GLY A HA2  6  
ATOM 1103 H HA3  . GLY A 1 7  ? -1.421 6.969   0.286  1.00 0.00 ? 7  GLY A HA3  6  
ATOM 1104 N N    . LEU A 1 8  ? -0.070 4.494   1.917  1.00 0.00 ? 8  LEU A N    6  
ATOM 1105 C CA   . LEU A 1 8  ? 0.203  3.971   3.252  1.00 0.00 ? 8  LEU A CA   6  
ATOM 1106 C C    . LEU A 1 8  ? 1.654  3.510   3.369  1.00 0.00 ? 8  LEU A C    6  
ATOM 1107 O O    . LEU A 1 8  ? 2.327  3.801   4.357  1.00 0.00 ? 8  LEU A O    6  
ATOM 1108 C CB   . LEU A 1 8  ? -0.755 2.817   3.586  1.00 0.00 ? 8  LEU A CB   6  
ATOM 1109 C CG   . LEU A 1 8  ? -0.461 1.480   2.892  1.00 0.00 ? 8  LEU A CG   6  
ATOM 1110 C CD1  . LEU A 1 8  ? -1.372 0.390   3.435  1.00 0.00 ? 8  LEU A CD1  6  
ATOM 1111 C CD2  . LEU A 1 8  ? -0.626 1.603   1.384  1.00 0.00 ? 8  LEU A CD2  6  
ATOM 1112 H H    . LEU A 1 8  ? 0.412  4.119   1.149  1.00 0.00 ? 8  LEU A H    6  
ATOM 1113 H HA   . LEU A 1 8  ? 0.039  4.773   3.956  1.00 0.00 ? 8  LEU A HA   6  
ATOM 1114 H HB2  . LEU A 1 8  ? -0.723 2.655   4.653  1.00 0.00 ? 8  LEU A HB2  6  
ATOM 1115 H HB3  . LEU A 1 8  ? -1.754 3.122   3.318  1.00 0.00 ? 8  LEU A HB3  6  
ATOM 1116 H HG   . LEU A 1 8  ? 0.560  1.192   3.096  1.00 0.00 ? 8  LEU A HG   6  
ATOM 1117 H HD11 . LEU A 1 8  ? -1.150 -0.544  2.941  1.00 0.00 ? 8  LEU A HD11 6  
ATOM 1118 H HD12 . LEU A 1 8  ? -2.403 0.659   3.252  1.00 0.00 ? 8  LEU A HD12 6  
ATOM 1119 H HD13 . LEU A 1 8  ? -1.211 0.282   4.498  1.00 0.00 ? 8  LEU A HD13 6  
ATOM 1120 H HD21 . LEU A 1 8  ? -0.438 0.645   0.923  1.00 0.00 ? 8  LEU A HD21 6  
ATOM 1121 H HD22 . LEU A 1 8  ? 0.076  2.330   1.003  1.00 0.00 ? 8  LEU A HD22 6  
ATOM 1122 H HD23 . LEU A 1 8  ? -1.631 1.920   1.155  1.00 0.00 ? 8  LEU A HD23 6  
ATOM 1123 N N    . SER A 1 9  ? 2.130  2.799   2.350  1.00 0.00 ? 9  SER A N    6  
ATOM 1124 C CA   . SER A 1 9  ? 3.498  2.293   2.332  1.00 0.00 ? 9  SER A CA   6  
ATOM 1125 C C    . SER A 1 9  ? 3.892  1.850   0.926  1.00 0.00 ? 9  SER A C    6  
ATOM 1126 O O    . SER A 1 9  ? 5.041  2.017   0.514  1.00 0.00 ? 9  SER A O    6  
ATOM 1127 C CB   . SER A 1 9  ? 3.646  1.118   3.303  1.00 0.00 ? 9  SER A CB   6  
ATOM 1128 O OG   . SER A 1 9  ? 3.509  1.542   4.648  1.00 0.00 ? 9  SER A OG   6  
ATOM 1129 H H    . SER A 1 9  ? 1.545  2.611   1.587  1.00 0.00 ? 9  SER A H    6  
ATOM 1130 H HA   . SER A 1 9  ? 4.154  3.092   2.645  1.00 0.00 ? 9  SER A HA   6  
ATOM 1131 H HB2  . SER A 1 9  ? 2.883  0.385   3.091  1.00 0.00 ? 9  SER A HB2  6  
ATOM 1132 H HB3  . SER A 1 9  ? 4.620  0.669   3.176  1.00 0.00 ? 9  SER A HB3  6  
ATOM 1133 H HG   . SER A 1 9  ? 3.878  0.875   5.233  1.00 0.00 ? 9  SER A HG   6  
ATOM 1134 N N    . LYS A 1 10 ? 2.928  1.293   0.194  1.00 0.00 ? 10 LYS A N    6  
ATOM 1135 C CA   . LYS A 1 10 ? 3.164  0.825   -1.164 1.00 0.00 ? 10 LYS A CA   6  
ATOM 1136 C C    . LYS A 1 10 ? 4.380  -0.096  -1.234 1.00 0.00 ? 10 LYS A C    6  
ATOM 1137 O O    . LYS A 1 10 ? 5.484  0.340   -1.565 1.00 0.00 ? 10 LYS A O    6  
ATOM 1138 C CB   . LYS A 1 10 ? 3.347  2.015   -2.112 1.00 0.00 ? 10 LYS A CB   6  
ATOM 1139 C CG   . LYS A 1 10 ? 2.288  3.101   -1.947 1.00 0.00 ? 10 LYS A CG   6  
ATOM 1140 C CD   . LYS A 1 10 ? 0.878  2.532   -1.878 1.00 0.00 ? 10 LYS A CD   6  
ATOM 1141 C CE   . LYS A 1 10 ? 0.574  1.617   -3.053 1.00 0.00 ? 10 LYS A CE   6  
ATOM 1142 N NZ   . LYS A 1 10 ? -0.875 1.276   -3.133 1.00 0.00 ? 10 LYS A NZ   6  
ATOM 1143 H H    . LYS A 1 10 ? 2.032  1.199   0.576  1.00 0.00 ? 10 LYS A H    6  
ATOM 1144 H HA   . LYS A 1 10 ? 2.291  0.269   -1.471 1.00 0.00 ? 10 LYS A HA   6  
ATOM 1145 H HB2  . LYS A 1 10 ? 4.314  2.456   -1.933 1.00 0.00 ? 10 LYS A HB2  6  
ATOM 1146 H HB3  . LYS A 1 10 ? 3.306  1.657   -3.130 1.00 0.00 ? 10 LYS A HB3  6  
ATOM 1147 H HG2  . LYS A 1 10 ? 2.487  3.643   -1.035 1.00 0.00 ? 10 LYS A HG2  6  
ATOM 1148 H HG3  . LYS A 1 10 ? 2.348  3.777   -2.784 1.00 0.00 ? 10 LYS A HG3  6  
ATOM 1149 H HD2  . LYS A 1 10 ? 0.776  1.968   -0.964 1.00 0.00 ? 10 LYS A HD2  6  
ATOM 1150 H HD3  . LYS A 1 10 ? 0.179  3.352   -1.880 1.00 0.00 ? 10 LYS A HD3  6  
ATOM 1151 H HE2  . LYS A 1 10 ? 0.871  2.109   -3.967 1.00 0.00 ? 10 LYS A HE2  6  
ATOM 1152 H HE3  . LYS A 1 10 ? 1.143  0.706   -2.929 1.00 0.00 ? 10 LYS A HE3  6  
ATOM 1153 H HZ1  . LYS A 1 10 ? -1.437 2.139   -3.277 1.00 0.00 ? 10 LYS A HZ1  6  
ATOM 1154 H HZ2  . LYS A 1 10 ? -1.183 0.817   -2.251 1.00 0.00 ? 10 LYS A HZ2  6  
ATOM 1155 H HZ3  . LYS A 1 10 ? -1.046 0.627   -3.926 1.00 0.00 ? 10 LYS A HZ3  6  
ATOM 1156 N N    . ALA A 1 11 ? 4.167  -1.370  -0.921 1.00 0.00 ? 11 ALA A N    6  
ATOM 1157 C CA   . ALA A 1 11 ? 5.239  -2.355  -0.945 1.00 0.00 ? 11 ALA A CA   6  
ATOM 1158 C C    . ALA A 1 11 ? 5.108  -3.272  -2.156 1.00 0.00 ? 11 ALA A C    6  
ATOM 1159 O O    . ALA A 1 11 ? 6.083  -3.877  -2.603 1.00 0.00 ? 11 ALA A O    6  
ATOM 1160 C CB   . ALA A 1 11 ? 5.239  -3.170  0.340  1.00 0.00 ? 11 ALA A CB   6  
ATOM 1161 H H    . ALA A 1 11 ? 3.262  -1.655  -0.672 1.00 0.00 ? 11 ALA A H    6  
ATOM 1162 H HA   . ALA A 1 11 ? 6.179  -1.825  -1.008 1.00 0.00 ? 11 ALA A HA   6  
ATOM 1163 H HB1  . ALA A 1 11 ? 5.318  -2.503  1.187  1.00 0.00 ? 11 ALA A HB1  6  
ATOM 1164 H HB2  . ALA A 1 11 ? 6.077  -3.850  0.337  1.00 0.00 ? 11 ALA A HB2  6  
ATOM 1165 H HB3  . ALA A 1 11 ? 4.319  -3.729  0.409  1.00 0.00 ? 11 ALA A HB3  6  
ATOM 1166 N N    . LYS A 1 12 ? 3.891  -3.369  -2.682 1.00 0.00 ? 12 LYS A N    6  
ATOM 1167 C CA   . LYS A 1 12 ? 3.619  -4.208  -3.843 1.00 0.00 ? 12 LYS A CA   6  
ATOM 1168 C C    . LYS A 1 12 ? 4.292  -3.644  -5.091 1.00 0.00 ? 12 LYS A C    6  
ATOM 1169 O O    . LYS A 1 12 ? 3.672  -2.797  -5.765 1.00 0.00 ? 12 LYS A O    6  
ATOM 1170 C CB   . LYS A 1 12 ? 2.108  -4.323  -4.070 1.00 0.00 ? 12 LYS A CB   6  
ATOM 1171 C CG   . LYS A 1 12 ? 1.424  -5.379  -3.210 1.00 0.00 ? 12 LYS A CG   6  
ATOM 1172 C CD   . LYS A 1 12 ? 1.431  -5.008  -1.736 1.00 0.00 ? 12 LYS A CD   6  
ATOM 1173 C CE   . LYS A 1 12 ? 2.588  -5.673  -1.011 1.00 0.00 ? 12 LYS A CE   6  
ATOM 1174 N NZ   . LYS A 1 12 ? 2.498  -5.495  0.464  1.00 0.00 ? 12 LYS A NZ   6  
ATOM 1175 O OXT  . LYS A 1 12 ? 5.435  -4.056  -5.382 1.00 0.00 ? 12 LYS A OXT  6  
ATOM 1176 H H    . LYS A 1 12 ? 3.155  -2.862  -2.278 1.00 0.00 ? 12 LYS A H    6  
ATOM 1177 H HA   . LYS A 1 12 ? 4.020  -5.190  -3.643 1.00 0.00 ? 12 LYS A HA   6  
ATOM 1178 H HB2  . LYS A 1 12 ? 1.653  -3.368  -3.852 1.00 0.00 ? 12 LYS A HB2  6  
ATOM 1179 H HB3  . LYS A 1 12 ? 1.932  -4.566  -5.108 1.00 0.00 ? 12 LYS A HB3  6  
ATOM 1180 H HG2  . LYS A 1 12 ? 0.402  -5.488  -3.537 1.00 0.00 ? 12 LYS A HG2  6  
ATOM 1181 H HG3  . LYS A 1 12 ? 1.945  -6.319  -3.334 1.00 0.00 ? 12 LYS A HG3  6  
ATOM 1182 H HD2  . LYS A 1 12 ? 1.530  -3.935  -1.645 1.00 0.00 ? 12 LYS A HD2  6  
ATOM 1183 H HD3  . LYS A 1 12 ? 0.500  -5.327  -1.289 1.00 0.00 ? 12 LYS A HD3  6  
ATOM 1184 H HE2  . LYS A 1 12 ? 2.577  -6.727  -1.242 1.00 0.00 ? 12 LYS A HE2  6  
ATOM 1185 H HE3  . LYS A 1 12 ? 3.512  -5.239  -1.362 1.00 0.00 ? 12 LYS A HE3  6  
ATOM 1186 H HZ1  . LYS A 1 12 ? 1.612  -5.908  0.822  1.00 0.00 ? 12 LYS A HZ1  6  
ATOM 1187 H HZ2  . LYS A 1 12 ? 2.518  -4.483  0.705  1.00 0.00 ? 12 LYS A HZ2  6  
ATOM 1188 H HZ3  . LYS A 1 12 ? 3.299  -5.965  0.932  1.00 0.00 ? 12 LYS A HZ3  6  
ATOM 1189 N N    . MET A 1 1  ? 0.164  -7.145  4.433  1.00 0.00 ? 1  MET A N    7  
ATOM 1190 C CA   . MET A 1 1  ? 0.416  -6.540  3.101  1.00 0.00 ? 1  MET A CA   7  
ATOM 1191 C C    . MET A 1 1  ? 0.009  -5.070  3.079  1.00 0.00 ? 1  MET A C    7  
ATOM 1192 O O    . MET A 1 1  ? -0.705 -4.601  3.964  1.00 0.00 ? 1  MET A O    7  
ATOM 1193 C CB   . MET A 1 1  ? -0.345 -7.305  2.016  1.00 0.00 ? 1  MET A CB   7  
ATOM 1194 C CG   . MET A 1 1  ? -1.504 -8.119  2.553  1.00 0.00 ? 1  MET A CG   7  
ATOM 1195 S SD   . MET A 1 1  ? -2.275 -9.155  1.293  1.00 0.00 ? 1  MET A SD   7  
ATOM 1196 C CE   . MET A 1 1  ? -0.898 -10.201 0.820  1.00 0.00 ? 1  MET A CE   7  
ATOM 1197 H H1   . MET A 1 1  ? 0.735  -6.664  5.157  1.00 0.00 ? 1  MET A H1   7  
ATOM 1198 H H2   . MET A 1 1  ? 0.413  -8.154  4.423  1.00 0.00 ? 1  MET A H2   7  
ATOM 1199 H H3   . MET A 1 1  ? -0.842 -7.051  4.683  1.00 0.00 ? 1  MET A H3   7  
ATOM 1200 H HA   . MET A 1 1  ? 1.472  -6.610  2.900  1.00 0.00 ? 1  MET A HA   7  
ATOM 1201 H HB2  . MET A 1 1  ? -0.734 -6.599  1.300  1.00 0.00 ? 1  MET A HB2  7  
ATOM 1202 H HB3  . MET A 1 1  ? 0.338  -7.976  1.516  1.00 0.00 ? 1  MET A HB3  7  
ATOM 1203 H HG2  . MET A 1 1  ? -1.140 -8.751  3.347  1.00 0.00 ? 1  MET A HG2  7  
ATOM 1204 H HG3  . MET A 1 1  ? -2.246 -7.441  2.944  1.00 0.00 ? 1  MET A HG3  7  
ATOM 1205 H HE1  . MET A 1 1  ? -0.092 -9.586  0.448  1.00 0.00 ? 1  MET A HE1  7  
ATOM 1206 H HE2  . MET A 1 1  ? -1.215 -10.885 0.046  1.00 0.00 ? 1  MET A HE2  7  
ATOM 1207 H HE3  . MET A 1 1  ? -0.559 -10.759 1.677  1.00 0.00 ? 1  MET A HE3  7  
ATOM 1208 N N    . ASP A 1 2  ? 0.471  -4.350  2.060  1.00 0.00 ? 2  ASP A N    7  
ATOM 1209 C CA   . ASP A 1 2  ? 0.158  -2.931  1.918  1.00 0.00 ? 2  ASP A CA   7  
ATOM 1210 C C    . ASP A 1 2  ? 0.051  -2.546  0.446  1.00 0.00 ? 2  ASP A C    7  
ATOM 1211 O O    . ASP A 1 2  ? 1.059  -2.324  -0.225 1.00 0.00 ? 2  ASP A O    7  
ATOM 1212 C CB   . ASP A 1 2  ? 1.228  -2.078  2.606  1.00 0.00 ? 2  ASP A CB   7  
ATOM 1213 C CG   . ASP A 1 2  ? 1.336  -2.370  4.089  1.00 0.00 ? 2  ASP A CG   7  
ATOM 1214 O OD1  . ASP A 1 2  ? 0.595  -1.740  4.874  1.00 0.00 ? 2  ASP A OD1  7  
ATOM 1215 O OD2  . ASP A 1 2  ? 2.161  -3.230  4.468  1.00 0.00 ? 2  ASP A OD2  7  
ATOM 1216 H H    . ASP A 1 2  ? 1.038  -4.782  1.389  1.00 0.00 ? 2  ASP A H    7  
ATOM 1217 H HA   . ASP A 1 2  ? -0.794 -2.752  2.393  1.00 0.00 ? 2  ASP A HA   7  
ATOM 1218 H HB2  . ASP A 1 2  ? 2.186  -2.276  2.149  1.00 0.00 ? 2  ASP A HB2  7  
ATOM 1219 H HB3  . ASP A 1 2  ? 0.981  -1.035  2.480  1.00 0.00 ? 2  ASP A HB3  7  
ATOM 1220 N N    . VAL A 1 3  ? -1.180 -2.467  -0.047 1.00 0.00 ? 3  VAL A N    7  
ATOM 1221 C CA   . VAL A 1 3  ? -1.429 -2.115  -1.439 1.00 0.00 ? 3  VAL A CA   7  
ATOM 1222 C C    . VAL A 1 3  ? -2.857 -1.599  -1.621 1.00 0.00 ? 3  VAL A C    7  
ATOM 1223 O O    . VAL A 1 3  ? -3.162 -0.903  -2.590 1.00 0.00 ? 3  VAL A O    7  
ATOM 1224 C CB   . VAL A 1 3  ? -1.187 -3.329  -2.362 1.00 0.00 ? 3  VAL A CB   7  
ATOM 1225 C CG1  . VAL A 1 3  ? -1.888 -4.564  -1.816 1.00 0.00 ? 3  VAL A CG1  7  
ATOM 1226 C CG2  . VAL A 1 3  ? -1.634 -3.039  -3.788 1.00 0.00 ? 3  VAL A CG2  7  
ATOM 1227 H H    . VAL A 1 3  ? -1.941 -2.653  0.540  1.00 0.00 ? 3  VAL A H    7  
ATOM 1228 H HA   . VAL A 1 3  ? -0.736 -1.333  -1.715 1.00 0.00 ? 3  VAL A HA   7  
ATOM 1229 H HB   . VAL A 1 3  ? -0.127 -3.529  -2.377 1.00 0.00 ? 3  VAL A HB   7  
ATOM 1230 H HG11 . VAL A 1 3  ? -2.936 -4.347  -1.666 1.00 0.00 ? 3  VAL A HG11 7  
ATOM 1231 H HG12 . VAL A 1 3  ? -1.437 -4.844  -0.873 1.00 0.00 ? 3  VAL A HG12 7  
ATOM 1232 H HG13 . VAL A 1 3  ? -1.784 -5.375  -2.520 1.00 0.00 ? 3  VAL A HG13 7  
ATOM 1233 H HG21 . VAL A 1 3  ? -1.089 -2.189  -4.172 1.00 0.00 ? 3  VAL A HG21 7  
ATOM 1234 H HG22 . VAL A 1 3  ? -2.692 -2.820  -3.798 1.00 0.00 ? 3  VAL A HG22 7  
ATOM 1235 H HG23 . VAL A 1 3  ? -1.440 -3.901  -4.410 1.00 0.00 ? 3  VAL A HG23 7  
ATOM 1236 N N    . PHE A 1 4  ? -3.722 -1.938  -0.671 1.00 0.00 ? 4  PHE A N    7  
ATOM 1237 C CA   . PHE A 1 4  ? -5.120 -1.512  -0.713 1.00 0.00 ? 4  PHE A CA   7  
ATOM 1238 C C    . PHE A 1 4  ? -5.216 0.005   -0.823 1.00 0.00 ? 4  PHE A C    7  
ATOM 1239 O O    . PHE A 1 4  ? -5.674 0.540   -1.831 1.00 0.00 ? 4  PHE A O    7  
ATOM 1240 C CB   . PHE A 1 4  ? -5.876 -1.979  0.540  1.00 0.00 ? 4  PHE A CB   7  
ATOM 1241 C CG   . PHE A 1 4  ? -5.198 -3.092  1.288  1.00 0.00 ? 4  PHE A CG   7  
ATOM 1242 C CD1  . PHE A 1 4  ? -4.196 -2.813  2.203  1.00 0.00 ? 4  PHE A CD1  7  
ATOM 1243 C CD2  . PHE A 1 4  ? -5.559 -4.413  1.077  1.00 0.00 ? 4  PHE A CD2  7  
ATOM 1244 C CE1  . PHE A 1 4  ? -3.566 -3.828  2.893  1.00 0.00 ? 4  PHE A CE1  7  
ATOM 1245 C CE2  . PHE A 1 4  ? -4.933 -5.435  1.765  1.00 0.00 ? 4  PHE A CE2  7  
ATOM 1246 C CZ   . PHE A 1 4  ? -3.933 -5.142  2.673  1.00 0.00 ? 4  PHE A CZ   7  
ATOM 1247 H H    . PHE A 1 4  ? -3.410 -2.489  0.077  1.00 0.00 ? 4  PHE A H    7  
ATOM 1248 H HA   . PHE A 1 4  ? -5.578 -1.956  -1.585 1.00 0.00 ? 4  PHE A HA   7  
ATOM 1249 H HB2  . PHE A 1 4  ? -5.981 -1.144  1.217  1.00 0.00 ? 4  PHE A HB2  7  
ATOM 1250 H HB3  . PHE A 1 4  ? -6.858 -2.323  0.250  1.00 0.00 ? 4  PHE A HB3  7  
ATOM 1251 H HD1  . PHE A 1 4  ? -3.908 -1.786  2.375  1.00 0.00 ? 4  PHE A HD1  7  
ATOM 1252 H HD2  . PHE A 1 4  ? -6.339 -4.643  0.364  1.00 0.00 ? 4  PHE A HD2  7  
ATOM 1253 H HE1  . PHE A 1 4  ? -2.785 -3.594  3.599  1.00 0.00 ? 4  PHE A HE1  7  
ATOM 1254 H HE2  . PHE A 1 4  ? -5.223 -6.461  1.592  1.00 0.00 ? 4  PHE A HE2  7  
ATOM 1255 H HZ   . PHE A 1 4  ? -3.443 -5.938  3.213  1.00 0.00 ? 4  PHE A HZ   7  
ATOM 1256 N N    . MET A 1 5  ? -4.779 0.688   0.228  1.00 0.00 ? 5  MET A N    7  
ATOM 1257 C CA   . MET A 1 5  ? -4.805 2.145   0.263  1.00 0.00 ? 5  MET A CA   7  
ATOM 1258 C C    . MET A 1 5  ? -3.854 2.728   -0.777 1.00 0.00 ? 5  MET A C    7  
ATOM 1259 O O    . MET A 1 5  ? -2.756 2.214   -0.989 1.00 0.00 ? 5  MET A O    7  
ATOM 1260 C CB   . MET A 1 5  ? -4.427 2.642   1.658  1.00 0.00 ? 5  MET A CB   7  
ATOM 1261 C CG   . MET A 1 5  ? -5.554 2.526   2.669  1.00 0.00 ? 5  MET A CG   7  
ATOM 1262 S SD   . MET A 1 5  ? -7.004 3.492   2.205  1.00 0.00 ? 5  MET A SD   7  
ATOM 1263 C CE   . MET A 1 5  ? -8.084 3.178   3.600  1.00 0.00 ? 5  MET A CE   7  
ATOM 1264 H H    . MET A 1 5  ? -4.430 0.200   1.004  1.00 0.00 ? 5  MET A H    7  
ATOM 1265 H HA   . MET A 1 5  ? -5.809 2.464   0.035  1.00 0.00 ? 5  MET A HA   7  
ATOM 1266 H HB2  . MET A 1 5  ? -3.589 2.061   2.019  1.00 0.00 ? 5  MET A HB2  7  
ATOM 1267 H HB3  . MET A 1 5  ? -4.136 3.679   1.594  1.00 0.00 ? 5  MET A HB3  7  
ATOM 1268 H HG2  . MET A 1 5  ? -5.843 1.487   2.749  1.00 0.00 ? 5  MET A HG2  7  
ATOM 1269 H HG3  . MET A 1 5  ? -5.198 2.873   3.628  1.00 0.00 ? 5  MET A HG3  7  
ATOM 1270 H HE1  . MET A 1 5  ? -7.599 3.500   4.509  1.00 0.00 ? 5  MET A HE1  7  
ATOM 1271 H HE2  . MET A 1 5  ? -8.297 2.121   3.659  1.00 0.00 ? 5  MET A HE2  7  
ATOM 1272 H HE3  . MET A 1 5  ? -9.006 3.725   3.470  1.00 0.00 ? 5  MET A HE3  7  
ATOM 1273 N N    . LYS A 1 6  ? -4.288 3.806   -1.425 1.00 0.00 ? 6  LYS A N    7  
ATOM 1274 C CA   . LYS A 1 6  ? -3.484 4.464   -2.449 1.00 0.00 ? 6  LYS A CA   7  
ATOM 1275 C C    . LYS A 1 6  ? -2.297 5.195   -1.823 1.00 0.00 ? 6  LYS A C    7  
ATOM 1276 O O    . LYS A 1 6  ? -1.410 5.674   -2.529 1.00 0.00 ? 6  LYS A O    7  
ATOM 1277 C CB   . LYS A 1 6  ? -4.347 5.444   -3.248 1.00 0.00 ? 6  LYS A CB   7  
ATOM 1278 C CG   . LYS A 1 6  ? -3.637 6.062   -4.446 1.00 0.00 ? 6  LYS A CG   7  
ATOM 1279 C CD   . LYS A 1 6  ? -3.189 5.007   -5.448 1.00 0.00 ? 6  LYS A CD   7  
ATOM 1280 C CE   . LYS A 1 6  ? -4.374 4.282   -6.067 1.00 0.00 ? 6  LYS A CE   7  
ATOM 1281 N NZ   . LYS A 1 6  ? -3.945 3.312   -7.112 1.00 0.00 ? 6  LYS A NZ   7  
ATOM 1282 H H    . LYS A 1 6  ? -5.174 4.165   -1.211 1.00 0.00 ? 6  LYS A H    7  
ATOM 1283 H HA   . LYS A 1 6  ? -3.109 3.702   -3.115 1.00 0.00 ? 6  LYS A HA   7  
ATOM 1284 H HB2  . LYS A 1 6  ? -5.222 4.923   -3.608 1.00 0.00 ? 6  LYS A HB2  7  
ATOM 1285 H HB3  . LYS A 1 6  ? -4.662 6.243   -2.593 1.00 0.00 ? 6  LYS A HB3  7  
ATOM 1286 H HG2  . LYS A 1 6  ? -4.312 6.745   -4.939 1.00 0.00 ? 6  LYS A HG2  7  
ATOM 1287 H HG3  . LYS A 1 6  ? -2.770 6.604   -4.096 1.00 0.00 ? 6  LYS A HG3  7  
ATOM 1288 H HD2  . LYS A 1 6  ? -2.624 5.486   -6.233 1.00 0.00 ? 6  LYS A HD2  7  
ATOM 1289 H HD3  . LYS A 1 6  ? -2.563 4.287   -4.941 1.00 0.00 ? 6  LYS A HD3  7  
ATOM 1290 H HE2  . LYS A 1 6  ? -4.899 3.748   -5.288 1.00 0.00 ? 6  LYS A HE2  7  
ATOM 1291 H HE3  . LYS A 1 6  ? -5.033 5.010   -6.513 1.00 0.00 ? 6  LYS A HE3  7  
ATOM 1292 H HZ1  . LYS A 1 6  ? -4.775 2.839   -7.523 1.00 0.00 ? 6  LYS A HZ1  7  
ATOM 1293 H HZ2  . LYS A 1 6  ? -3.319 2.593   -6.697 1.00 0.00 ? 6  LYS A HZ2  7  
ATOM 1294 H HZ3  . LYS A 1 6  ? -3.432 3.807   -7.869 1.00 0.00 ? 6  LYS A HZ3  7  
ATOM 1295 N N    . GLY A 1 7  ? -2.289 5.272   -0.497 1.00 0.00 ? 7  GLY A N    7  
ATOM 1296 C CA   . GLY A 1 7  ? -1.205 5.945   0.198  1.00 0.00 ? 7  GLY A CA   7  
ATOM 1297 C C    . GLY A 1 7  ? -1.044 5.467   1.629  1.00 0.00 ? 7  GLY A C    7  
ATOM 1298 O O    . GLY A 1 7  ? -1.752 5.926   2.526  1.00 0.00 ? 7  GLY A O    7  
ATOM 1299 H H    . GLY A 1 7  ? -3.022 4.871   0.015  1.00 0.00 ? 7  GLY A H    7  
ATOM 1300 H HA2  . GLY A 1 7  ? -0.284 5.764   -0.337 1.00 0.00 ? 7  GLY A HA2  7  
ATOM 1301 H HA3  . GLY A 1 7  ? -1.402 7.006   0.204  1.00 0.00 ? 7  GLY A HA3  7  
ATOM 1302 N N    . LEU A 1 8  ? -0.109 4.546   1.845  1.00 0.00 ? 8  LEU A N    7  
ATOM 1303 C CA   . LEU A 1 8  ? 0.145  4.011   3.178  1.00 0.00 ? 8  LEU A CA   7  
ATOM 1304 C C    . LEU A 1 8  ? 1.562  3.449   3.282  1.00 0.00 ? 8  LEU A C    7  
ATOM 1305 O O    . LEU A 1 8  ? 2.246  3.655   4.286  1.00 0.00 ? 8  LEU A O    7  
ATOM 1306 C CB   . LEU A 1 8  ? -0.883 2.925   3.528  1.00 0.00 ? 8  LEU A CB   7  
ATOM 1307 C CG   . LEU A 1 8  ? -0.654 1.556   2.877  1.00 0.00 ? 8  LEU A CG   7  
ATOM 1308 C CD1  . LEU A 1 8  ? -1.552 0.508   3.516  1.00 0.00 ? 8  LEU A CD1  7  
ATOM 1309 C CD2  . LEU A 1 8  ? -0.907 1.630   1.379  1.00 0.00 ? 8  LEU A CD2  7  
ATOM 1310 H H    . LEU A 1 8  ? 0.422  4.218   1.088  1.00 0.00 ? 8  LEU A H    7  
ATOM 1311 H HA   . LEU A 1 8  ? 0.044  4.824   3.883  1.00 0.00 ? 8  LEU A HA   7  
ATOM 1312 H HB2  . LEU A 1 8  ? -0.883 2.793   4.600  1.00 0.00 ? 8  LEU A HB2  7  
ATOM 1313 H HB3  . LEU A 1 8  ? -1.858 3.279   3.228  1.00 0.00 ? 8  LEU A HB3  7  
ATOM 1314 H HG   . LEU A 1 8  ? 0.371  1.257   3.031  1.00 0.00 ? 8  LEU A HG   7  
ATOM 1315 H HD11 . LEU A 1 8  ? -1.339 -0.459  3.085  1.00 0.00 ? 8  LEU A HD11 7  
ATOM 1316 H HD12 . LEU A 1 8  ? -2.587 0.761   3.335  1.00 0.00 ? 8  LEU A HD12 7  
ATOM 1317 H HD13 . LEU A 1 8  ? -1.369 0.476   4.580  1.00 0.00 ? 8  LEU A HD13 7  
ATOM 1318 H HD21 . LEU A 1 8  ? -1.970 1.624   1.193  1.00 0.00 ? 8  LEU A HD21 7  
ATOM 1319 H HD22 . LEU A 1 8  ? -0.454 0.778   0.896  1.00 0.00 ? 8  LEU A HD22 7  
ATOM 1320 H HD23 . LEU A 1 8  ? -0.478 2.539   0.987  1.00 0.00 ? 8  LEU A HD23 7  
ATOM 1321 N N    . SER A 1 9  ? 1.996  2.747   2.239  1.00 0.00 ? 9  SER A N    7  
ATOM 1322 C CA   . SER A 1 9  ? 3.328  2.155   2.214  1.00 0.00 ? 9  SER A CA   7  
ATOM 1323 C C    . SER A 1 9  ? 3.753  1.825   0.787  1.00 0.00 ? 9  SER A C    7  
ATOM 1324 O O    . SER A 1 9  ? 4.902  2.054   0.405  1.00 0.00 ? 9  SER A O    7  
ATOM 1325 C CB   . SER A 1 9  ? 3.366  0.885   3.070  1.00 0.00 ? 9  SER A CB   7  
ATOM 1326 O OG   . SER A 1 9  ? 3.122  1.178   4.434  1.00 0.00 ? 9  SER A OG   7  
ATOM 1327 H H    . SER A 1 9  ? 1.404  2.623   1.467  1.00 0.00 ? 9  SER A H    7  
ATOM 1328 H HA   . SER A 1 9  ? 4.020  2.875   2.624  1.00 0.00 ? 9  SER A HA   7  
ATOM 1329 H HB2  . SER A 1 9  ? 2.610  0.198   2.722  1.00 0.00 ? 9  SER A HB2  7  
ATOM 1330 H HB3  . SER A 1 9  ? 4.339  0.424   2.982  1.00 0.00 ? 9  SER A HB3  7  
ATOM 1331 H HG   . SER A 1 9  ? 3.216  0.377   4.956  1.00 0.00 ? 9  SER A HG   7  
ATOM 1332 N N    . LYS A 1 10 ? 2.820  1.290   0.000  1.00 0.00 ? 10 LYS A N    7  
ATOM 1333 C CA   . LYS A 1 10 ? 3.100  0.926   -1.384 1.00 0.00 ? 10 LYS A CA   7  
ATOM 1334 C C    . LYS A 1 10 ? 4.342  0.042   -1.483 1.00 0.00 ? 10 LYS A C    7  
ATOM 1335 O O    . LYS A 1 10 ? 5.410  0.497   -1.896 1.00 0.00 ? 10 LYS A O    7  
ATOM 1336 C CB   . LYS A 1 10 ? 3.275  2.183   -2.239 1.00 0.00 ? 10 LYS A CB   7  
ATOM 1337 C CG   . LYS A 1 10 ? 1.987  2.967   -2.421 1.00 0.00 ? 10 LYS A CG   7  
ATOM 1338 C CD   . LYS A 1 10 ? 0.998  2.214   -3.295 1.00 0.00 ? 10 LYS A CD   7  
ATOM 1339 C CE   . LYS A 1 10 ? -0.435 2.572   -2.943 1.00 0.00 ? 10 LYS A CE   7  
ATOM 1340 N NZ   . LYS A 1 10 ? -1.414 1.886   -3.831 1.00 0.00 ? 10 LYS A NZ   7  
ATOM 1341 H H    . LYS A 1 10 ? 1.919  1.147   0.359  1.00 0.00 ? 10 LYS A H    7  
ATOM 1342 H HA   . LYS A 1 10 ? 2.252  0.369   -1.754 1.00 0.00 ? 10 LYS A HA   7  
ATOM 1343 H HB2  . LYS A 1 10 ? 4.001  2.827   -1.768 1.00 0.00 ? 10 LYS A HB2  7  
ATOM 1344 H HB3  . LYS A 1 10 ? 3.638  1.894   -3.215 1.00 0.00 ? 10 LYS A HB3  7  
ATOM 1345 H HG2  . LYS A 1 10 ? 1.540  3.137   -1.453 1.00 0.00 ? 10 LYS A HG2  7  
ATOM 1346 H HG3  . LYS A 1 10 ? 2.216  3.915   -2.886 1.00 0.00 ? 10 LYS A HG3  7  
ATOM 1347 H HD2  . LYS A 1 10 ? 1.178  2.469   -4.329 1.00 0.00 ? 10 LYS A HD2  7  
ATOM 1348 H HD3  . LYS A 1 10 ? 1.141  1.152   -3.153 1.00 0.00 ? 10 LYS A HD3  7  
ATOM 1349 H HE2  . LYS A 1 10 ? -0.622 2.278   -1.920 1.00 0.00 ? 10 LYS A HE2  7  
ATOM 1350 H HE3  . LYS A 1 10 ? -0.560 3.639   -3.040 1.00 0.00 ? 10 LYS A HE3  7  
ATOM 1351 H HZ1  . LYS A 1 10 ? -1.272 0.856   -3.793 1.00 0.00 ? 10 LYS A HZ1  7  
ATOM 1352 H HZ2  . LYS A 1 10 ? -1.290 2.205   -4.815 1.00 0.00 ? 10 LYS A HZ2  7  
ATOM 1353 H HZ3  . LYS A 1 10 ? -2.385 2.099   -3.528 1.00 0.00 ? 10 LYS A HZ3  7  
ATOM 1354 N N    . ALA A 1 11 ? 4.192  -1.223  -1.099 1.00 0.00 ? 11 ALA A N    7  
ATOM 1355 C CA   . ALA A 1 11 ? 5.295  -2.175  -1.145 1.00 0.00 ? 11 ALA A CA   7  
ATOM 1356 C C    . ALA A 1 11 ? 5.122  -3.150  -2.304 1.00 0.00 ? 11 ALA A C    7  
ATOM 1357 O O    . ALA A 1 11 ? 6.103  -3.641  -2.868 1.00 0.00 ? 11 ALA A O    7  
ATOM 1358 C CB   . ALA A 1 11 ? 5.394  -2.929  0.173  1.00 0.00 ? 11 ALA A CB   7  
ATOM 1359 H H    . ALA A 1 11 ? 3.315  -1.523  -0.778 1.00 0.00 ? 11 ALA A H    7  
ATOM 1360 H HA   . ALA A 1 11 ? 6.212  -1.619  -1.287 1.00 0.00 ? 11 ALA A HA   7  
ATOM 1361 H HB1  . ALA A 1 11 ? 5.521  -2.222  0.982  1.00 0.00 ? 11 ALA A HB1  7  
ATOM 1362 H HB2  . ALA A 1 11 ? 6.244  -3.596  0.143  1.00 0.00 ? 11 ALA A HB2  7  
ATOM 1363 H HB3  . ALA A 1 11 ? 4.494  -3.500  0.330  1.00 0.00 ? 11 ALA A HB3  7  
ATOM 1364 N N    . LYS A 1 12 ? 3.869  -3.424  -2.656 1.00 0.00 ? 12 LYS A N    7  
ATOM 1365 C CA   . LYS A 1 12 ? 3.559  -4.338  -3.751 1.00 0.00 ? 12 LYS A CA   7  
ATOM 1366 C C    . LYS A 1 12 ? 4.150  -3.837  -5.063 1.00 0.00 ? 12 LYS A C    7  
ATOM 1367 O O    . LYS A 1 12 ? 5.293  -4.225  -5.384 1.00 0.00 ? 12 LYS A O    7  
ATOM 1368 C CB   . LYS A 1 12 ? 2.042  -4.503  -3.890 1.00 0.00 ? 12 LYS A CB   7  
ATOM 1369 C CG   . LYS A 1 12 ? 1.451  -5.603  -3.017 1.00 0.00 ? 12 LYS A CG   7  
ATOM 1370 C CD   . LYS A 1 12 ? 1.567  -5.279  -1.537 1.00 0.00 ? 12 LYS A CD   7  
ATOM 1371 C CE   . LYS A 1 12 ? 2.741  -6.005  -0.904 1.00 0.00 ? 12 LYS A CE   7  
ATOM 1372 N NZ   . LYS A 1 12 ? 2.723  -5.910  0.580  1.00 0.00 ? 12 LYS A NZ   7  
ATOM 1373 O OXT  . LYS A 1 12 ? 3.466  -3.059  -5.763 1.00 0.00 ? 12 LYS A OXT  7  
ATOM 1374 H H    . LYS A 1 12 ? 3.134  -3.001  -2.166 1.00 0.00 ? 12 LYS A H    7  
ATOM 1375 H HA   . LYS A 1 12 ? 3.994  -5.297  -3.516 1.00 0.00 ? 12 LYS A HA   7  
ATOM 1376 H HB2  . LYS A 1 12 ? 1.566  -3.570  -3.624 1.00 0.00 ? 12 LYS A HB2  7  
ATOM 1377 H HB3  . LYS A 1 12 ? 1.811  -4.729  -4.921 1.00 0.00 ? 12 LYS A HB3  7  
ATOM 1378 H HG2  . LYS A 1 12 ? 0.408  -5.724  -3.267 1.00 0.00 ? 12 LYS A HG2  7  
ATOM 1379 H HG3  . LYS A 1 12 ? 1.978  -6.526  -3.214 1.00 0.00 ? 12 LYS A HG3  7  
ATOM 1380 H HD2  . LYS A 1 12 ? 1.710  -4.215  -1.420 1.00 0.00 ? 12 LYS A HD2  7  
ATOM 1381 H HD3  . LYS A 1 12 ? 0.655  -5.580  -1.039 1.00 0.00 ? 12 LYS A HD3  7  
ATOM 1382 H HE2  . LYS A 1 12 ? 2.698  -7.046  -1.192 1.00 0.00 ? 12 LYS A HE2  7  
ATOM 1383 H HE3  . LYS A 1 12 ? 3.659  -5.569  -1.274 1.00 0.00 ? 12 LYS A HE3  7  
ATOM 1384 H HZ1  . LYS A 1 12 ? 3.565  -6.375  0.979  1.00 0.00 ? 12 LYS A HZ1  7  
ATOM 1385 H HZ2  . LYS A 1 12 ? 1.872  -6.373  0.958  1.00 0.00 ? 12 LYS A HZ2  7  
ATOM 1386 H HZ3  . LYS A 1 12 ? 2.721  -4.913  0.875  1.00 0.00 ? 12 LYS A HZ3  7  
ATOM 1387 N N    . MET A 1 1  ? -0.293 -6.644  4.505  1.00 0.00 ? 1  MET A N    8  
ATOM 1388 C CA   . MET A 1 1  ? 0.227  -6.211  3.184  1.00 0.00 ? 1  MET A CA   8  
ATOM 1389 C C    . MET A 1 1  ? 0.057  -4.709  3.007  1.00 0.00 ? 1  MET A C    8  
ATOM 1390 O O    . MET A 1 1  ? -0.379 -4.013  3.925  1.00 0.00 ? 1  MET A O    8  
ATOM 1391 C CB   . MET A 1 1  ? -0.504 -6.935  2.050  1.00 0.00 ? 1  MET A CB   8  
ATOM 1392 C CG   . MET A 1 1  ? -0.664 -8.428  2.259  1.00 0.00 ? 1  MET A CG   8  
ATOM 1393 S SD   . MET A 1 1  ? -1.856 -8.839  3.551  1.00 0.00 ? 1  MET A SD   8  
ATOM 1394 C CE   . MET A 1 1  ? -1.716 -10.624 3.585  1.00 0.00 ? 1  MET A CE   8  
ATOM 1395 H H1   . MET A 1 1  ? 0.182  -6.118  5.267  1.00 0.00 ? 1  MET A H1   8  
ATOM 1396 H H2   . MET A 1 1  ? -0.120 -7.660  4.642  1.00 0.00 ? 1  MET A H2   8  
ATOM 1397 H H3   . MET A 1 1  ? -1.316 -6.465  4.562  1.00 0.00 ? 1  MET A H3   8  
ATOM 1398 H HA   . MET A 1 1  ? 1.281  -6.450  3.137  1.00 0.00 ? 1  MET A HA   8  
ATOM 1399 H HB2  . MET A 1 1  ? -1.485 -6.507  1.940  1.00 0.00 ? 1  MET A HB2  8  
ATOM 1400 H HB3  . MET A 1 1  ? 0.046  -6.781  1.133  1.00 0.00 ? 1  MET A HB3  8  
ATOM 1401 H HG2  . MET A 1 1  ? -1.003 -8.860  1.334  1.00 0.00 ? 1  MET A HG2  8  
ATOM 1402 H HG3  . MET A 1 1  ? 0.294  -8.848  2.523  1.00 0.00 ? 1  MET A HG3  8  
ATOM 1403 H HE1  . MET A 1 1  ? -2.399 -11.024 4.318  1.00 0.00 ? 1  MET A HE1  8  
ATOM 1404 H HE2  . MET A 1 1  ? -0.705 -10.900 3.844  1.00 0.00 ? 1  MET A HE2  8  
ATOM 1405 H HE3  . MET A 1 1  ? -1.958 -11.023 2.609  1.00 0.00 ? 1  MET A HE3  8  
ATOM 1406 N N    . ASP A 1 2  ? 0.401  -4.215  1.824  1.00 0.00 ? 2  ASP A N    8  
ATOM 1407 C CA   . ASP A 1 2  ? 0.279  -2.795  1.526  1.00 0.00 ? 2  ASP A CA   8  
ATOM 1408 C C    . ASP A 1 2  ? 0.033  -2.567  0.038  1.00 0.00 ? 2  ASP A C    8  
ATOM 1409 O O    . ASP A 1 2  ? 0.971  -2.375  -0.736 1.00 0.00 ? 2  ASP A O    8  
ATOM 1410 C CB   . ASP A 1 2  ? 1.535  -2.044  1.970  1.00 0.00 ? 2  ASP A CB   8  
ATOM 1411 C CG   . ASP A 1 2  ? 1.794  -2.172  3.460  1.00 0.00 ? 2  ASP A CG   8  
ATOM 1412 O OD1  . ASP A 1 2  ? 1.277  -1.334  4.227  1.00 0.00 ? 2  ASP A OD1  8  
ATOM 1413 O OD2  . ASP A 1 2  ? 2.514  -3.112  3.858  1.00 0.00 ? 2  ASP A OD2  8  
ATOM 1414 H H    . ASP A 1 2  ? 0.746  -4.821  1.133  1.00 0.00 ? 2  ASP A H    8  
ATOM 1415 H HA   . ASP A 1 2  ? -0.572 -2.421  2.075  1.00 0.00 ? 2  ASP A HA   8  
ATOM 1416 H HB2  . ASP A 1 2  ? 2.389  -2.439  1.443  1.00 0.00 ? 2  ASP A HB2  8  
ATOM 1417 H HB3  . ASP A 1 2  ? 1.425  -0.995  1.734  1.00 0.00 ? 2  ASP A HB3  8  
ATOM 1418 N N    . VAL A 1 3  ? -1.236 -2.584  -0.347 1.00 0.00 ? 3  VAL A N    8  
ATOM 1419 C CA   . VAL A 1 3  ? -1.625 -2.382  -1.736 1.00 0.00 ? 3  VAL A CA   8  
ATOM 1420 C C    . VAL A 1 3  ? -3.072 -1.902  -1.820 1.00 0.00 ? 3  VAL A C    8  
ATOM 1421 O O    . VAL A 1 3  ? -3.491 -1.316  -2.817 1.00 0.00 ? 3  VAL A O    8  
ATOM 1422 C CB   . VAL A 1 3  ? -1.454 -3.679  -2.556 1.00 0.00 ? 3  VAL A CB   8  
ATOM 1423 C CG1  . VAL A 1 3  ? -2.140 -4.844  -1.862 1.00 0.00 ? 3  VAL A CG1  8  
ATOM 1424 C CG2  . VAL A 1 3  ? -1.982 -3.505  -3.973 1.00 0.00 ? 3  VAL A CG2  8  
ATOM 1425 H H    . VAL A 1 3  ? -1.934 -2.739  0.323  1.00 0.00 ? 3  VAL A H    8  
ATOM 1426 H HA   . VAL A 1 3  ? -0.979 -1.625  -2.158 1.00 0.00 ? 3  VAL A HA   8  
ATOM 1427 H HB   . VAL A 1 3  ? -0.399 -3.899  -2.615 1.00 0.00 ? 3  VAL A HB   8  
ATOM 1428 H HG11 . VAL A 1 3  ? -3.133 -4.548  -1.551 1.00 0.00 ? 3  VAL A HG11 8  
ATOM 1429 H HG12 . VAL A 1 3  ? -1.564 -5.137  -0.993 1.00 0.00 ? 3  VAL A HG12 8  
ATOM 1430 H HG13 . VAL A 1 3  ? -2.212 -5.680  -2.543 1.00 0.00 ? 3  VAL A HG13 8  
ATOM 1431 H HG21 . VAL A 1 3  ? -1.498 -2.656  -4.435 1.00 0.00 ? 3  VAL A HG21 8  
ATOM 1432 H HG22 . VAL A 1 3  ? -3.049 -3.341  -3.944 1.00 0.00 ? 3  VAL A HG22 8  
ATOM 1433 H HG23 . VAL A 1 3  ? -1.771 -4.395  -4.547 1.00 0.00 ? 3  VAL A HG23 8  
ATOM 1434 N N    . PHE A 1 4  ? -3.824 -2.146  -0.751 1.00 0.00 ? 4  PHE A N    8  
ATOM 1435 C CA   . PHE A 1 4  ? -5.225 -1.737  -0.693 1.00 0.00 ? 4  PHE A CA   8  
ATOM 1436 C C    . PHE A 1 4  ? -5.331 -0.219  -0.765 1.00 0.00 ? 4  PHE A C    8  
ATOM 1437 O O    . PHE A 1 4  ? -5.943 0.332   -1.681 1.00 0.00 ? 4  PHE A O    8  
ATOM 1438 C CB   . PHE A 1 4  ? -5.893 -2.234  0.597  1.00 0.00 ? 4  PHE A CB   8  
ATOM 1439 C CG   . PHE A 1 4  ? -5.139 -3.331  1.294  1.00 0.00 ? 4  PHE A CG   8  
ATOM 1440 C CD1  . PHE A 1 4  ? -4.116 -3.029  2.177  1.00 0.00 ? 4  PHE A CD1  8  
ATOM 1441 C CD2  . PHE A 1 4  ? -5.453 -4.662  1.064  1.00 0.00 ? 4  PHE A CD2  8  
ATOM 1442 C CE1  . PHE A 1 4  ? -3.419 -4.031  2.819  1.00 0.00 ? 4  PHE A CE1  8  
ATOM 1443 C CE2  . PHE A 1 4  ? -4.758 -5.670  1.706  1.00 0.00 ? 4  PHE A CE2  8  
ATOM 1444 C CZ   . PHE A 1 4  ? -3.740 -5.354  2.584  1.00 0.00 ? 4  PHE A CZ   8  
ATOM 1445 H H    . PHE A 1 4  ? -3.424 -2.604  0.017  1.00 0.00 ? 4  PHE A H    8  
ATOM 1446 H HA   . PHE A 1 4  ? -5.735 -2.165  -1.544 1.00 0.00 ? 4  PHE A HA   8  
ATOM 1447 H HB2  . PHE A 1 4  ? -5.984 -1.409  1.286  1.00 0.00 ? 4  PHE A HB2  8  
ATOM 1448 H HB3  . PHE A 1 4  ? -6.880 -2.606  0.360  1.00 0.00 ? 4  PHE A HB3  8  
ATOM 1449 H HD1  . PHE A 1 4  ? -3.864 -1.994  2.363  1.00 0.00 ? 4  PHE A HD1  8  
ATOM 1450 H HD2  . PHE A 1 4  ? -6.248 -4.908  0.377  1.00 0.00 ? 4  PHE A HD2  8  
ATOM 1451 H HE1  . PHE A 1 4  ? -2.622 -3.781  3.503  1.00 0.00 ? 4  PHE A HE1  8  
ATOM 1452 H HE2  . PHE A 1 4  ? -5.011 -6.704  1.519  1.00 0.00 ? 4  PHE A HE2  8  
ATOM 1453 H HZ   . PHE A 1 4  ? -3.194 -6.139  3.086  1.00 0.00 ? 4  PHE A HZ   8  
ATOM 1454 N N    . MET A 1 5  ? -4.724 0.445   0.212  1.00 0.00 ? 5  MET A N    8  
ATOM 1455 C CA   . MET A 1 5  ? -4.734 1.899   0.273  1.00 0.00 ? 5  MET A CA   8  
ATOM 1456 C C    . MET A 1 5  ? -3.754 2.486   -0.736 1.00 0.00 ? 5  MET A C    8  
ATOM 1457 O O    . MET A 1 5  ? -2.733 1.877   -1.053 1.00 0.00 ? 5  MET A O    8  
ATOM 1458 C CB   . MET A 1 5  ? -4.375 2.365   1.685  1.00 0.00 ? 5  MET A CB   8  
ATOM 1459 C CG   . MET A 1 5  ? -5.448 2.058   2.717  1.00 0.00 ? 5  MET A CG   8  
ATOM 1460 S SD   . MET A 1 5  ? -7.042 2.794   2.306  1.00 0.00 ? 5  MET A SD   8  
ATOM 1461 C CE   . MET A 1 5  ? -6.616 4.535   2.276  1.00 0.00 ? 5  MET A CE   8  
ATOM 1462 H H    . MET A 1 5  ? -4.259 -0.059  0.912  1.00 0.00 ? 5  MET A H    8  
ATOM 1463 H HA   . MET A 1 5  ? -5.729 2.237   0.032  1.00 0.00 ? 5  MET A HA   8  
ATOM 1464 H HB2  . MET A 1 5  ? -3.463 1.875   1.992  1.00 0.00 ? 5  MET A HB2  8  
ATOM 1465 H HB3  . MET A 1 5  ? -4.214 3.433   1.671  1.00 0.00 ? 5  MET A HB3  8  
ATOM 1466 H HG2  . MET A 1 5  ? -5.570 0.987   2.785  1.00 0.00 ? 5  MET A HG2  8  
ATOM 1467 H HG3  . MET A 1 5  ? -5.127 2.442   3.675  1.00 0.00 ? 5  MET A HG3  8  
ATOM 1468 H HE1  . MET A 1 5  ? -6.208 4.822   3.233  1.00 0.00 ? 5  MET A HE1  8  
ATOM 1469 H HE2  . MET A 1 5  ? -7.502 5.118   2.073  1.00 0.00 ? 5  MET A HE2  8  
ATOM 1470 H HE3  . MET A 1 5  ? -5.884 4.712   1.504  1.00 0.00 ? 5  MET A HE3  8  
ATOM 1471 N N    . LYS A 1 6  ? -4.075 3.673   -1.242 1.00 0.00 ? 6  LYS A N    8  
ATOM 1472 C CA   . LYS A 1 6  ? -3.228 4.341   -2.221 1.00 0.00 ? 6  LYS A CA   8  
ATOM 1473 C C    . LYS A 1 6  ? -2.152 5.179   -1.535 1.00 0.00 ? 6  LYS A C    8  
ATOM 1474 O O    . LYS A 1 6  ? -1.202 5.632   -2.177 1.00 0.00 ? 6  LYS A O    8  
ATOM 1475 C CB   . LYS A 1 6  ? -4.081 5.225   -3.137 1.00 0.00 ? 6  LYS A CB   8  
ATOM 1476 C CG   . LYS A 1 6  ? -3.304 5.869   -4.277 1.00 0.00 ? 6  LYS A CG   8  
ATOM 1477 C CD   . LYS A 1 6  ? -2.632 4.829   -5.165 1.00 0.00 ? 6  LYS A CD   8  
ATOM 1478 C CE   . LYS A 1 6  ? -3.652 3.940   -5.862 1.00 0.00 ? 6  LYS A CE   8  
ATOM 1479 N NZ   . LYS A 1 6  ? -4.591 4.728   -6.708 1.00 0.00 ? 6  LYS A NZ   8  
ATOM 1480 H H    . LYS A 1 6  ? -4.902 4.108   -0.949 1.00 0.00 ? 6  LYS A H    8  
ATOM 1481 H HA   . LYS A 1 6  ? -2.748 3.579   -2.817 1.00 0.00 ? 6  LYS A HA   8  
ATOM 1482 H HB2  . LYS A 1 6  ? -4.869 4.622   -3.564 1.00 0.00 ? 6  LYS A HB2  8  
ATOM 1483 H HB3  . LYS A 1 6  ? -4.525 6.010   -2.545 1.00 0.00 ? 6  LYS A HB3  8  
ATOM 1484 H HG2  . LYS A 1 6  ? -3.985 6.452   -4.878 1.00 0.00 ? 6  LYS A HG2  8  
ATOM 1485 H HG3  . LYS A 1 6  ? -2.546 6.514   -3.860 1.00 0.00 ? 6  LYS A HG3  8  
ATOM 1486 H HD2  . LYS A 1 6  ? -2.044 5.336   -5.914 1.00 0.00 ? 6  LYS A HD2  8  
ATOM 1487 H HD3  . LYS A 1 6  ? -1.989 4.211   -4.556 1.00 0.00 ? 6  LYS A HD3  8  
ATOM 1488 H HE2  . LYS A 1 6  ? -3.127 3.234   -6.487 1.00 0.00 ? 6  LYS A HE2  8  
ATOM 1489 H HE3  . LYS A 1 6  ? -4.218 3.405   -5.112 1.00 0.00 ? 6  LYS A HE3  8  
ATOM 1490 H HZ1  . LYS A 1 6  ? -5.119 5.405   -6.121 1.00 0.00 ? 6  LYS A HZ1  8  
ATOM 1491 H HZ2  . LYS A 1 6  ? -5.267 4.092   -7.177 1.00 0.00 ? 6  LYS A HZ2  8  
ATOM 1492 H HZ3  . LYS A 1 6  ? -4.064 5.254   -7.435 1.00 0.00 ? 6  LYS A HZ3  8  
ATOM 1493 N N    . GLY A 1 7  ? -2.302 5.377   -0.229 1.00 0.00 ? 7  GLY A N    8  
ATOM 1494 C CA   . GLY A 1 7  ? -1.335 6.159   0.516  1.00 0.00 ? 7  GLY A CA   8  
ATOM 1495 C C    . GLY A 1 7  ? -1.052 5.582   1.890  1.00 0.00 ? 7  GLY A C    8  
ATOM 1496 O O    . GLY A 1 7  ? -1.638 6.013   2.881  1.00 0.00 ? 7  GLY A O    8  
ATOM 1497 H H    . GLY A 1 7  ? -3.076 4.989   0.231  1.00 0.00 ? 7  GLY A H    8  
ATOM 1498 H HA2  . GLY A 1 7  ? -0.411 6.196   -0.043 1.00 0.00 ? 7  GLY A HA2  8  
ATOM 1499 H HA3  . GLY A 1 7  ? -1.714 7.163   0.631  1.00 0.00 ? 7  GLY A HA3  8  
ATOM 1500 N N    . LEU A 1 8  ? -0.152 4.604   1.948  1.00 0.00 ? 8  LEU A N    8  
ATOM 1501 C CA   . LEU A 1 8  ? 0.205  3.972   3.214  1.00 0.00 ? 8  LEU A CA   8  
ATOM 1502 C C    . LEU A 1 8  ? 1.684  3.584   3.236  1.00 0.00 ? 8  LEU A C    8  
ATOM 1503 O O    . LEU A 1 8  ? 2.366  3.782   4.242  1.00 0.00 ? 8  LEU A O    8  
ATOM 1504 C CB   . LEU A 1 8  ? -0.674 2.739   3.470  1.00 0.00 ? 8  LEU A CB   8  
ATOM 1505 C CG   . LEU A 1 8  ? -0.349 1.500   2.628  1.00 0.00 ? 8  LEU A CG   8  
ATOM 1506 C CD1  . LEU A 1 8  ? -1.150 0.299   3.113  1.00 0.00 ? 8  LEU A CD1  8  
ATOM 1507 C CD2  . LEU A 1 8  ? -0.625 1.760   1.156  1.00 0.00 ? 8  LEU A CD2  8  
ATOM 1508 H H    . LEU A 1 8  ? 0.282  4.301   1.123  1.00 0.00 ? 8  LEU A H    8  
ATOM 1509 H HA   . LEU A 1 8  ? 0.028  4.692   3.998  1.00 0.00 ? 8  LEU A HA   8  
ATOM 1510 H HB2  . LEU A 1 8  ? -0.580 2.472   4.513  1.00 0.00 ? 8  LEU A HB2  8  
ATOM 1511 H HB3  . LEU A 1 8  ? -1.701 3.014   3.281  1.00 0.00 ? 8  LEU A HB3  8  
ATOM 1512 H HG   . LEU A 1 8  ? 0.701  1.264   2.736  1.00 0.00 ? 8  LEU A HG   8  
ATOM 1513 H HD11 . LEU A 1 8  ? -0.851 -0.579  2.561  1.00 0.00 ? 8  LEU A HD11 8  
ATOM 1514 H HD12 . LEU A 1 8  ? -2.202 0.482   2.956  1.00 0.00 ? 8  LEU A HD12 8  
ATOM 1515 H HD13 . LEU A 1 8  ? -0.963 0.143   4.165  1.00 0.00 ? 8  LEU A HD13 8  
ATOM 1516 H HD21 . LEU A 1 8  ? -0.489 0.847   0.597  1.00 0.00 ? 8  LEU A HD21 8  
ATOM 1517 H HD22 . LEU A 1 8  ? 0.057  2.513   0.788  1.00 0.00 ? 8  LEU A HD22 8  
ATOM 1518 H HD23 . LEU A 1 8  ? -1.641 2.107   1.037  1.00 0.00 ? 8  LEU A HD23 8  
ATOM 1519 N N    . SER A 1 9  ? 2.172  3.043   2.121  1.00 0.00 ? 9  SER A N    8  
ATOM 1520 C CA   . SER A 1 9  ? 3.571  2.630   2.014  1.00 0.00 ? 9  SER A CA   8  
ATOM 1521 C C    . SER A 1 9  ? 3.881  2.080   0.624  1.00 0.00 ? 9  SER A C    8  
ATOM 1522 O O    . SER A 1 9  ? 4.985  2.261   0.114  1.00 0.00 ? 9  SER A O    8  
ATOM 1523 C CB   . SER A 1 9  ? 3.893  1.570   3.073  1.00 0.00 ? 9  SER A CB   8  
ATOM 1524 O OG   . SER A 1 9  ? 3.063  0.434   2.929  1.00 0.00 ? 9  SER A OG   8  
ATOM 1525 H H    . SER A 1 9  ? 1.580  2.922   1.350  1.00 0.00 ? 9  SER A H    8  
ATOM 1526 H HA   . SER A 1 9  ? 4.186  3.498   2.191  1.00 0.00 ? 9  SER A HA   8  
ATOM 1527 H HB2  . SER A 1 9  ? 4.923  1.263   2.968  1.00 0.00 ? 9  SER A HB2  8  
ATOM 1528 H HB3  . SER A 1 9  ? 3.742  1.991   4.056  1.00 0.00 ? 9  SER A HB3  8  
ATOM 1529 H HG   . SER A 1 9  ? 2.283  0.670   2.420  1.00 0.00 ? 9  SER A HG   8  
ATOM 1530 N N    . LYS A 1 10 ? 2.901  1.409   0.018  1.00 0.00 ? 10 LYS A N    8  
ATOM 1531 C CA   . LYS A 1 10 ? 3.073  0.831   -1.309 1.00 0.00 ? 10 LYS A CA   8  
ATOM 1532 C C    . LYS A 1 10 ? 4.301  -0.076  -1.357 1.00 0.00 ? 10 LYS A C    8  
ATOM 1533 O O    . LYS A 1 10 ? 5.399  0.367   -1.697 1.00 0.00 ? 10 LYS A O    8  
ATOM 1534 C CB   . LYS A 1 10 ? 3.189  1.936   -2.363 1.00 0.00 ? 10 LYS A CB   8  
ATOM 1535 C CG   . LYS A 1 10 ? 2.132  3.029   -2.231 1.00 0.00 ? 10 LYS A CG   8  
ATOM 1536 C CD   . LYS A 1 10 ? 0.736  2.459   -2.016 1.00 0.00 ? 10 LYS A CD   8  
ATOM 1537 C CE   . LYS A 1 10 ? 0.360  1.445   -3.081 1.00 0.00 ? 10 LYS A CE   8  
ATOM 1538 N NZ   . LYS A 1 10 ? 0.608  1.961   -4.457 1.00 0.00 ? 10 LYS A NZ   8  
ATOM 1539 H H    . LYS A 1 10 ? 2.039  1.307   0.470  1.00 0.00 ? 10 LYS A H    8  
ATOM 1540 H HA   . LYS A 1 10 ? 2.196  0.238   -1.521 1.00 0.00 ? 10 LYS A HA   8  
ATOM 1541 H HB2  . LYS A 1 10 ? 4.163  2.397   -2.278 1.00 0.00 ? 10 LYS A HB2  8  
ATOM 1542 H HB3  . LYS A 1 10 ? 3.096  1.492   -3.344 1.00 0.00 ? 10 LYS A HB3  8  
ATOM 1543 H HG2  . LYS A 1 10 ? 2.382  3.654   -1.390 1.00 0.00 ? 10 LYS A HG2  8  
ATOM 1544 H HG3  . LYS A 1 10 ? 2.126  3.622   -3.132 1.00 0.00 ? 10 LYS A HG3  8  
ATOM 1545 H HD2  . LYS A 1 10 ? 0.704  1.975   -1.052 1.00 0.00 ? 10 LYS A HD2  8  
ATOM 1546 H HD3  . LYS A 1 10 ? 0.027  3.272   -2.039 1.00 0.00 ? 10 LYS A HD3  8  
ATOM 1547 H HE2  . LYS A 1 10 ? 0.950  0.554   -2.928 1.00 0.00 ? 10 LYS A HE2  8  
ATOM 1548 H HE3  . LYS A 1 10 ? -0.688 1.204   -2.979 1.00 0.00 ? 10 LYS A HE3  8  
ATOM 1549 H HZ1  . LYS A 1 10 ? 0.320  1.251   -5.161 1.00 0.00 ? 10 LYS A HZ1  8  
ATOM 1550 H HZ2  . LYS A 1 10 ? 1.618  2.171   -4.583 1.00 0.00 ? 10 LYS A HZ2  8  
ATOM 1551 H HZ3  . LYS A 1 10 ? 0.061  2.830   -4.617 1.00 0.00 ? 10 LYS A HZ3  8  
ATOM 1552 N N    . ALA A 1 11 ? 4.105  -1.347  -1.018 1.00 0.00 ? 11 ALA A N    8  
ATOM 1553 C CA   . ALA A 1 11 ? 5.193  -2.317  -1.018 1.00 0.00 ? 11 ALA A CA   8  
ATOM 1554 C C    . ALA A 1 11 ? 5.090  -3.258  -2.212 1.00 0.00 ? 11 ALA A C    8  
ATOM 1555 O O    . ALA A 1 11 ? 6.100  -3.724  -2.738 1.00 0.00 ? 11 ALA A O    8  
ATOM 1556 C CB   . ALA A 1 11 ? 5.194  -3.106  0.282  1.00 0.00 ? 11 ALA A CB   8  
ATOM 1557 H H    . ALA A 1 11 ? 3.203  -1.640  -0.769 1.00 0.00 ? 11 ALA A H    8  
ATOM 1558 H HA   . ALA A 1 11 ? 6.124  -1.772  -1.082 1.00 0.00 ? 11 ALA A HA   8  
ATOM 1559 H HB1  . ALA A 1 11 ? 6.045  -3.770  0.301  1.00 0.00 ? 11 ALA A HB1  8  
ATOM 1560 H HB2  . ALA A 1 11 ? 4.284  -3.686  0.353  1.00 0.00 ? 11 ALA A HB2  8  
ATOM 1561 H HB3  . ALA A 1 11 ? 5.250  -2.425  1.118  1.00 0.00 ? 11 ALA A HB3  8  
ATOM 1562 N N    . LYS A 1 12 ? 3.859  -3.535  -2.633 1.00 0.00 ? 12 LYS A N    8  
ATOM 1563 C CA   . LYS A 1 12 ? 3.615  -4.418  -3.768 1.00 0.00 ? 12 LYS A CA   8  
ATOM 1564 C C    . LYS A 1 12 ? 4.295  -3.887  -5.027 1.00 0.00 ? 12 LYS A C    8  
ATOM 1565 O O    . LYS A 1 12 ? 3.693  -3.029  -5.707 1.00 0.00 ? 12 LYS A O    8  
ATOM 1566 C CB   . LYS A 1 12 ? 2.112  -4.567  -4.012 1.00 0.00 ? 12 LYS A CB   8  
ATOM 1567 C CG   . LYS A 1 12 ? 1.461  -5.693  -3.216 1.00 0.00 ? 12 LYS A CG   8  
ATOM 1568 C CD   . LYS A 1 12 ? 1.464  -5.410  -1.721 1.00 0.00 ? 12 LYS A CD   8  
ATOM 1569 C CE   . LYS A 1 12 ? 2.614  -6.120  -1.028 1.00 0.00 ? 12 LYS A CE   8  
ATOM 1570 N NZ   . LYS A 1 12 ? 2.484  -6.069  0.453  1.00 0.00 ? 12 LYS A NZ   8  
ATOM 1571 O OXT  . LYS A 1 12 ? 5.423  -4.333  -5.322 1.00 0.00 ? 12 LYS A OXT  8  
ATOM 1572 H H    . LYS A 1 12 ? 3.094  -3.135  -2.169 1.00 0.00 ? 12 LYS A H    8  
ATOM 1573 H HA   . LYS A 1 12 ? 4.031  -5.385  -3.531 1.00 0.00 ? 12 LYS A HA   8  
ATOM 1574 H HB2  . LYS A 1 12 ? 1.625  -3.641  -3.744 1.00 0.00 ? 12 LYS A HB2  8  
ATOM 1575 H HB3  . LYS A 1 12 ? 1.947  -4.758  -5.063 1.00 0.00 ? 12 LYS A HB3  8  
ATOM 1576 H HG2  . LYS A 1 12 ? 0.440  -5.808  -3.544 1.00 0.00 ? 12 LYS A HG2  8  
ATOM 1577 H HG3  . LYS A 1 12 ? 2.004  -6.608  -3.400 1.00 0.00 ? 12 LYS A HG3  8  
ATOM 1578 H HD2  . LYS A 1 12 ? 1.564  -4.347  -1.566 1.00 0.00 ? 12 LYS A HD2  8  
ATOM 1579 H HD3  . LYS A 1 12 ? 0.530  -5.753  -1.299 1.00 0.00 ? 12 LYS A HD3  8  
ATOM 1580 H HE2  . LYS A 1 12 ? 2.624  -7.151  -1.346 1.00 0.00 ? 12 LYS A HE2  8  
ATOM 1581 H HE3  . LYS A 1 12 ? 3.541  -5.646  -1.319 1.00 0.00 ? 12 LYS A HE3  8  
ATOM 1582 H HZ1  . LYS A 1 12 ? 3.306  -6.523  0.900  1.00 0.00 ? 12 LYS A HZ1  8  
ATOM 1583 H HZ2  . LYS A 1 12 ? 1.621  -6.565  0.753  1.00 0.00 ? 12 LYS A HZ2  8  
ATOM 1584 H HZ3  . LYS A 1 12 ? 2.433  -5.080  0.775  1.00 0.00 ? 12 LYS A HZ3  8  
ATOM 1585 N N    . MET A 1 1  ? 0.040  -6.332  4.464  1.00 0.00 ? 1  MET A N    9  
ATOM 1586 C CA   . MET A 1 1  ? 0.439  -5.878  3.107  1.00 0.00 ? 1  MET A CA   9  
ATOM 1587 C C    . MET A 1 1  ? 0.195  -4.385  2.935  1.00 0.00 ? 1  MET A C    9  
ATOM 1588 O O    . MET A 1 1  ? -0.287 -3.713  3.847  1.00 0.00 ? 1  MET A O    9  
ATOM 1589 C CB   . MET A 1 1  ? -0.339 -6.650  2.041  1.00 0.00 ? 1  MET A CB   9  
ATOM 1590 C CG   . MET A 1 1  ? 0.098  -8.095  1.895  1.00 0.00 ? 1  MET A CG   9  
ATOM 1591 S SD   . MET A 1 1  ? -0.934 -9.018  0.740  1.00 0.00 ? 1  MET A SD   9  
ATOM 1592 C CE   . MET A 1 1  ? -0.105 -10.605 0.743  1.00 0.00 ? 1  MET A CE   9  
ATOM 1593 H H1   . MET A 1 1  ? 0.221  -7.350  4.568  1.00 0.00 ? 1  MET A H1   9  
ATOM 1594 H H2   . MET A 1 1  ? -0.973 -6.153  4.617  1.00 0.00 ? 1  MET A H2   9  
ATOM 1595 H H3   . MET A 1 1  ? 0.586  -5.818  5.187  1.00 0.00 ? 1  MET A H3   9  
ATOM 1596 H HA   . MET A 1 1  ? 1.494  -6.073  2.982  1.00 0.00 ? 1  MET A HA   9  
ATOM 1597 H HB2  . MET A 1 1  ? -1.388 -6.636  2.295  1.00 0.00 ? 1  MET A HB2  9  
ATOM 1598 H HB3  . MET A 1 1  ? -0.201 -6.158  1.089  1.00 0.00 ? 1  MET A HB3  9  
ATOM 1599 H HG2  . MET A 1 1  ? 1.115  -8.110  1.536  1.00 0.00 ? 1  MET A HG2  9  
ATOM 1600 H HG3  . MET A 1 1  ? 0.049  -8.572  2.862  1.00 0.00 ? 1  MET A HG3  9  
ATOM 1601 H HE1  . MET A 1 1  ? -0.103 -11.008 1.744  1.00 0.00 ? 1  MET A HE1  9  
ATOM 1602 H HE2  . MET A 1 1  ? 0.912  -10.480 0.403  1.00 0.00 ? 1  MET A HE2  9  
ATOM 1603 H HE3  . MET A 1 1  ? -0.623 -11.283 0.082  1.00 0.00 ? 1  MET A HE3  9  
ATOM 1604 N N    . ASP A 1 2  ? 0.534  -3.872  1.756  1.00 0.00 ? 2  ASP A N    9  
ATOM 1605 C CA   . ASP A 1 2  ? 0.353  -2.458  1.452  1.00 0.00 ? 2  ASP A CA   9  
ATOM 1606 C C    . ASP A 1 2  ? 0.113  -2.255  -0.039 1.00 0.00 ? 2  ASP A C    9  
ATOM 1607 O O    . ASP A 1 2  ? 1.038  -1.955  -0.796 1.00 0.00 ? 2  ASP A O    9  
ATOM 1608 C CB   . ASP A 1 2  ? 1.573  -1.653  1.904  1.00 0.00 ? 2  ASP A CB   9  
ATOM 1609 C CG   . ASP A 1 2  ? 1.832  -1.778  3.394  1.00 0.00 ? 2  ASP A CG   9  
ATOM 1610 O OD1  . ASP A 1 2  ? 1.274  -0.971  4.164  1.00 0.00 ? 2  ASP A OD1  9  
ATOM 1611 O OD2  . ASP A 1 2  ? 2.592  -2.688  3.789  1.00 0.00 ? 2  ASP A OD2  9  
ATOM 1612 H H    . ASP A 1 2  ? 0.917  -4.460  1.072  1.00 0.00 ? 2  ASP A H    9  
ATOM 1613 H HA   . ASP A 1 2  ? -0.518 -2.117  1.990  1.00 0.00 ? 2  ASP A HA   9  
ATOM 1614 H HB2  . ASP A 1 2  ? 2.446  -2.005  1.377  1.00 0.00 ? 2  ASP A HB2  9  
ATOM 1615 H HB3  . ASP A 1 2  ? 1.413  -0.608  1.672  1.00 0.00 ? 2  ASP A HB3  9  
ATOM 1616 N N    . VAL A 1 3  ? -1.137 -2.422  -0.450 1.00 0.00 ? 3  VAL A N    9  
ATOM 1617 C CA   . VAL A 1 3  ? -1.520 -2.268  -1.847 1.00 0.00 ? 3  VAL A CA   9  
ATOM 1618 C C    . VAL A 1 3  ? -2.975 -1.816  -1.955 1.00 0.00 ? 3  VAL A C    9  
ATOM 1619 O O    . VAL A 1 3  ? -3.396 -1.261  -2.970 1.00 0.00 ? 3  VAL A O    9  
ATOM 1620 C CB   . VAL A 1 3  ? -1.319 -3.589  -2.621 1.00 0.00 ? 3  VAL A CB   9  
ATOM 1621 C CG1  . VAL A 1 3  ? -1.918 -4.755  -1.847 1.00 0.00 ? 3  VAL A CG1  9  
ATOM 1622 C CG2  . VAL A 1 3  ? -1.913 -3.507  -4.019 1.00 0.00 ? 3  VAL A CG2  9  
ATOM 1623 H H    . VAL A 1 3  ? -1.825 -2.658  0.206  1.00 0.00 ? 3  VAL A H    9  
ATOM 1624 H HA   . VAL A 1 3  ? -0.883 -1.513  -2.288 1.00 0.00 ? 3  VAL A HA   9  
ATOM 1625 H HB   . VAL A 1 3  ? -0.257 -3.764  -2.715 1.00 0.00 ? 3  VAL A HB   9  
ATOM 1626 H HG11 . VAL A 1 3  ? -2.977 -4.589  -1.710 1.00 0.00 ? 3  VAL A HG11 9  
ATOM 1627 H HG12 . VAL A 1 3  ? -1.437 -4.830  -0.881 1.00 0.00 ? 3  VAL A HG12 9  
ATOM 1628 H HG13 . VAL A 1 3  ? -1.764 -5.670  -2.398 1.00 0.00 ? 3  VAL A HG13 9  
ATOM 1629 H HG21 . VAL A 1 3  ? -1.735 -4.436  -4.541 1.00 0.00 ? 3  VAL A HG21 9  
ATOM 1630 H HG22 . VAL A 1 3  ? -1.446 -2.697  -4.561 1.00 0.00 ? 3  VAL A HG22 9  
ATOM 1631 H HG23 . VAL A 1 3  ? -2.974 -3.329  -3.951 1.00 0.00 ? 3  VAL A HG23 9  
ATOM 1632 N N    . PHE A 1 4  ? -3.732 -2.052  -0.889 1.00 0.00 ? 4  PHE A N    9  
ATOM 1633 C CA   . PHE A 1 4  ? -5.142 -1.671  -0.849 1.00 0.00 ? 4  PHE A CA   9  
ATOM 1634 C C    . PHE A 1 4  ? -5.277 -0.153  -0.858 1.00 0.00 ? 4  PHE A C    9  
ATOM 1635 O O    . PHE A 1 4  ? -5.767 0.432   -1.823 1.00 0.00 ? 4  PHE A O    9  
ATOM 1636 C CB   . PHE A 1 4  ? -5.837 -2.240  0.395  1.00 0.00 ? 4  PHE A CB   9  
ATOM 1637 C CG   . PHE A 1 4  ? -4.963 -3.125  1.239  1.00 0.00 ? 4  PHE A CG   9  
ATOM 1638 C CD1  . PHE A 1 4  ? -3.986 -2.581  2.059  1.00 0.00 ? 4  PHE A CD1  9  
ATOM 1639 C CD2  . PHE A 1 4  ? -5.115 -4.503  1.205  1.00 0.00 ? 4  PHE A CD2  9  
ATOM 1640 C CE1  . PHE A 1 4  ? -3.179 -3.396  2.829  1.00 0.00 ? 4  PHE A CE1  9  
ATOM 1641 C CE2  . PHE A 1 4  ? -4.310 -5.322  1.974  1.00 0.00 ? 4  PHE A CE2  9  
ATOM 1642 C CZ   . PHE A 1 4  ? -3.340 -4.766  2.785  1.00 0.00 ? 4  PHE A CZ   9  
ATOM 1643 H H    . PHE A 1 4  ? -3.326 -2.484  -0.108 1.00 0.00 ? 4  PHE A H    9  
ATOM 1644 H HA   . PHE A 1 4  ? -5.618 -2.068  -1.733 1.00 0.00 ? 4  PHE A HA   9  
ATOM 1645 H HB2  . PHE A 1 4  ? -6.172 -1.423  1.017  1.00 0.00 ? 4  PHE A HB2  9  
ATOM 1646 H HB3  . PHE A 1 4  ? -6.695 -2.818  0.084  1.00 0.00 ? 4  PHE A HB3  9  
ATOM 1647 H HD1  . PHE A 1 4  ? -3.860 -1.506  2.093  1.00 0.00 ? 4  PHE A HD1  9  
ATOM 1648 H HD2  . PHE A 1 4  ? -5.872 -4.937  0.569  1.00 0.00 ? 4  PHE A HD2  9  
ATOM 1649 H HE1  . PHE A 1 4  ? -2.422 -2.961  3.461  1.00 0.00 ? 4  PHE A HE1  9  
ATOM 1650 H HE2  . PHE A 1 4  ? -4.439 -6.393  1.939  1.00 0.00 ? 4  PHE A HE2  9  
ATOM 1651 H HZ   . PHE A 1 4  ? -2.709 -5.405  3.388  1.00 0.00 ? 4  PHE A HZ   9  
ATOM 1652 N N    . MET A 1 5  ? -4.838 0.473   0.229  1.00 0.00 ? 5  MET A N    9  
ATOM 1653 C CA   . MET A 1 5  ? -4.897 1.923   0.355  1.00 0.00 ? 5  MET A CA   9  
ATOM 1654 C C    . MET A 1 5  ? -3.947 2.581   -0.646 1.00 0.00 ? 5  MET A C    9  
ATOM 1655 O O    . MET A 1 5  ? -2.845 2.088   -0.886 1.00 0.00 ? 5  MET A O    9  
ATOM 1656 C CB   . MET A 1 5  ? -4.549 2.335   1.788  1.00 0.00 ? 5  MET A CB   9  
ATOM 1657 C CG   . MET A 1 5  ? -4.563 3.834   2.016  1.00 0.00 ? 5  MET A CG   9  
ATOM 1658 S SD   . MET A 1 5  ? -6.122 4.597   1.525  1.00 0.00 ? 5  MET A SD   9  
ATOM 1659 C CE   . MET A 1 5  ? -5.774 6.323   1.861  1.00 0.00 ? 5  MET A CE   9  
ATOM 1660 H H    . MET A 1 5  ? -4.466 -0.055  0.967  1.00 0.00 ? 5  MET A H    9  
ATOM 1661 H HA   . MET A 1 5  ? -5.907 2.235   0.133  1.00 0.00 ? 5  MET A HA   9  
ATOM 1662 H HB2  . MET A 1 5  ? -5.264 1.886   2.460  1.00 0.00 ? 5  MET A HB2  9  
ATOM 1663 H HB3  . MET A 1 5  ? -3.564 1.966   2.028  1.00 0.00 ? 5  MET A HB3  9  
ATOM 1664 H HG2  . MET A 1 5  ? -4.400 4.025   3.067  1.00 0.00 ? 5  MET A HG2  9  
ATOM 1665 H HG3  . MET A 1 5  ? -3.764 4.275   1.445  1.00 0.00 ? 5  MET A HG3  9  
ATOM 1666 H HE1  . MET A 1 5  ? -6.649 6.916   1.636  1.00 0.00 ? 5  MET A HE1  9  
ATOM 1667 H HE2  . MET A 1 5  ? -4.949 6.650   1.244  1.00 0.00 ? 5  MET A HE2  9  
ATOM 1668 H HE3  . MET A 1 5  ? -5.516 6.443   2.901  1.00 0.00 ? 5  MET A HE3  9  
ATOM 1669 N N    . LYS A 1 6  ? -4.383 3.697   -1.228 1.00 0.00 ? 6  LYS A N    9  
ATOM 1670 C CA   . LYS A 1 6  ? -3.583 4.410   -2.221 1.00 0.00 ? 6  LYS A CA   9  
ATOM 1671 C C    . LYS A 1 6  ? -2.401 5.137   -1.587 1.00 0.00 ? 6  LYS A C    9  
ATOM 1672 O O    . LYS A 1 6  ? -1.506 5.606   -2.292 1.00 0.00 ? 6  LYS A O    9  
ATOM 1673 C CB   . LYS A 1 6  ? -4.455 5.410   -2.982 1.00 0.00 ? 6  LYS A CB   9  
ATOM 1674 C CG   . LYS A 1 6  ? -5.739 4.808   -3.538 1.00 0.00 ? 6  LYS A CG   9  
ATOM 1675 C CD   . LYS A 1 6  ? -5.459 3.669   -4.508 1.00 0.00 ? 6  LYS A CD   9  
ATOM 1676 C CE   . LYS A 1 6  ? -4.736 4.155   -5.754 1.00 0.00 ? 6  LYS A CE   9  
ATOM 1677 N NZ   . LYS A 1 6  ? -4.479 3.047   -6.716 1.00 0.00 ? 6  LYS A NZ   9  
ATOM 1678 H H    . LYS A 1 6  ? -5.265 4.047   -0.984 1.00 0.00 ? 6  LYS A H    9  
ATOM 1679 H HA   . LYS A 1 6  ? -3.203 3.680   -2.920 1.00 0.00 ? 6  LYS A HA   9  
ATOM 1680 H HB2  . LYS A 1 6  ? -4.720 6.216   -2.317 1.00 0.00 ? 6  LYS A HB2  9  
ATOM 1681 H HB3  . LYS A 1 6  ? -3.885 5.811   -3.807 1.00 0.00 ? 6  LYS A HB3  9  
ATOM 1682 H HG2  . LYS A 1 6  ? -6.331 4.431   -2.719 1.00 0.00 ? 6  LYS A HG2  9  
ATOM 1683 H HG3  . LYS A 1 6  ? -6.288 5.580   -4.057 1.00 0.00 ? 6  LYS A HG3  9  
ATOM 1684 H HD2  . LYS A 1 6  ? -4.844 2.931   -4.013 1.00 0.00 ? 6  LYS A HD2  9  
ATOM 1685 H HD3  . LYS A 1 6  ? -6.397 3.219   -4.799 1.00 0.00 ? 6  LYS A HD3  9  
ATOM 1686 H HE2  . LYS A 1 6  ? -5.341 4.906   -6.237 1.00 0.00 ? 6  LYS A HE2  9  
ATOM 1687 H HE3  . LYS A 1 6  ? -3.792 4.590   -5.460 1.00 0.00 ? 6  LYS A HE3  9  
ATOM 1688 H HZ1  . LYS A 1 6  ? -3.893 2.315   -6.269 1.00 0.00 ? 6  LYS A HZ1  9  
ATOM 1689 H HZ2  . LYS A 1 6  ? -3.982 3.411   -7.555 1.00 0.00 ? 6  LYS A HZ2  9  
ATOM 1690 H HZ3  . LYS A 1 6  ? -5.380 2.621   -7.017 1.00 0.00 ? 6  LYS A HZ3  9  
ATOM 1691 N N    . GLY A 1 7  ? -2.398 5.234   -0.262 1.00 0.00 ? 7  GLY A N    9  
ATOM 1692 C CA   . GLY A 1 7  ? -1.312 5.913   0.424  1.00 0.00 ? 7  GLY A CA   9  
ATOM 1693 C C    . GLY A 1 7  ? -1.079 5.379   1.824  1.00 0.00 ? 7  GLY A C    9  
ATOM 1694 O O    . GLY A 1 7  ? -1.841 5.681   2.744  1.00 0.00 ? 7  GLY A O    9  
ATOM 1695 H H    . GLY A 1 7  ? -3.135 4.846   0.251  1.00 0.00 ? 7  GLY A H    9  
ATOM 1696 H HA2  . GLY A 1 7  ? -0.406 5.787   -0.149 1.00 0.00 ? 7  GLY A HA2  9  
ATOM 1697 H HA3  . GLY A 1 7  ? -1.543 6.965   0.486  1.00 0.00 ? 7  GLY A HA3  9  
ATOM 1698 N N    . LEU A 1 8  ? -0.025 4.585   1.985  1.00 0.00 ? 8  LEU A N    9  
ATOM 1699 C CA   . LEU A 1 8  ? 0.308  4.015   3.285  1.00 0.00 ? 8  LEU A CA   9  
ATOM 1700 C C    . LEU A 1 8  ? 1.757  3.535   3.322  1.00 0.00 ? 8  LEU A C    9  
ATOM 1701 O O    . LEU A 1 8  ? 2.492  3.838   4.262  1.00 0.00 ? 8  LEU A O    9  
ATOM 1702 C CB   . LEU A 1 8  ? -0.645 2.861   3.632  1.00 0.00 ? 8  LEU A CB   9  
ATOM 1703 C CG   . LEU A 1 8  ? -0.474 1.577   2.814  1.00 0.00 ? 8  LEU A CG   9  
ATOM 1704 C CD1  . LEU A 1 8  ? -1.380 0.479   3.352  1.00 0.00 ? 8  LEU A CD1  9  
ATOM 1705 C CD2  . LEU A 1 8  ? -0.764 1.828   1.340  1.00 0.00 ? 8  LEU A CD2  9  
ATOM 1706 H H    . LEU A 1 8  ? 0.538  4.376   1.212  1.00 0.00 ? 8  LEU A H    9  
ATOM 1707 H HA   . LEU A 1 8  ? 0.186  4.795   4.022  1.00 0.00 ? 8  LEU A HA   9  
ATOM 1708 H HB2  . LEU A 1 8  ? -0.510 2.615   4.673  1.00 0.00 ? 8  LEU A HB2  9  
ATOM 1709 H HB3  . LEU A 1 8  ? -1.659 3.212   3.495  1.00 0.00 ? 8  LEU A HB3  9  
ATOM 1710 H HG   . LEU A 1 8  ? 0.548  1.236   2.901  1.00 0.00 ? 8  LEU A HG   9  
ATOM 1711 H HD11 . LEU A 1 8  ? -1.245 -0.418  2.766  1.00 0.00 ? 8  LEU A HD11 9  
ATOM 1712 H HD12 . LEU A 1 8  ? -2.409 0.799   3.288  1.00 0.00 ? 8  LEU A HD12 9  
ATOM 1713 H HD13 . LEU A 1 8  ? -1.127 0.278   4.381  1.00 0.00 ? 8  LEU A HD13 9  
ATOM 1714 H HD21 . LEU A 1 8  ? -0.821 0.885   0.819  1.00 0.00 ? 8  LEU A HD21 9  
ATOM 1715 H HD22 . LEU A 1 8  ? 0.027  2.428   0.916  1.00 0.00 ? 8  LEU A HD22 9  
ATOM 1716 H HD23 . LEU A 1 8  ? -1.701 2.351   1.242  1.00 0.00 ? 8  LEU A HD23 9  
ATOM 1717 N N    . SER A 1 9  ? 2.165  2.799   2.290  1.00 0.00 ? 9  SER A N    9  
ATOM 1718 C CA   . SER A 1 9  ? 3.526  2.276   2.208  1.00 0.00 ? 9  SER A CA   9  
ATOM 1719 C C    . SER A 1 9  ? 3.845  1.805   0.791  1.00 0.00 ? 9  SER A C    9  
ATOM 1720 O O    . SER A 1 9  ? 4.949  2.024   0.292  1.00 0.00 ? 9  SER A O    9  
ATOM 1721 C CB   . SER A 1 9  ? 3.714  1.118   3.190  1.00 0.00 ? 9  SER A CB   9  
ATOM 1722 O OG   . SER A 1 9  ? 3.588  1.555   4.531  1.00 0.00 ? 9  SER A OG   9  
ATOM 1723 H H    . SER A 1 9  ? 1.536  2.604   1.565  1.00 0.00 ? 9  SER A H    9  
ATOM 1724 H HA   . SER A 1 9  ? 4.205  3.073   2.471  1.00 0.00 ? 9  SER A HA   9  
ATOM 1725 H HB2  . SER A 1 9  ? 2.964  0.365   3.001  1.00 0.00 ? 9  SER A HB2  9  
ATOM 1726 H HB3  . SER A 1 9  ? 4.695  0.689   3.055  1.00 0.00 ? 9  SER A HB3  9  
ATOM 1727 H HG   . SER A 1 9  ? 4.112  0.991   5.104  1.00 0.00 ? 9  SER A HG   9  
ATOM 1728 N N    . LYS A 1 10 ? 2.872  1.164   0.148  1.00 0.00 ? 10 LYS A N    9  
ATOM 1729 C CA   . LYS A 1 10 ? 3.045  0.657   -1.207 1.00 0.00 ? 10 LYS A CA   9  
ATOM 1730 C C    . LYS A 1 10 ? 4.287  -0.225  -1.315 1.00 0.00 ? 10 LYS A C    9  
ATOM 1731 O O    . LYS A 1 10 ? 5.356  0.235   -1.722 1.00 0.00 ? 10 LYS A O    9  
ATOM 1732 C CB   . LYS A 1 10 ? 3.134  1.817   -2.204 1.00 0.00 ? 10 LYS A CB   9  
ATOM 1733 C CG   . LYS A 1 10 ? 2.053  2.877   -2.017 1.00 0.00 ? 10 LYS A CG   9  
ATOM 1734 C CD   . LYS A 1 10 ? 0.672  2.269   -1.821 1.00 0.00 ? 10 LYS A CD   9  
ATOM 1735 C CE   . LYS A 1 10 ? 0.310  1.300   -2.934 1.00 0.00 ? 10 LYS A CE   9  
ATOM 1736 N NZ   . LYS A 1 10 ? -1.116 0.877   -2.860 1.00 0.00 ? 10 LYS A NZ   9  
ATOM 1737 H H    . LYS A 1 10 ? 2.009  1.033   0.593  1.00 0.00 ? 10 LYS A H    9  
ATOM 1738 H HA   . LYS A 1 10 ? 2.176  0.062   -1.445 1.00 0.00 ? 10 LYS A HA   9  
ATOM 1739 H HB2  . LYS A 1 10 ? 4.097  2.295   -2.094 1.00 0.00 ? 10 LYS A HB2  9  
ATOM 1740 H HB3  . LYS A 1 10 ? 3.051  1.423   -3.205 1.00 0.00 ? 10 LYS A HB3  9  
ATOM 1741 H HG2  . LYS A 1 10 ? 2.295  3.471   -1.148 1.00 0.00 ? 10 LYS A HG2  9  
ATOM 1742 H HG3  . LYS A 1 10 ? 2.030  3.512   -2.889 1.00 0.00 ? 10 LYS A HG3  9  
ATOM 1743 H HD2  . LYS A 1 10 ? 0.654  1.739   -0.881 1.00 0.00 ? 10 LYS A HD2  9  
ATOM 1744 H HD3  . LYS A 1 10 ? -0.054 3.068   -1.800 1.00 0.00 ? 10 LYS A HD3  9  
ATOM 1745 H HE2  . LYS A 1 10 ? 0.488  1.776   -3.886 1.00 0.00 ? 10 LYS A HE2  9  
ATOM 1746 H HE3  . LYS A 1 10 ? 0.941  0.427   -2.841 1.00 0.00 ? 10 LYS A HE3  9  
ATOM 1747 H HZ1  . LYS A 1 10 ? -1.740 1.704   -2.952 1.00 0.00 ? 10 LYS A HZ1  9  
ATOM 1748 H HZ2  . LYS A 1 10 ? -1.305 0.412   -1.949 1.00 0.00 ? 10 LYS A HZ2  9  
ATOM 1749 H HZ3  . LYS A 1 10 ? -1.331 0.210   -3.628 1.00 0.00 ? 10 LYS A HZ3  9  
ATOM 1750 N N    . ALA A 1 11 ? 4.135  -1.497  -0.952 1.00 0.00 ? 11 ALA A N    9  
ATOM 1751 C CA   . ALA A 1 11 ? 5.239  -2.446  -1.006 1.00 0.00 ? 11 ALA A CA   9  
ATOM 1752 C C    . ALA A 1 11 ? 5.086  -3.402  -2.186 1.00 0.00 ? 11 ALA A C    9  
ATOM 1753 O O    . ALA A 1 11 ? 6.071  -3.927  -2.702 1.00 0.00 ? 11 ALA A O    9  
ATOM 1754 C CB   . ALA A 1 11 ? 5.329  -3.226  0.298  1.00 0.00 ? 11 ALA A CB   9  
ATOM 1755 H H    . ALA A 1 11 ? 3.257  -1.801  -0.641 1.00 0.00 ? 11 ALA A H    9  
ATOM 1756 H HA   . ALA A 1 11 ? 6.156  -1.886  -1.126 1.00 0.00 ? 11 ALA A HA   9  
ATOM 1757 H HB1  . ALA A 1 11 ? 4.434  -3.815  0.427  1.00 0.00 ? 11 ALA A HB1  9  
ATOM 1758 H HB2  . ALA A 1 11 ? 5.430  -2.537  1.123  1.00 0.00 ? 11 ALA A HB2  9  
ATOM 1759 H HB3  . ALA A 1 11 ? 6.189  -3.879  0.267  1.00 0.00 ? 11 ALA A HB3  9  
ATOM 1760 N N    . LYS A 1 12 ? 3.843  -3.624  -2.602 1.00 0.00 ? 12 LYS A N    9  
ATOM 1761 C CA   . LYS A 1 12 ? 3.557  -4.519  -3.720 1.00 0.00 ? 12 LYS A CA   9  
ATOM 1762 C C    . LYS A 1 12 ? 4.129  -3.964  -5.022 1.00 0.00 ? 12 LYS A C    9  
ATOM 1763 O O    . LYS A 1 12 ? 5.269  -4.339  -5.372 1.00 0.00 ? 12 LYS A O    9  
ATOM 1764 C CB   . LYS A 1 12 ? 2.047  -4.734  -3.861 1.00 0.00 ? 12 LYS A CB   9  
ATOM 1765 C CG   . LYS A 1 12 ? 1.466  -5.749  -2.886 1.00 0.00 ? 12 LYS A CG   9  
ATOM 1766 C CD   . LYS A 1 12 ? 1.532  -5.261  -1.447 1.00 0.00 ? 12 LYS A CD   9  
ATOM 1767 C CE   . LYS A 1 12 ? 2.744  -5.826  -0.729 1.00 0.00 ? 12 LYS A CE   9  
ATOM 1768 N NZ   . LYS A 1 12 ? 2.709  -5.546  0.733  1.00 0.00 ? 12 LYS A NZ   9  
ATOM 1769 O OXT  . LYS A 1 12 ? 3.434  -3.162  -5.679 1.00 0.00 ? 12 LYS A OXT  9  
ATOM 1770 H H    . LYS A 1 12 ? 3.100  -3.178  -2.146 1.00 0.00 ? 12 LYS A H    9  
ATOM 1771 H HA   . LYS A 1 12 ? 4.026  -5.469  -3.510 1.00 0.00 ? 12 LYS A HA   9  
ATOM 1772 H HB2  . LYS A 1 12 ? 1.546  -3.790  -3.700 1.00 0.00 ? 12 LYS A HB2  9  
ATOM 1773 H HB3  . LYS A 1 12 ? 1.838  -5.072  -4.866 1.00 0.00 ? 12 LYS A HB3  9  
ATOM 1774 H HG2  . LYS A 1 12 ? 0.434  -5.934  -3.144 1.00 0.00 ? 12 LYS A HG2  9  
ATOM 1775 H HG3  . LYS A 1 12 ? 2.028  -6.669  -2.966 1.00 0.00 ? 12 LYS A HG3  9  
ATOM 1776 H HD2  . LYS A 1 12 ? 1.593  -4.182  -1.445 1.00 0.00 ? 12 LYS A HD2  9  
ATOM 1777 H HD3  . LYS A 1 12 ? 0.635  -5.573  -0.928 1.00 0.00 ? 12 LYS A HD3  9  
ATOM 1778 H HE2  . LYS A 1 12 ? 2.769  -6.893  -0.884 1.00 0.00 ? 12 LYS A HE2  9  
ATOM 1779 H HE3  . LYS A 1 12 ? 3.633  -5.382  -1.150 1.00 0.00 ? 12 LYS A HE3  9  
ATOM 1780 H HZ1  . LYS A 1 12 ? 3.579  -5.894  1.184  1.00 0.00 ? 12 LYS A HZ1  9  
ATOM 1781 H HZ2  . LYS A 1 12 ? 1.892  -6.016  1.169  1.00 0.00 ? 12 LYS A HZ2  9  
ATOM 1782 H HZ3  . LYS A 1 12 ? 2.635  -4.520  0.898  1.00 0.00 ? 12 LYS A HZ3  9  
ATOM 1783 N N    . MET A 1 1  ? 0.173  -6.635  3.919  1.00 0.00 ? 1  MET A N    10 
ATOM 1784 C CA   . MET A 1 1  ? 0.340  -6.319  2.476  1.00 0.00 ? 1  MET A CA   10 
ATOM 1785 C C    . MET A 1 1  ? 0.571  -4.827  2.273  1.00 0.00 ? 1  MET A C    10 
ATOM 1786 O O    . MET A 1 1  ? 1.582  -4.416  1.702  1.00 0.00 ? 1  MET A O    10 
ATOM 1787 C CB   . MET A 1 1  ? -0.900 -6.756  1.691  1.00 0.00 ? 1  MET A CB   10 
ATOM 1788 C CG   . MET A 1 1  ? -1.277 -8.210  1.903  1.00 0.00 ? 1  MET A CG   10 
ATOM 1789 S SD   . MET A 1 1  ? -2.607 -8.752  0.813  1.00 0.00 ? 1  MET A SD   10 
ATOM 1790 C CE   . MET A 1 1  ? -2.845 -10.437 1.376  1.00 0.00 ? 1  MET A CE   10 
ATOM 1791 H H1   . MET A 1 1  ? 1.043  -6.403  4.438  1.00 0.00 ? 1  MET A H1   10 
ATOM 1792 H H2   . MET A 1 1  ? -0.032 -7.648  4.043  1.00 0.00 ? 1  MET A H2   10 
ATOM 1793 H H3   . MET A 1 1  ? -0.613 -6.083  4.317  1.00 0.00 ? 1  MET A H3   10 
ATOM 1794 H HA   . MET A 1 1  ? 1.201  -6.859  2.106  1.00 0.00 ? 1  MET A HA   10 
ATOM 1795 H HB2  . MET A 1 1  ? -1.735 -6.145  1.997  1.00 0.00 ? 1  MET A HB2  10 
ATOM 1796 H HB3  . MET A 1 1  ? -0.718 -6.601  0.637  1.00 0.00 ? 1  MET A HB3  10 
ATOM 1797 H HG2  . MET A 1 1  ? -0.407 -8.825  1.718  1.00 0.00 ? 1  MET A HG2  10 
ATOM 1798 H HG3  . MET A 1 1  ? -1.595 -8.336  2.926  1.00 0.00 ? 1  MET A HG3  10 
ATOM 1799 H HE1  . MET A 1 1  ? -3.616 -10.909 0.785  1.00 0.00 ? 1  MET A HE1  10 
ATOM 1800 H HE2  . MET A 1 1  ? -3.137 -10.432 2.414  1.00 0.00 ? 1  MET A HE2  10 
ATOM 1801 H HE3  . MET A 1 1  ? -1.920 -10.987 1.265  1.00 0.00 ? 1  MET A HE3  10 
ATOM 1802 N N    . ASP A 1 2  ? -0.376 -4.022  2.743  1.00 0.00 ? 2  ASP A N    10 
ATOM 1803 C CA   . ASP A 1 2  ? -0.286 -2.572  2.614  1.00 0.00 ? 2  ASP A CA   10 
ATOM 1804 C C    . ASP A 1 2  ? -0.164 -2.168  1.150  1.00 0.00 ? 2  ASP A C    10 
ATOM 1805 O O    . ASP A 1 2  ? 0.886  -1.709  0.699  1.00 0.00 ? 2  ASP A O    10 
ATOM 1806 C CB   . ASP A 1 2  ? 0.901  -2.035  3.417  1.00 0.00 ? 2  ASP A CB   10 
ATOM 1807 C CG   . ASP A 1 2  ? 0.769  -2.311  4.902  1.00 0.00 ? 2  ASP A CG   10 
ATOM 1808 O OD1  . ASP A 1 2  ? 1.220  -3.385  5.349  1.00 0.00 ? 2  ASP A OD1  10 
ATOM 1809 O OD2  . ASP A 1 2  ? 0.214  -1.452  5.619  1.00 0.00 ? 2  ASP A OD2  10 
ATOM 1810 H H    . ASP A 1 2  ? -1.156 -4.412  3.188  1.00 0.00 ? 2  ASP A H    10 
ATOM 1811 H HA   . ASP A 1 2  ? -1.199 -2.153  3.012  1.00 0.00 ? 2  ASP A HA   10 
ATOM 1812 H HB2  . ASP A 1 2  ? 1.808  -2.501  3.063  1.00 0.00 ? 2  ASP A HB2  10 
ATOM 1813 H HB3  . ASP A 1 2  ? 0.972  -0.967  3.273  1.00 0.00 ? 2  ASP A HB3  10 
ATOM 1814 N N    . VAL A 1 3  ? -1.254 -2.350  0.417  1.00 0.00 ? 3  VAL A N    10 
ATOM 1815 C CA   . VAL A 1 3  ? -1.305 -2.017  -1.000 1.00 0.00 ? 3  VAL A CA   10 
ATOM 1816 C C    . VAL A 1 3  ? -2.718 -1.583  -1.382 1.00 0.00 ? 3  VAL A C    10 
ATOM 1817 O O    . VAL A 1 3  ? -2.935 -0.953  -2.417 1.00 0.00 ? 3  VAL A O    10 
ATOM 1818 C CB   . VAL A 1 3  ? -0.863 -3.221  -1.861 1.00 0.00 ? 3  VAL A CB   10 
ATOM 1819 C CG1  . VAL A 1 3  ? -1.521 -4.502  -1.370 1.00 0.00 ? 3  VAL A CG1  10 
ATOM 1820 C CG2  . VAL A 1 3  ? -1.165 -2.992  -3.336 1.00 0.00 ? 3  VAL A CG2  10 
ATOM 1821 H H    . VAL A 1 3  ? -2.054 -2.723  0.844  1.00 0.00 ? 3  VAL A H    10 
ATOM 1822 H HA   . VAL A 1 3  ? -0.623 -1.198  -1.178 1.00 0.00 ? 3  VAL A HA   10 
ATOM 1823 H HB   . VAL A 1 3  ? 0.206  -3.334  -1.752 1.00 0.00 ? 3  VAL A HB   10 
ATOM 1824 H HG11 . VAL A 1 3  ? -2.571 -4.323  -1.193 1.00 0.00 ? 3  VAL A HG11 10 
ATOM 1825 H HG12 . VAL A 1 3  ? -1.046 -4.819  -0.450 1.00 0.00 ? 3  VAL A HG12 10 
ATOM 1826 H HG13 . VAL A 1 3  ? -1.408 -5.272  -2.117 1.00 0.00 ? 3  VAL A HG13 10 
ATOM 1827 H HG21 . VAL A 1 3  ? -0.809 -3.832  -3.911 1.00 0.00 ? 3  VAL A HG21 10 
ATOM 1828 H HG22 . VAL A 1 3  ? -0.669 -2.092  -3.669 1.00 0.00 ? 3  VAL A HG22 10 
ATOM 1829 H HG23 . VAL A 1 3  ? -2.232 -2.887  -3.474 1.00 0.00 ? 3  VAL A HG23 10 
ATOM 1830 N N    . PHE A 1 4  ? -3.667 -1.920  -0.517 1.00 0.00 ? 4  PHE A N    10 
ATOM 1831 C CA   . PHE A 1 4  ? -5.070 -1.572  -0.733 1.00 0.00 ? 4  PHE A CA   10 
ATOM 1832 C C    . PHE A 1 4  ? -5.220 -0.063  -0.876 1.00 0.00 ? 4  PHE A C    10 
ATOM 1833 O O    . PHE A 1 4  ? -5.680 0.434   -1.904 1.00 0.00 ? 4  PHE A O    10 
ATOM 1834 C CB   . PHE A 1 4  ? -5.940 -2.064  0.433  1.00 0.00 ? 4  PHE A CB   10 
ATOM 1835 C CG   . PHE A 1 4  ? -5.305 -3.154  1.252  1.00 0.00 ? 4  PHE A CG   10 
ATOM 1836 C CD1  . PHE A 1 4  ? -4.383 -2.845  2.242  1.00 0.00 ? 4  PHE A CD1  10 
ATOM 1837 C CD2  . PHE A 1 4  ? -5.625 -4.484  1.033  1.00 0.00 ? 4  PHE A CD2  10 
ATOM 1838 C CE1  . PHE A 1 4  ? -3.794 -3.840  2.994  1.00 0.00 ? 4  PHE A CE1  10 
ATOM 1839 C CE2  . PHE A 1 4  ? -5.038 -5.486  1.784  1.00 0.00 ? 4  PHE A CE2  10 
ATOM 1840 C CZ   . PHE A 1 4  ? -4.121 -5.164  2.765  1.00 0.00 ? 4  PHE A CZ   10 
ATOM 1841 H H    . PHE A 1 4  ? -3.414 -2.410  0.290  1.00 0.00 ? 4  PHE A H    10 
ATOM 1842 H HA   . PHE A 1 4  ? -5.397 -2.047  -1.646 1.00 0.00 ? 4  PHE A HA   10 
ATOM 1843 H HB2  . PHE A 1 4  ? -6.145 -1.234  1.093  1.00 0.00 ? 4  PHE A HB2  10 
ATOM 1844 H HB3  . PHE A 1 4  ? -6.871 -2.444  0.041  1.00 0.00 ? 4  PHE A HB3  10 
ATOM 1845 H HD1  . PHE A 1 4  ? -4.125 -1.810  2.424  1.00 0.00 ? 4  PHE A HD1  10 
ATOM 1846 H HD2  . PHE A 1 4  ? -6.342 -4.737  0.265  1.00 0.00 ? 4  PHE A HD2  10 
ATOM 1847 H HE1  . PHE A 1 4  ? -3.075 -3.583  3.756  1.00 0.00 ? 4  PHE A HE1  10 
ATOM 1848 H HE2  . PHE A 1 4  ? -5.297 -6.519  1.603  1.00 0.00 ? 4  PHE A HE2  10 
ATOM 1849 H HZ   . PHE A 1 4  ? -3.660 -5.943  3.353  1.00 0.00 ? 4  PHE A HZ   10 
ATOM 1850 N N    . MET A 1 5  ? -4.822 0.656   0.168  1.00 0.00 ? 5  MET A N    10 
ATOM 1851 C CA   . MET A 1 5  ? -4.892 2.110   0.174  1.00 0.00 ? 5  MET A CA   10 
ATOM 1852 C C    . MET A 1 5  ? -3.943 2.696   -0.865 1.00 0.00 ? 5  MET A C    10 
ATOM 1853 O O    . MET A 1 5  ? -2.868 2.149   -1.118 1.00 0.00 ? 5  MET A O    10 
ATOM 1854 C CB   . MET A 1 5  ? -4.546 2.646   1.564  1.00 0.00 ? 5  MET A CB   10 
ATOM 1855 C CG   . MET A 1 5  ? -5.719 2.636   2.531  1.00 0.00 ? 5  MET A CG   10 
ATOM 1856 S SD   . MET A 1 5  ? -7.106 3.634   1.954  1.00 0.00 ? 5  MET A SD   10 
ATOM 1857 C CE   . MET A 1 5  ? -6.329 5.242   1.803  1.00 0.00 ? 5  MET A CE   10 
ATOM 1858 H H    . MET A 1 5  ? -4.472 0.194   0.958  1.00 0.00 ? 5  MET A H    10 
ATOM 1859 H HA   . MET A 1 5  ? -5.903 2.398   -0.074 1.00 0.00 ? 5  MET A HA   10 
ATOM 1860 H HB2  . MET A 1 5  ? -3.760 2.034   1.985  1.00 0.00 ? 5  MET A HB2  10 
ATOM 1861 H HB3  . MET A 1 5  ? -4.191 3.660   1.471  1.00 0.00 ? 5  MET A HB3  10 
ATOM 1862 H HG2  . MET A 1 5  ? -6.056 1.618   2.657  1.00 0.00 ? 5  MET A HG2  10 
ATOM 1863 H HG3  . MET A 1 5  ? -5.386 3.023   3.483  1.00 0.00 ? 5  MET A HG3  10 
ATOM 1864 H HE1  . MET A 1 5  ? -7.050 5.958   1.439  1.00 0.00 ? 5  MET A HE1  10 
ATOM 1865 H HE2  . MET A 1 5  ? -5.503 5.180   1.107  1.00 0.00 ? 5  MET A HE2  10 
ATOM 1866 H HE3  . MET A 1 5  ? -5.960 5.557   2.768  1.00 0.00 ? 5  MET A HE3  10 
ATOM 1867 N N    . LYS A 1 6  ? -4.346 3.813   -1.464 1.00 0.00 ? 6  LYS A N    10 
ATOM 1868 C CA   . LYS A 1 6  ? -3.532 4.472   -2.480 1.00 0.00 ? 6  LYS A CA   10 
ATOM 1869 C C    . LYS A 1 6  ? -2.325 5.163   -1.860 1.00 0.00 ? 6  LYS A C    10 
ATOM 1870 O O    . LYS A 1 6  ? -1.483 5.718   -2.569 1.00 0.00 ? 6  LYS A O    10 
ATOM 1871 C CB   . LYS A 1 6  ? -4.374 5.490   -3.253 1.00 0.00 ? 6  LYS A CB   10 
ATOM 1872 C CG   . LYS A 1 6  ? -5.606 4.890   -3.917 1.00 0.00 ? 6  LYS A CG   10 
ATOM 1873 C CD   . LYS A 1 6  ? -5.238 3.811   -4.928 1.00 0.00 ? 6  LYS A CD   10 
ATOM 1874 C CE   . LYS A 1 6  ? -4.396 4.368   -6.068 1.00 0.00 ? 6  LYS A CE   10 
ATOM 1875 N NZ   . LYS A 1 6  ? -5.068 5.505   -6.752 1.00 0.00 ? 6  LYS A NZ   10 
ATOM 1876 H H    . LYS A 1 6  ? -5.207 4.204   -1.214 1.00 0.00 ? 6  LYS A H    10 
ATOM 1877 H HA   . LYS A 1 6  ? -3.185 3.713   -3.167 1.00 0.00 ? 6  LYS A HA   10 
ATOM 1878 H HB2  . LYS A 1 6  ? -4.700 6.262   -2.572 1.00 0.00 ? 6  LYS A HB2  10 
ATOM 1879 H HB3  . LYS A 1 6  ? -3.760 5.938   -4.022 1.00 0.00 ? 6  LYS A HB3  10 
ATOM 1880 H HG2  . LYS A 1 6  ? -6.234 4.453   -3.155 1.00 0.00 ? 6  LYS A HG2  10 
ATOM 1881 H HG3  . LYS A 1 6  ? -6.146 5.674   -4.424 1.00 0.00 ? 6  LYS A HG3  10 
ATOM 1882 H HD2  . LYS A 1 6  ? -4.676 3.037   -4.425 1.00 0.00 ? 6  LYS A HD2  10 
ATOM 1883 H HD3  . LYS A 1 6  ? -6.147 3.391   -5.333 1.00 0.00 ? 6  LYS A HD3  10 
ATOM 1884 H HE2  . LYS A 1 6  ? -3.452 4.705   -5.670 1.00 0.00 ? 6  LYS A HE2  10 
ATOM 1885 H HE3  . LYS A 1 6  ? -4.222 3.579   -6.786 1.00 0.00 ? 6  LYS A HE3  10 
ATOM 1886 H HZ1  . LYS A 1 6  ? -5.985 5.200   -7.139 1.00 0.00 ? 6  LYS A HZ1  10 
ATOM 1887 H HZ2  . LYS A 1 6  ? -4.476 5.857   -7.529 1.00 0.00 ? 6  LYS A HZ2  10 
ATOM 1888 H HZ3  . LYS A 1 6  ? -5.232 6.282   -6.077 1.00 0.00 ? 6  LYS A HZ3  10 
ATOM 1889 N N    . GLY A 1 7  ? -2.242 5.131   -0.533 1.00 0.00 ? 7  GLY A N    10 
ATOM 1890 C CA   . GLY A 1 7  ? -1.132 5.762   0.155  1.00 0.00 ? 7  GLY A CA   10 
ATOM 1891 C C    . GLY A 1 7  ? -1.000 5.308   1.596  1.00 0.00 ? 7  GLY A C    10 
ATOM 1892 O O    . GLY A 1 7  ? -1.712 5.793   2.475  1.00 0.00 ? 7  GLY A O    10 
ATOM 1893 H H    . GLY A 1 7  ? -2.942 4.676   -0.019 1.00 0.00 ? 7  GLY A H    10 
ATOM 1894 H HA2  . GLY A 1 7  ? -0.219 5.525   -0.368 1.00 0.00 ? 7  GLY A HA2  10 
ATOM 1895 H HA3  . GLY A 1 7  ? -1.275 6.832   0.139  1.00 0.00 ? 7  GLY A HA3  10 
ATOM 1896 N N    . LEU A 1 8  ? -0.085 4.371   1.839  1.00 0.00 ? 8  LEU A N    10 
ATOM 1897 C CA   . LEU A 1 8  ? 0.141  3.855   3.182  1.00 0.00 ? 8  LEU A CA   10 
ATOM 1898 C C    . LEU A 1 8  ? 1.521  3.206   3.291  1.00 0.00 ? 8  LEU A C    10 
ATOM 1899 O O    . LEU A 1 8  ? 2.176  3.292   4.329  1.00 0.00 ? 8  LEU A O    10 
ATOM 1900 C CB   . LEU A 1 8  ? -0.951 2.847   3.566  1.00 0.00 ? 8  LEU A CB   10 
ATOM 1901 C CG   . LEU A 1 8  ? -0.849 1.470   2.900  1.00 0.00 ? 8  LEU A CG   10 
ATOM 1902 C CD1  . LEU A 1 8  ? -1.915 0.532   3.451  1.00 0.00 ? 8  LEU A CD1  10 
ATOM 1903 C CD2  . LEU A 1 8  ? -0.976 1.589   1.388  1.00 0.00 ? 8  LEU A CD2  10 
ATOM 1904 H H    . LEU A 1 8  ? 0.447  4.019   1.094  1.00 0.00 ? 8  LEU A H    10 
ATOM 1905 H HA   . LEU A 1 8  ? 0.100  4.690   3.866  1.00 0.00 ? 8  LEU A HA   10 
ATOM 1906 H HB2  . LEU A 1 8  ? -0.918 2.707   4.636  1.00 0.00 ? 8  LEU A HB2  10 
ATOM 1907 H HB3  . LEU A 1 8  ? -1.909 3.275   3.307  1.00 0.00 ? 8  LEU A HB3  10 
ATOM 1908 H HG   . LEU A 1 8  ? 0.118  1.041   3.123  1.00 0.00 ? 8  LEU A HG   10 
ATOM 1909 H HD11 . LEU A 1 8  ? -1.760 -0.459  3.053  1.00 0.00 ? 8  LEU A HD11 10 
ATOM 1910 H HD12 . LEU A 1 8  ? -2.893 0.886   3.161  1.00 0.00 ? 8  LEU A HD12 10 
ATOM 1911 H HD13 . LEU A 1 8  ? -1.846 0.502   4.528  1.00 0.00 ? 8  LEU A HD13 10 
ATOM 1912 H HD21 . LEU A 1 8  ? -1.000 0.602   0.950  1.00 0.00 ? 8  LEU A HD21 10 
ATOM 1913 H HD22 . LEU A 1 8  ? -0.130 2.136   0.998  1.00 0.00 ? 8  LEU A HD22 10 
ATOM 1914 H HD23 . LEU A 1 8  ? -1.885 2.116   1.143  1.00 0.00 ? 8  LEU A HD23 10 
ATOM 1915 N N    . SER A 1 9  ? 1.954  2.561   2.211  1.00 0.00 ? 9  SER A N    10 
ATOM 1916 C CA   . SER A 1 9  ? 3.252  1.896   2.180  1.00 0.00 ? 9  SER A CA   10 
ATOM 1917 C C    . SER A 1 9  ? 3.701  1.653   0.743  1.00 0.00 ? 9  SER A C    10 
ATOM 1918 O O    . SER A 1 9  ? 4.835  1.960   0.376  1.00 0.00 ? 9  SER A O    10 
ATOM 1919 C CB   . SER A 1 9  ? 3.188  0.565   2.931  1.00 0.00 ? 9  SER A CB   10 
ATOM 1920 O OG   . SER A 1 9  ? 2.875  0.761   4.300  1.00 0.00 ? 9  SER A OG   10 
ATOM 1921 H H    . SER A 1 9  ? 1.385  2.535   1.413  1.00 0.00 ? 9  SER A H    10 
ATOM 1922 H HA   . SER A 1 9  ? 3.970  2.541   2.666  1.00 0.00 ? 9  SER A HA   10 
ATOM 1923 H HB2  . SER A 1 9  ? 2.427  -0.060  2.488  1.00 0.00 ? 9  SER A HB2  10 
ATOM 1924 H HB3  . SER A 1 9  ? 4.146  0.069   2.859  1.00 0.00 ? 9  SER A HB3  10 
ATOM 1925 H HG   . SER A 1 9  ? 1.957  1.027   4.384  1.00 0.00 ? 9  SER A HG   10 
ATOM 1926 N N    . LYS A 1 10 ? 2.798  1.103   -0.065 1.00 0.00 ? 10 LYS A N    10 
ATOM 1927 C CA   . LYS A 1 10 ? 3.089  0.812   -1.463 1.00 0.00 ? 10 LYS A CA   10 
ATOM 1928 C C    . LYS A 1 10 ? 4.372  -0.003  -1.602 1.00 0.00 ? 10 LYS A C    10 
ATOM 1929 O O    . LYS A 1 10 ? 5.389  0.498   -2.085 1.00 0.00 ? 10 LYS A O    10 
ATOM 1930 C CB   . LYS A 1 10 ? 3.193  2.113   -2.266 1.00 0.00 ? 10 LYS A CB   10 
ATOM 1931 C CG   . LYS A 1 10 ? 2.081  3.112   -1.970 1.00 0.00 ? 10 LYS A CG   10 
ATOM 1932 C CD   . LYS A 1 10 ? 0.710  2.454   -1.919 1.00 0.00 ? 10 LYS A CD   10 
ATOM 1933 C CE   . LYS A 1 10 ? 0.398  1.680   -3.188 1.00 0.00 ? 10 LYS A CE   10 
ATOM 1934 N NZ   . LYS A 1 10 ? -1.009 1.197   -3.216 1.00 0.00 ? 10 LYS A NZ   10 
ATOM 1935 H H    . LYS A 1 10 ? 1.909  0.890   0.285  1.00 0.00 ? 10 LYS A H    10 
ATOM 1936 H HA   . LYS A 1 10 ? 2.266  0.231   -1.852 1.00 0.00 ? 10 LYS A HA   10 
ATOM 1937 H HB2  . LYS A 1 10 ? 4.140  2.583   -2.042 1.00 0.00 ? 10 LYS A HB2  10 
ATOM 1938 H HB3  . LYS A 1 10 ? 3.161  1.874   -3.320 1.00 0.00 ? 10 LYS A HB3  10 
ATOM 1939 H HG2  . LYS A 1 10 ? 2.276  3.577   -1.016 1.00 0.00 ? 10 LYS A HG2  10 
ATOM 1940 H HG3  . LYS A 1 10 ? 2.072  3.867   -2.740 1.00 0.00 ? 10 LYS A HG3  10 
ATOM 1941 H HD2  . LYS A 1 10 ? 0.681  1.772   -1.082 1.00 0.00 ? 10 LYS A HD2  10 
ATOM 1942 H HD3  . LYS A 1 10 ? -0.034 3.223   -1.785 1.00 0.00 ? 10 LYS A HD3  10 
ATOM 1943 H HE2  . LYS A 1 10 ? 0.568  2.323   -4.039 1.00 0.00 ? 10 LYS A HE2  10 
ATOM 1944 H HE3  . LYS A 1 10 ? 1.063  0.830   -3.239 1.00 0.00 ? 10 LYS A HE3  10 
ATOM 1945 H HZ1  . LYS A 1 10 ? -1.192 0.681   -4.100 1.00 0.00 ? 10 LYS A HZ1  10 
ATOM 1946 H HZ2  . LYS A 1 10 ? -1.664 2.003   -3.154 1.00 0.00 ? 10 LYS A HZ2  10 
ATOM 1947 H HZ3  . LYS A 1 10 ? -1.184 0.561   -2.413 1.00 0.00 ? 10 LYS A HZ3  10 
ATOM 1948 N N    . ALA A 1 11 ? 4.318  -1.259  -1.171 1.00 0.00 ? 11 ALA A N    10 
ATOM 1949 C CA   . ALA A 1 11 ? 5.472  -2.146  -1.248 1.00 0.00 ? 11 ALA A CA   10 
ATOM 1950 C C    . ALA A 1 11 ? 5.307  -3.159  -2.375 1.00 0.00 ? 11 ALA A C    10 
ATOM 1951 O O    . ALA A 1 11 ? 6.286  -3.716  -2.873 1.00 0.00 ? 11 ALA A O    10 
ATOM 1952 C CB   . ALA A 1 11 ? 5.680  -2.860  0.079  1.00 0.00 ? 11 ALA A CB   10 
ATOM 1953 H H    . ALA A 1 11 ? 3.481  -1.598  -0.789 1.00 0.00 ? 11 ALA A H    10 
ATOM 1954 H HA   . ALA A 1 11 ? 6.345  -1.543  -1.445 1.00 0.00 ? 11 ALA A HA   10 
ATOM 1955 H HB1  . ALA A 1 11 ? 4.822  -3.482  0.292  1.00 0.00 ? 11 ALA A HB1  10 
ATOM 1956 H HB2  . ALA A 1 11 ? 5.798  -2.128  0.865  1.00 0.00 ? 11 ALA A HB2  10 
ATOM 1957 H HB3  . ALA A 1 11 ? 6.566  -3.474  0.026  1.00 0.00 ? 11 ALA A HB3  10 
ATOM 1958 N N    . LYS A 1 12 ? 4.060  -3.393  -2.769 1.00 0.00 ? 12 LYS A N    10 
ATOM 1959 C CA   . LYS A 1 12 ? 3.758  -4.335  -3.841 1.00 0.00 ? 12 LYS A CA   10 
ATOM 1960 C C    . LYS A 1 12 ? 4.379  -3.878  -5.157 1.00 0.00 ? 12 LYS A C    10 
ATOM 1961 O O    . LYS A 1 12 ? 3.734  -3.080  -5.870 1.00 0.00 ? 12 LYS A O    10 
ATOM 1962 C CB   . LYS A 1 12 ? 2.241  -4.484  -4.002 1.00 0.00 ? 12 LYS A CB   10 
ATOM 1963 C CG   . LYS A 1 12 ? 1.619  -5.550  -3.108 1.00 0.00 ? 12 LYS A CG   10 
ATOM 1964 C CD   . LYS A 1 12 ? 1.886  -5.289  -1.635 1.00 0.00 ? 12 LYS A CD   10 
ATOM 1965 C CE   . LYS A 1 12 ? 2.995  -6.188  -1.111 1.00 0.00 ? 12 LYS A CE   10 
ATOM 1966 N NZ   . LYS A 1 12 ? 3.126  -6.112  0.370  1.00 0.00 ? 12 LYS A NZ   10 
ATOM 1967 O OXT  . LYS A 1 12 ? 5.506  -4.320  -5.463 1.00 0.00 ? 12 LYS A OXT  10 
ATOM 1968 H H    . LYS A 1 12 ? 3.324  -2.921  -2.327 1.00 0.00 ? 12 LYS A H    10 
ATOM 1969 H HA   . LYS A 1 12 ? 4.177  -5.291  -3.571 1.00 0.00 ? 12 LYS A HA   10 
ATOM 1970 H HB2  . LYS A 1 12 ? 1.774  -3.538  -3.771 1.00 0.00 ? 12 LYS A HB2  10 
ATOM 1971 H HB3  . LYS A 1 12 ? 2.026  -4.739  -5.029 1.00 0.00 ? 12 LYS A HB3  10 
ATOM 1972 H HG2  . LYS A 1 12 ? 0.551  -5.561  -3.270 1.00 0.00 ? 12 LYS A HG2  10 
ATOM 1973 H HG3  . LYS A 1 12 ? 2.035  -6.511  -3.371 1.00 0.00 ? 12 LYS A HG3  10 
ATOM 1974 H HD2  . LYS A 1 12 ? 2.183  -4.258  -1.508 1.00 0.00 ? 12 LYS A HD2  10 
ATOM 1975 H HD3  . LYS A 1 12 ? 0.981  -5.479  -1.072 1.00 0.00 ? 12 LYS A HD3  10 
ATOM 1976 H HE2  . LYS A 1 12 ? 2.773  -7.206  -1.396 1.00 0.00 ? 12 LYS A HE2  10 
ATOM 1977 H HE3  . LYS A 1 12 ? 3.927  -5.885  -1.563 1.00 0.00 ? 12 LYS A HE3  10 
ATOM 1978 H HZ1  . LYS A 1 12 ? 3.912  -6.712  0.690  1.00 0.00 ? 12 LYS A HZ1  10 
ATOM 1979 H HZ2  . LYS A 1 12 ? 2.248  -6.437  0.823  1.00 0.00 ? 12 LYS A HZ2  10 
ATOM 1980 H HZ3  . LYS A 1 12 ? 3.310  -5.132  0.662  1.00 0.00 ? 12 LYS A HZ3  10 
# 
